data_1UCH
# 
_entry.id   1UCH 
# 
_audit_conform.dict_name       mmcif_pdbx.dic 
_audit_conform.dict_version    5.386 
_audit_conform.dict_location   http://mmcif.pdb.org/dictionaries/ascii/mmcif_pdbx.dic 
# 
loop_
_database_2.database_id 
_database_2.database_code 
_database_2.pdbx_database_accession 
_database_2.pdbx_DOI 
PDB   1UCH         pdb_00001uch 10.2210/pdb1uch/pdb 
WWPDB D_1000176912 ?            ?                   
# 
loop_
_pdbx_audit_revision_history.ordinal 
_pdbx_audit_revision_history.data_content_type 
_pdbx_audit_revision_history.major_revision 
_pdbx_audit_revision_history.minor_revision 
_pdbx_audit_revision_history.revision_date 
1 'Structure model' 1 0 1998-01-28 
2 'Structure model' 1 1 2008-03-24 
3 'Structure model' 1 2 2011-07-13 
4 'Structure model' 1 3 2024-02-14 
# 
_pdbx_audit_revision_details.ordinal             1 
_pdbx_audit_revision_details.revision_ordinal    1 
_pdbx_audit_revision_details.data_content_type   'Structure model' 
_pdbx_audit_revision_details.provider            repository 
_pdbx_audit_revision_details.type                'Initial release' 
_pdbx_audit_revision_details.description         ? 
_pdbx_audit_revision_details.details             ? 
# 
loop_
_pdbx_audit_revision_group.ordinal 
_pdbx_audit_revision_group.revision_ordinal 
_pdbx_audit_revision_group.data_content_type 
_pdbx_audit_revision_group.group 
1 2 'Structure model' 'Version format compliance' 
2 3 'Structure model' 'Version format compliance' 
3 4 'Structure model' 'Data collection'           
4 4 'Structure model' 'Database references'       
5 4 'Structure model' Other                       
# 
loop_
_pdbx_audit_revision_category.ordinal 
_pdbx_audit_revision_category.revision_ordinal 
_pdbx_audit_revision_category.data_content_type 
_pdbx_audit_revision_category.category 
1 4 'Structure model' chem_comp_atom       
2 4 'Structure model' chem_comp_bond       
3 4 'Structure model' database_2           
4 4 'Structure model' pdbx_database_status 
# 
loop_
_pdbx_audit_revision_item.ordinal 
_pdbx_audit_revision_item.revision_ordinal 
_pdbx_audit_revision_item.data_content_type 
_pdbx_audit_revision_item.item 
1 4 'Structure model' '_database_2.pdbx_DOI'                
2 4 'Structure model' '_database_2.pdbx_database_accession' 
3 4 'Structure model' '_pdbx_database_status.process_site'  
# 
_pdbx_database_status.status_code                     REL 
_pdbx_database_status.entry_id                        1UCH 
_pdbx_database_status.recvd_initial_deposition_date   1997-10-06 
_pdbx_database_status.deposit_site                    ? 
_pdbx_database_status.process_site                    BNL 
_pdbx_database_status.status_code_sf                  REL 
_pdbx_database_status.status_code_mr                  ? 
_pdbx_database_status.SG_entry                        ? 
_pdbx_database_status.pdb_format_compatible           Y 
_pdbx_database_status.status_code_cs                  ? 
_pdbx_database_status.status_code_nmr_data            ? 
_pdbx_database_status.methods_development_category    ? 
# 
loop_
_audit_author.name 
_audit_author.pdbx_ordinal 
'Johnston, S.C.'  1 
'Larsen, C.N.'    2 
'Cook, W.J.'      3 
'Wilkinson, K.D.' 4 
'Hill, C.P.'      5 
# 
_citation.id                        primary 
_citation.title                     'Crystal structure of a deubiquitinating enzyme (human UCH-L3) at 1.8 A resolution.' 
_citation.journal_abbrev            'EMBO J.' 
_citation.journal_volume            16 
_citation.page_first                3787 
_citation.page_last                 3796 
_citation.year                      1997 
_citation.journal_id_ASTM           EMJODG 
_citation.country                   UK 
_citation.journal_id_ISSN           0261-4189 
_citation.journal_id_CSD            0897 
_citation.book_publisher            ? 
_citation.pdbx_database_id_PubMed   9233788 
_citation.pdbx_database_id_DOI      10.1093/emboj/16.13.3787 
# 
loop_
_citation_author.citation_id 
_citation_author.name 
_citation_author.ordinal 
_citation_author.identifier_ORCID 
primary 'Johnston, S.C.'  1 ? 
primary 'Larsen, C.N.'    2 ? 
primary 'Cook, W.J.'      3 ? 
primary 'Wilkinson, K.D.' 4 ? 
primary 'Hill, C.P.'      5 ? 
# 
loop_
_entity.id 
_entity.type 
_entity.src_method 
_entity.pdbx_description 
_entity.formula_weight 
_entity.pdbx_number_of_molecules 
_entity.pdbx_ec 
_entity.pdbx_mutation 
_entity.pdbx_fragment 
_entity.details 
1 polymer man 'UBIQUITIN C-TERMINAL HYDROLASE UCH-L3' 26213.576 1   3.1.2.15 ? ? ? 
2 water   nat water                                   18.015    104 ?        ? ? ? 
# 
_entity_name_com.entity_id   1 
_entity_name_com.name        UCH-L3,DUB 
# 
_entity_poly.entity_id                      1 
_entity_poly.type                           'polypeptide(L)' 
_entity_poly.nstd_linkage                   no 
_entity_poly.nstd_monomer                   no 
_entity_poly.pdbx_seq_one_letter_code       
;MEGQRWLPLEANPEVTNQFLKQLGLHPNWQFVDVYGMDPELLSMVPRPVCAVLLLFPITEKYEVFRTEEEEKIKSQGQDV
TSSVYFMKQTISNACGTIGLIHAIANNKDKMHFESGSTLKKFLEESVSMSPEERARYLENYDAIRVTHETSAHEGQTEAP
SIDEKVDLHFIALVHVDGHLYELDGRKPFPINHGETSDETLLEDAIEVCKKFMERDPDELRFNAIALSAA
;
_entity_poly.pdbx_seq_one_letter_code_can   
;MEGQRWLPLEANPEVTNQFLKQLGLHPNWQFVDVYGMDPELLSMVPRPVCAVLLLFPITEKYEVFRTEEEEKIKSQGQDV
TSSVYFMKQTISNACGTIGLIHAIANNKDKMHFESGSTLKKFLEESVSMSPEERARYLENYDAIRVTHETSAHEGQTEAP
SIDEKVDLHFIALVHVDGHLYELDGRKPFPINHGETSDETLLEDAIEVCKKFMERDPDELRFNAIALSAA
;
_entity_poly.pdbx_strand_id                 A 
_entity_poly.pdbx_target_identifier         ? 
# 
_pdbx_entity_nonpoly.entity_id   2 
_pdbx_entity_nonpoly.name        water 
_pdbx_entity_nonpoly.comp_id     HOH 
# 
loop_
_entity_poly_seq.entity_id 
_entity_poly_seq.num 
_entity_poly_seq.mon_id 
_entity_poly_seq.hetero 
1 1   MET n 
1 2   GLU n 
1 3   GLY n 
1 4   GLN n 
1 5   ARG n 
1 6   TRP n 
1 7   LEU n 
1 8   PRO n 
1 9   LEU n 
1 10  GLU n 
1 11  ALA n 
1 12  ASN n 
1 13  PRO n 
1 14  GLU n 
1 15  VAL n 
1 16  THR n 
1 17  ASN n 
1 18  GLN n 
1 19  PHE n 
1 20  LEU n 
1 21  LYS n 
1 22  GLN n 
1 23  LEU n 
1 24  GLY n 
1 25  LEU n 
1 26  HIS n 
1 27  PRO n 
1 28  ASN n 
1 29  TRP n 
1 30  GLN n 
1 31  PHE n 
1 32  VAL n 
1 33  ASP n 
1 34  VAL n 
1 35  TYR n 
1 36  GLY n 
1 37  MET n 
1 38  ASP n 
1 39  PRO n 
1 40  GLU n 
1 41  LEU n 
1 42  LEU n 
1 43  SER n 
1 44  MET n 
1 45  VAL n 
1 46  PRO n 
1 47  ARG n 
1 48  PRO n 
1 49  VAL n 
1 50  CYS n 
1 51  ALA n 
1 52  VAL n 
1 53  LEU n 
1 54  LEU n 
1 55  LEU n 
1 56  PHE n 
1 57  PRO n 
1 58  ILE n 
1 59  THR n 
1 60  GLU n 
1 61  LYS n 
1 62  TYR n 
1 63  GLU n 
1 64  VAL n 
1 65  PHE n 
1 66  ARG n 
1 67  THR n 
1 68  GLU n 
1 69  GLU n 
1 70  GLU n 
1 71  GLU n 
1 72  LYS n 
1 73  ILE n 
1 74  LYS n 
1 75  SER n 
1 76  GLN n 
1 77  GLY n 
1 78  GLN n 
1 79  ASP n 
1 80  VAL n 
1 81  THR n 
1 82  SER n 
1 83  SER n 
1 84  VAL n 
1 85  TYR n 
1 86  PHE n 
1 87  MET n 
1 88  LYS n 
1 89  GLN n 
1 90  THR n 
1 91  ILE n 
1 92  SER n 
1 93  ASN n 
1 94  ALA n 
1 95  CYS n 
1 96  GLY n 
1 97  THR n 
1 98  ILE n 
1 99  GLY n 
1 100 LEU n 
1 101 ILE n 
1 102 HIS n 
1 103 ALA n 
1 104 ILE n 
1 105 ALA n 
1 106 ASN n 
1 107 ASN n 
1 108 LYS n 
1 109 ASP n 
1 110 LYS n 
1 111 MET n 
1 112 HIS n 
1 113 PHE n 
1 114 GLU n 
1 115 SER n 
1 116 GLY n 
1 117 SER n 
1 118 THR n 
1 119 LEU n 
1 120 LYS n 
1 121 LYS n 
1 122 PHE n 
1 123 LEU n 
1 124 GLU n 
1 125 GLU n 
1 126 SER n 
1 127 VAL n 
1 128 SER n 
1 129 MET n 
1 130 SER n 
1 131 PRO n 
1 132 GLU n 
1 133 GLU n 
1 134 ARG n 
1 135 ALA n 
1 136 ARG n 
1 137 TYR n 
1 138 LEU n 
1 139 GLU n 
1 140 ASN n 
1 141 TYR n 
1 142 ASP n 
1 143 ALA n 
1 144 ILE n 
1 145 ARG n 
1 146 VAL n 
1 147 THR n 
1 148 HIS n 
1 149 GLU n 
1 150 THR n 
1 151 SER n 
1 152 ALA n 
1 153 HIS n 
1 154 GLU n 
1 155 GLY n 
1 156 GLN n 
1 157 THR n 
1 158 GLU n 
1 159 ALA n 
1 160 PRO n 
1 161 SER n 
1 162 ILE n 
1 163 ASP n 
1 164 GLU n 
1 165 LYS n 
1 166 VAL n 
1 167 ASP n 
1 168 LEU n 
1 169 HIS n 
1 170 PHE n 
1 171 ILE n 
1 172 ALA n 
1 173 LEU n 
1 174 VAL n 
1 175 HIS n 
1 176 VAL n 
1 177 ASP n 
1 178 GLY n 
1 179 HIS n 
1 180 LEU n 
1 181 TYR n 
1 182 GLU n 
1 183 LEU n 
1 184 ASP n 
1 185 GLY n 
1 186 ARG n 
1 187 LYS n 
1 188 PRO n 
1 189 PHE n 
1 190 PRO n 
1 191 ILE n 
1 192 ASN n 
1 193 HIS n 
1 194 GLY n 
1 195 GLU n 
1 196 THR n 
1 197 SER n 
1 198 ASP n 
1 199 GLU n 
1 200 THR n 
1 201 LEU n 
1 202 LEU n 
1 203 GLU n 
1 204 ASP n 
1 205 ALA n 
1 206 ILE n 
1 207 GLU n 
1 208 VAL n 
1 209 CYS n 
1 210 LYS n 
1 211 LYS n 
1 212 PHE n 
1 213 MET n 
1 214 GLU n 
1 215 ARG n 
1 216 ASP n 
1 217 PRO n 
1 218 ASP n 
1 219 GLU n 
1 220 LEU n 
1 221 ARG n 
1 222 PHE n 
1 223 ASN n 
1 224 ALA n 
1 225 ILE n 
1 226 ALA n 
1 227 LEU n 
1 228 SER n 
1 229 ALA n 
1 230 ALA n 
# 
_entity_src_gen.entity_id                          1 
_entity_src_gen.pdbx_src_id                        1 
_entity_src_gen.pdbx_alt_source_flag               sample 
_entity_src_gen.pdbx_seq_type                      ? 
_entity_src_gen.pdbx_beg_seq_num                   ? 
_entity_src_gen.pdbx_end_seq_num                   ? 
_entity_src_gen.gene_src_common_name               human 
_entity_src_gen.gene_src_genus                     Homo 
_entity_src_gen.pdbx_gene_src_gene                 ? 
_entity_src_gen.gene_src_species                   ? 
_entity_src_gen.gene_src_strain                    ? 
_entity_src_gen.gene_src_tissue                    HEMATOPOETIC 
_entity_src_gen.gene_src_tissue_fraction           ? 
_entity_src_gen.gene_src_details                   ? 
_entity_src_gen.pdbx_gene_src_fragment             ? 
_entity_src_gen.pdbx_gene_src_scientific_name      'Homo sapiens' 
_entity_src_gen.pdbx_gene_src_ncbi_taxonomy_id     9606 
_entity_src_gen.pdbx_gene_src_variant              ? 
_entity_src_gen.pdbx_gene_src_cell_line            'B834 (DE3)' 
_entity_src_gen.pdbx_gene_src_atcc                 ? 
_entity_src_gen.pdbx_gene_src_organ                ? 
_entity_src_gen.pdbx_gene_src_organelle            ? 
_entity_src_gen.pdbx_gene_src_cell                 ? 
_entity_src_gen.pdbx_gene_src_cellular_location    CYTOPLASM 
_entity_src_gen.host_org_common_name               ? 
_entity_src_gen.pdbx_host_org_scientific_name      'Escherichia coli' 
_entity_src_gen.pdbx_host_org_ncbi_taxonomy_id     562 
_entity_src_gen.host_org_genus                     Escherichia 
_entity_src_gen.pdbx_host_org_gene                 ? 
_entity_src_gen.pdbx_host_org_organ                ? 
_entity_src_gen.host_org_species                   ? 
_entity_src_gen.pdbx_host_org_tissue               ? 
_entity_src_gen.pdbx_host_org_tissue_fraction      ? 
_entity_src_gen.pdbx_host_org_strain               BL21 
_entity_src_gen.pdbx_host_org_variant              'GAL-MET- AUXOTROPH' 
_entity_src_gen.pdbx_host_org_cell_line            'B834 (DE3)' 
_entity_src_gen.pdbx_host_org_atcc                 ? 
_entity_src_gen.pdbx_host_org_culture_collection   ? 
_entity_src_gen.pdbx_host_org_cell                 ? 
_entity_src_gen.pdbx_host_org_organelle            ? 
_entity_src_gen.pdbx_host_org_cellular_location    ? 
_entity_src_gen.pdbx_host_org_vector_type          ? 
_entity_src_gen.pdbx_host_org_vector               ? 
_entity_src_gen.host_org_details                   ? 
_entity_src_gen.expression_system_id               ? 
_entity_src_gen.plasmid_name                       PRSL3 
_entity_src_gen.plasmid_details                    ? 
_entity_src_gen.pdbx_description                   ? 
# 
loop_
_chem_comp.id 
_chem_comp.type 
_chem_comp.mon_nstd_flag 
_chem_comp.name 
_chem_comp.pdbx_synonyms 
_chem_comp.formula 
_chem_comp.formula_weight 
ALA 'L-peptide linking' y ALANINE         ? 'C3 H7 N O2'     89.093  
ARG 'L-peptide linking' y ARGININE        ? 'C6 H15 N4 O2 1' 175.209 
ASN 'L-peptide linking' y ASPARAGINE      ? 'C4 H8 N2 O3'    132.118 
ASP 'L-peptide linking' y 'ASPARTIC ACID' ? 'C4 H7 N O4'     133.103 
CYS 'L-peptide linking' y CYSTEINE        ? 'C3 H7 N O2 S'   121.158 
GLN 'L-peptide linking' y GLUTAMINE       ? 'C5 H10 N2 O3'   146.144 
GLU 'L-peptide linking' y 'GLUTAMIC ACID' ? 'C5 H9 N O4'     147.129 
GLY 'peptide linking'   y GLYCINE         ? 'C2 H5 N O2'     75.067  
HIS 'L-peptide linking' y HISTIDINE       ? 'C6 H10 N3 O2 1' 156.162 
HOH non-polymer         . WATER           ? 'H2 O'           18.015  
ILE 'L-peptide linking' y ISOLEUCINE      ? 'C6 H13 N O2'    131.173 
LEU 'L-peptide linking' y LEUCINE         ? 'C6 H13 N O2'    131.173 
LYS 'L-peptide linking' y LYSINE          ? 'C6 H15 N2 O2 1' 147.195 
MET 'L-peptide linking' y METHIONINE      ? 'C5 H11 N O2 S'  149.211 
PHE 'L-peptide linking' y PHENYLALANINE   ? 'C9 H11 N O2'    165.189 
PRO 'L-peptide linking' y PROLINE         ? 'C5 H9 N O2'     115.130 
SER 'L-peptide linking' y SERINE          ? 'C3 H7 N O3'     105.093 
THR 'L-peptide linking' y THREONINE       ? 'C4 H9 N O3'     119.119 
TRP 'L-peptide linking' y TRYPTOPHAN      ? 'C11 H12 N2 O2'  204.225 
TYR 'L-peptide linking' y TYROSINE        ? 'C9 H11 N O3'    181.189 
VAL 'L-peptide linking' y VALINE          ? 'C5 H11 N O2'    117.146 
# 
loop_
_pdbx_poly_seq_scheme.asym_id 
_pdbx_poly_seq_scheme.entity_id 
_pdbx_poly_seq_scheme.seq_id 
_pdbx_poly_seq_scheme.mon_id 
_pdbx_poly_seq_scheme.ndb_seq_num 
_pdbx_poly_seq_scheme.pdb_seq_num 
_pdbx_poly_seq_scheme.auth_seq_num 
_pdbx_poly_seq_scheme.pdb_mon_id 
_pdbx_poly_seq_scheme.auth_mon_id 
_pdbx_poly_seq_scheme.pdb_strand_id 
_pdbx_poly_seq_scheme.pdb_ins_code 
_pdbx_poly_seq_scheme.hetero 
A 1 1   MET 1   1   ?   ?   ?   A . n 
A 1 2   GLU 2   2   ?   ?   ?   A . n 
A 1 3   GLY 3   3   ?   ?   ?   A . n 
A 1 4   GLN 4   4   ?   ?   ?   A . n 
A 1 5   ARG 5   5   5   ARG ARG A . n 
A 1 6   TRP 6   6   6   TRP TRP A . n 
A 1 7   LEU 7   7   7   LEU LEU A . n 
A 1 8   PRO 8   8   8   PRO PRO A . n 
A 1 9   LEU 9   9   9   LEU LEU A . n 
A 1 10  GLU 10  10  10  GLU GLU A . n 
A 1 11  ALA 11  11  11  ALA ALA A . n 
A 1 12  ASN 12  12  12  ASN ASN A . n 
A 1 13  PRO 13  13  13  PRO PRO A . n 
A 1 14  GLU 14  14  14  GLU GLU A . n 
A 1 15  VAL 15  15  15  VAL VAL A . n 
A 1 16  THR 16  16  16  THR THR A . n 
A 1 17  ASN 17  17  17  ASN ASN A . n 
A 1 18  GLN 18  18  18  GLN GLN A . n 
A 1 19  PHE 19  19  19  PHE PHE A . n 
A 1 20  LEU 20  20  20  LEU LEU A . n 
A 1 21  LYS 21  21  21  LYS LYS A . n 
A 1 22  GLN 22  22  22  GLN GLN A . n 
A 1 23  LEU 23  23  23  LEU LEU A . n 
A 1 24  GLY 24  24  24  GLY GLY A . n 
A 1 25  LEU 25  25  25  LEU LEU A . n 
A 1 26  HIS 26  26  26  HIS HIS A . n 
A 1 27  PRO 27  27  27  PRO PRO A . n 
A 1 28  ASN 28  28  28  ASN ASN A . n 
A 1 29  TRP 29  29  29  TRP TRP A . n 
A 1 30  GLN 30  30  30  GLN GLN A . n 
A 1 31  PHE 31  31  31  PHE PHE A . n 
A 1 32  VAL 32  32  32  VAL VAL A . n 
A 1 33  ASP 33  33  33  ASP ASP A . n 
A 1 34  VAL 34  34  34  VAL VAL A . n 
A 1 35  TYR 35  35  35  TYR TYR A . n 
A 1 36  GLY 36  36  36  GLY GLY A . n 
A 1 37  MET 37  37  37  MET MET A . n 
A 1 38  ASP 38  38  38  ASP ASP A . n 
A 1 39  PRO 39  39  39  PRO PRO A . n 
A 1 40  GLU 40  40  40  GLU GLU A . n 
A 1 41  LEU 41  41  41  LEU LEU A . n 
A 1 42  LEU 42  42  42  LEU LEU A . n 
A 1 43  SER 43  43  43  SER SER A . n 
A 1 44  MET 44  44  44  MET MET A . n 
A 1 45  VAL 45  45  45  VAL VAL A . n 
A 1 46  PRO 46  46  46  PRO PRO A . n 
A 1 47  ARG 47  47  47  ARG ARG A . n 
A 1 48  PRO 48  48  48  PRO PRO A . n 
A 1 49  VAL 49  49  49  VAL VAL A . n 
A 1 50  CYS 50  50  50  CYS CYS A . n 
A 1 51  ALA 51  51  51  ALA ALA A . n 
A 1 52  VAL 52  52  52  VAL VAL A . n 
A 1 53  LEU 53  53  53  LEU LEU A . n 
A 1 54  LEU 54  54  54  LEU LEU A . n 
A 1 55  LEU 55  55  55  LEU LEU A . n 
A 1 56  PHE 56  56  56  PHE PHE A . n 
A 1 57  PRO 57  57  57  PRO PRO A . n 
A 1 58  ILE 58  58  58  ILE ILE A . n 
A 1 59  THR 59  59  59  THR THR A . n 
A 1 60  GLU 60  60  60  GLU GLU A . n 
A 1 61  LYS 61  61  61  LYS LYS A . n 
A 1 62  TYR 62  62  62  TYR TYR A . n 
A 1 63  GLU 63  63  63  GLU GLU A . n 
A 1 64  VAL 64  64  64  VAL VAL A . n 
A 1 65  PHE 65  65  65  PHE PHE A . n 
A 1 66  ARG 66  66  66  ARG ARG A . n 
A 1 67  THR 67  67  67  THR THR A . n 
A 1 68  GLU 68  68  68  GLU GLU A . n 
A 1 69  GLU 69  69  69  GLU GLU A . n 
A 1 70  GLU 70  70  70  GLU GLU A . n 
A 1 71  GLU 71  71  71  GLU GLU A . n 
A 1 72  LYS 72  72  72  LYS LYS A . n 
A 1 73  ILE 73  73  73  ILE ILE A . n 
A 1 74  LYS 74  74  74  LYS LYS A . n 
A 1 75  SER 75  75  75  SER SER A . n 
A 1 76  GLN 76  76  76  GLN GLN A . n 
A 1 77  GLY 77  77  77  GLY GLY A . n 
A 1 78  GLN 78  78  78  GLN GLN A . n 
A 1 79  ASP 79  79  79  ASP ASP A . n 
A 1 80  VAL 80  80  80  VAL VAL A . n 
A 1 81  THR 81  81  81  THR THR A . n 
A 1 82  SER 82  82  82  SER SER A . n 
A 1 83  SER 83  83  83  SER SER A . n 
A 1 84  VAL 84  84  84  VAL VAL A . n 
A 1 85  TYR 85  85  85  TYR TYR A . n 
A 1 86  PHE 86  86  86  PHE PHE A . n 
A 1 87  MET 87  87  87  MET MET A . n 
A 1 88  LYS 88  88  88  LYS LYS A . n 
A 1 89  GLN 89  89  89  GLN GLN A . n 
A 1 90  THR 90  90  90  THR THR A . n 
A 1 91  ILE 91  91  91  ILE ILE A . n 
A 1 92  SER 92  92  92  SER SER A . n 
A 1 93  ASN 93  93  93  ASN ASN A . n 
A 1 94  ALA 94  94  94  ALA ALA A . n 
A 1 95  CYS 95  95  95  CYS CYS A . n 
A 1 96  GLY 96  96  96  GLY GLY A . n 
A 1 97  THR 97  97  97  THR THR A . n 
A 1 98  ILE 98  98  98  ILE ILE A . n 
A 1 99  GLY 99  99  99  GLY GLY A . n 
A 1 100 LEU 100 100 100 LEU LEU A . n 
A 1 101 ILE 101 101 101 ILE ILE A . n 
A 1 102 HIS 102 102 102 HIS HIS A . n 
A 1 103 ALA 103 103 103 ALA ALA A . n 
A 1 104 ILE 104 104 104 ILE ILE A . n 
A 1 105 ALA 105 105 105 ALA ALA A . n 
A 1 106 ASN 106 106 106 ASN ASN A . n 
A 1 107 ASN 107 107 107 ASN ASN A . n 
A 1 108 LYS 108 108 108 LYS LYS A . n 
A 1 109 ASP 109 109 109 ASP ASP A . n 
A 1 110 LYS 110 110 110 LYS LYS A . n 
A 1 111 MET 111 111 111 MET MET A . n 
A 1 112 HIS 112 112 112 HIS HIS A . n 
A 1 113 PHE 113 113 113 PHE PHE A . n 
A 1 114 GLU 114 114 114 GLU GLU A . n 
A 1 115 SER 115 115 115 SER SER A . n 
A 1 116 GLY 116 116 116 GLY GLY A . n 
A 1 117 SER 117 117 117 SER SER A . n 
A 1 118 THR 118 118 118 THR THR A . n 
A 1 119 LEU 119 119 119 LEU LEU A . n 
A 1 120 LYS 120 120 120 LYS LYS A . n 
A 1 121 LYS 121 121 121 LYS LYS A . n 
A 1 122 PHE 122 122 122 PHE PHE A . n 
A 1 123 LEU 123 123 123 LEU LEU A . n 
A 1 124 GLU 124 124 124 GLU GLU A . n 
A 1 125 GLU 125 125 125 GLU GLU A . n 
A 1 126 SER 126 126 126 SER SER A . n 
A 1 127 VAL 127 127 127 VAL VAL A . n 
A 1 128 SER 128 128 128 SER SER A . n 
A 1 129 MET 129 129 129 MET MET A . n 
A 1 130 SER 130 130 130 SER SER A . n 
A 1 131 PRO 131 131 131 PRO PRO A . n 
A 1 132 GLU 132 132 132 GLU GLU A . n 
A 1 133 GLU 133 133 133 GLU GLU A . n 
A 1 134 ARG 134 134 134 ARG ARG A . n 
A 1 135 ALA 135 135 135 ALA ALA A . n 
A 1 136 ARG 136 136 136 ARG ARG A . n 
A 1 137 TYR 137 137 137 TYR TYR A . n 
A 1 138 LEU 138 138 138 LEU LEU A . n 
A 1 139 GLU 139 139 139 GLU GLU A . n 
A 1 140 ASN 140 140 140 ASN ASN A . n 
A 1 141 TYR 141 141 141 TYR TYR A . n 
A 1 142 ASP 142 142 142 ASP ASP A . n 
A 1 143 ALA 143 143 143 ALA ALA A . n 
A 1 144 ILE 144 144 144 ILE ILE A . n 
A 1 145 ARG 145 145 145 ARG ARG A . n 
A 1 146 VAL 146 146 146 VAL VAL A . n 
A 1 147 THR 147 147 ?   ?   ?   A . n 
A 1 148 HIS 148 148 ?   ?   ?   A . n 
A 1 149 GLU 149 149 ?   ?   ?   A . n 
A 1 150 THR 150 150 ?   ?   ?   A . n 
A 1 151 SER 151 151 ?   ?   ?   A . n 
A 1 152 ALA 152 152 ?   ?   ?   A . n 
A 1 153 HIS 153 153 ?   ?   ?   A . n 
A 1 154 GLU 154 154 ?   ?   ?   A . n 
A 1 155 GLY 155 155 ?   ?   ?   A . n 
A 1 156 GLN 156 156 ?   ?   ?   A . n 
A 1 157 THR 157 157 ?   ?   ?   A . n 
A 1 158 GLU 158 158 ?   ?   ?   A . n 
A 1 159 ALA 159 159 ?   ?   ?   A . n 
A 1 160 PRO 160 160 ?   ?   ?   A . n 
A 1 161 SER 161 161 ?   ?   ?   A . n 
A 1 162 ILE 162 162 ?   ?   ?   A . n 
A 1 163 ASP 163 163 ?   ?   ?   A . n 
A 1 164 GLU 164 164 ?   ?   ?   A . n 
A 1 165 LYS 165 165 ?   ?   ?   A . n 
A 1 166 VAL 166 166 ?   ?   ?   A . n 
A 1 167 ASP 167 167 167 ASP ASP A . n 
A 1 168 LEU 168 168 168 LEU LEU A . n 
A 1 169 HIS 169 169 169 HIS HIS A . n 
A 1 170 PHE 170 170 170 PHE PHE A . n 
A 1 171 ILE 171 171 171 ILE ILE A . n 
A 1 172 ALA 172 172 172 ALA ALA A . n 
A 1 173 LEU 173 173 173 LEU LEU A . n 
A 1 174 VAL 174 174 174 VAL VAL A . n 
A 1 175 HIS 175 175 175 HIS HIS A . n 
A 1 176 VAL 176 176 176 VAL VAL A . n 
A 1 177 ASP 177 177 177 ASP ASP A . n 
A 1 178 GLY 178 178 178 GLY GLY A . n 
A 1 179 HIS 179 179 179 HIS HIS A . n 
A 1 180 LEU 180 180 180 LEU LEU A . n 
A 1 181 TYR 181 181 181 TYR TYR A . n 
A 1 182 GLU 182 182 182 GLU GLU A . n 
A 1 183 LEU 183 183 183 LEU LEU A . n 
A 1 184 ASP 184 184 184 ASP ASP A . n 
A 1 185 GLY 185 185 185 GLY GLY A . n 
A 1 186 ARG 186 186 186 ARG ARG A . n 
A 1 187 LYS 187 187 187 LYS LYS A . n 
A 1 188 PRO 188 188 188 PRO PRO A . n 
A 1 189 PHE 189 189 189 PHE PHE A . n 
A 1 190 PRO 190 190 190 PRO PRO A . n 
A 1 191 ILE 191 191 191 ILE ILE A . n 
A 1 192 ASN 192 192 192 ASN ASN A . n 
A 1 193 HIS 193 193 193 HIS HIS A . n 
A 1 194 GLY 194 194 194 GLY GLY A . n 
A 1 195 GLU 195 195 195 GLU GLU A . n 
A 1 196 THR 196 196 196 THR THR A . n 
A 1 197 SER 197 197 197 SER SER A . n 
A 1 198 ASP 198 198 198 ASP ASP A . n 
A 1 199 GLU 199 199 199 GLU GLU A . n 
A 1 200 THR 200 200 200 THR THR A . n 
A 1 201 LEU 201 201 201 LEU LEU A . n 
A 1 202 LEU 202 202 202 LEU LEU A . n 
A 1 203 GLU 203 203 203 GLU GLU A . n 
A 1 204 ASP 204 204 204 ASP ASP A . n 
A 1 205 ALA 205 205 205 ALA ALA A . n 
A 1 206 ILE 206 206 206 ILE ILE A . n 
A 1 207 GLU 207 207 207 GLU GLU A . n 
A 1 208 VAL 208 208 208 VAL VAL A . n 
A 1 209 CYS 209 209 209 CYS CYS A . n 
A 1 210 LYS 210 210 210 LYS LYS A . n 
A 1 211 LYS 211 211 211 LYS LYS A . n 
A 1 212 PHE 212 212 212 PHE PHE A . n 
A 1 213 MET 213 213 213 MET MET A . n 
A 1 214 GLU 214 214 214 GLU GLU A . n 
A 1 215 ARG 215 215 215 ARG ARG A . n 
A 1 216 ASP 216 216 216 ASP ASP A . n 
A 1 217 PRO 217 217 217 PRO PRO A . n 
A 1 218 ASP 218 218 218 ASP ASP A . n 
A 1 219 GLU 219 219 219 GLU GLU A . n 
A 1 220 LEU 220 220 220 LEU LEU A . n 
A 1 221 ARG 221 221 221 ARG ARG A . n 
A 1 222 PHE 222 222 222 PHE PHE A . n 
A 1 223 ASN 223 223 223 ASN ASN A . n 
A 1 224 ALA 224 224 224 ALA ALA A . n 
A 1 225 ILE 225 225 225 ILE ILE A . n 
A 1 226 ALA 226 226 226 ALA ALA A . n 
A 1 227 LEU 227 227 227 LEU LEU A . n 
A 1 228 SER 228 228 228 SER SER A . n 
A 1 229 ALA 229 229 229 ALA ALA A . n 
A 1 230 ALA 230 230 230 ALA ALA A . n 
# 
loop_
_pdbx_nonpoly_scheme.asym_id 
_pdbx_nonpoly_scheme.entity_id 
_pdbx_nonpoly_scheme.mon_id 
_pdbx_nonpoly_scheme.ndb_seq_num 
_pdbx_nonpoly_scheme.pdb_seq_num 
_pdbx_nonpoly_scheme.auth_seq_num 
_pdbx_nonpoly_scheme.pdb_mon_id 
_pdbx_nonpoly_scheme.auth_mon_id 
_pdbx_nonpoly_scheme.pdb_strand_id 
_pdbx_nonpoly_scheme.pdb_ins_code 
B 2 HOH 1   231 1   HOH HOH A . 
B 2 HOH 2   232 2   HOH HOH A . 
B 2 HOH 3   233 3   HOH HOH A . 
B 2 HOH 4   234 4   HOH HOH A . 
B 2 HOH 5   235 5   HOH HOH A . 
B 2 HOH 6   236 6   HOH HOH A . 
B 2 HOH 7   237 7   HOH HOH A . 
B 2 HOH 8   238 8   HOH HOH A . 
B 2 HOH 9   239 9   HOH HOH A . 
B 2 HOH 10  240 10  HOH HOH A . 
B 2 HOH 11  241 11  HOH HOH A . 
B 2 HOH 12  242 12  HOH HOH A . 
B 2 HOH 13  243 13  HOH HOH A . 
B 2 HOH 14  244 14  HOH HOH A . 
B 2 HOH 15  245 15  HOH HOH A . 
B 2 HOH 16  246 16  HOH HOH A . 
B 2 HOH 17  247 17  HOH HOH A . 
B 2 HOH 18  248 18  HOH HOH A . 
B 2 HOH 19  249 19  HOH HOH A . 
B 2 HOH 20  250 20  HOH HOH A . 
B 2 HOH 21  251 21  HOH HOH A . 
B 2 HOH 22  252 22  HOH HOH A . 
B 2 HOH 23  253 23  HOH HOH A . 
B 2 HOH 24  254 24  HOH HOH A . 
B 2 HOH 25  255 25  HOH HOH A . 
B 2 HOH 26  256 26  HOH HOH A . 
B 2 HOH 27  257 27  HOH HOH A . 
B 2 HOH 28  258 28  HOH HOH A . 
B 2 HOH 29  259 29  HOH HOH A . 
B 2 HOH 30  260 30  HOH HOH A . 
B 2 HOH 31  261 31  HOH HOH A . 
B 2 HOH 32  262 32  HOH HOH A . 
B 2 HOH 33  263 33  HOH HOH A . 
B 2 HOH 34  264 34  HOH HOH A . 
B 2 HOH 35  265 35  HOH HOH A . 
B 2 HOH 36  266 36  HOH HOH A . 
B 2 HOH 37  267 37  HOH HOH A . 
B 2 HOH 38  268 38  HOH HOH A . 
B 2 HOH 39  269 39  HOH HOH A . 
B 2 HOH 40  270 40  HOH HOH A . 
B 2 HOH 41  271 41  HOH HOH A . 
B 2 HOH 42  272 42  HOH HOH A . 
B 2 HOH 43  273 43  HOH HOH A . 
B 2 HOH 44  274 44  HOH HOH A . 
B 2 HOH 45  275 45  HOH HOH A . 
B 2 HOH 46  276 46  HOH HOH A . 
B 2 HOH 47  277 47  HOH HOH A . 
B 2 HOH 48  278 48  HOH HOH A . 
B 2 HOH 49  279 49  HOH HOH A . 
B 2 HOH 50  280 50  HOH HOH A . 
B 2 HOH 51  281 51  HOH HOH A . 
B 2 HOH 52  282 52  HOH HOH A . 
B 2 HOH 53  283 53  HOH HOH A . 
B 2 HOH 54  284 54  HOH HOH A . 
B 2 HOH 55  285 55  HOH HOH A . 
B 2 HOH 56  286 56  HOH HOH A . 
B 2 HOH 57  287 57  HOH HOH A . 
B 2 HOH 58  288 58  HOH HOH A . 
B 2 HOH 59  289 59  HOH HOH A . 
B 2 HOH 60  290 60  HOH HOH A . 
B 2 HOH 61  291 61  HOH HOH A . 
B 2 HOH 62  292 62  HOH HOH A . 
B 2 HOH 63  293 63  HOH HOH A . 
B 2 HOH 64  294 64  HOH HOH A . 
B 2 HOH 65  295 65  HOH HOH A . 
B 2 HOH 66  296 66  HOH HOH A . 
B 2 HOH 67  297 67  HOH HOH A . 
B 2 HOH 68  298 68  HOH HOH A . 
B 2 HOH 69  299 69  HOH HOH A . 
B 2 HOH 70  300 70  HOH HOH A . 
B 2 HOH 71  301 71  HOH HOH A . 
B 2 HOH 72  302 72  HOH HOH A . 
B 2 HOH 73  303 73  HOH HOH A . 
B 2 HOH 74  304 74  HOH HOH A . 
B 2 HOH 75  305 75  HOH HOH A . 
B 2 HOH 76  306 76  HOH HOH A . 
B 2 HOH 77  307 77  HOH HOH A . 
B 2 HOH 78  308 78  HOH HOH A . 
B 2 HOH 79  309 79  HOH HOH A . 
B 2 HOH 80  310 80  HOH HOH A . 
B 2 HOH 81  311 81  HOH HOH A . 
B 2 HOH 82  312 82  HOH HOH A . 
B 2 HOH 83  313 83  HOH HOH A . 
B 2 HOH 84  314 84  HOH HOH A . 
B 2 HOH 85  315 85  HOH HOH A . 
B 2 HOH 86  316 86  HOH HOH A . 
B 2 HOH 87  317 87  HOH HOH A . 
B 2 HOH 88  318 88  HOH HOH A . 
B 2 HOH 89  319 89  HOH HOH A . 
B 2 HOH 90  320 90  HOH HOH A . 
B 2 HOH 91  321 91  HOH HOH A . 
B 2 HOH 92  322 92  HOH HOH A . 
B 2 HOH 93  323 93  HOH HOH A . 
B 2 HOH 94  324 94  HOH HOH A . 
B 2 HOH 95  325 95  HOH HOH A . 
B 2 HOH 96  326 96  HOH HOH A . 
B 2 HOH 97  327 97  HOH HOH A . 
B 2 HOH 98  328 98  HOH HOH A . 
B 2 HOH 99  329 99  HOH HOH A . 
B 2 HOH 100 330 100 HOH HOH A . 
B 2 HOH 101 331 101 HOH HOH A . 
B 2 HOH 102 332 102 HOH HOH A . 
B 2 HOH 103 333 103 HOH HOH A . 
B 2 HOH 104 334 104 HOH HOH A . 
# 
loop_
_pdbx_unobs_or_zero_occ_atoms.id 
_pdbx_unobs_or_zero_occ_atoms.PDB_model_num 
_pdbx_unobs_or_zero_occ_atoms.polymer_flag 
_pdbx_unobs_or_zero_occ_atoms.occupancy_flag 
_pdbx_unobs_or_zero_occ_atoms.auth_asym_id 
_pdbx_unobs_or_zero_occ_atoms.auth_comp_id 
_pdbx_unobs_or_zero_occ_atoms.auth_seq_id 
_pdbx_unobs_or_zero_occ_atoms.PDB_ins_code 
_pdbx_unobs_or_zero_occ_atoms.auth_atom_id 
_pdbx_unobs_or_zero_occ_atoms.label_alt_id 
_pdbx_unobs_or_zero_occ_atoms.label_asym_id 
_pdbx_unobs_or_zero_occ_atoms.label_comp_id 
_pdbx_unobs_or_zero_occ_atoms.label_seq_id 
_pdbx_unobs_or_zero_occ_atoms.label_atom_id 
1  1 Y 0 A ARG 136 ? CD  ? A ARG 136 CD  
2  1 Y 0 A ARG 136 ? NE  ? A ARG 136 NE  
3  1 Y 0 A ARG 136 ? CZ  ? A ARG 136 CZ  
4  1 Y 0 A ARG 136 ? NH1 ? A ARG 136 NH1 
5  1 Y 0 A ARG 136 ? NH2 ? A ARG 136 NH2 
6  1 Y 0 A ARG 145 ? CG  ? A ARG 145 CG  
7  1 Y 0 A ARG 145 ? CD  ? A ARG 145 CD  
8  1 Y 0 A ARG 145 ? NE  ? A ARG 145 NE  
9  1 Y 0 A ARG 145 ? CZ  ? A ARG 145 CZ  
10 1 Y 0 A ARG 145 ? NH1 ? A ARG 145 NH1 
11 1 Y 0 A ARG 145 ? NH2 ? A ARG 145 NH2 
12 1 Y 0 A GLU 199 ? CG  ? A GLU 199 CG  
13 1 Y 0 A GLU 199 ? CD  ? A GLU 199 CD  
14 1 Y 0 A GLU 199 ? OE1 ? A GLU 199 OE1 
15 1 Y 0 A GLU 199 ? OE2 ? A GLU 199 OE2 
# 
loop_
_software.name 
_software.classification 
_software.version 
_software.citation_id 
_software.pdbx_ordinal 
X-PLOR    'model building' 3.843 ? 1 
X-PLOR    refinement       3.843 ? 2 
DENZO     'data reduction' .     ? 3 
SCALEPACK 'data scaling'   .     ? 4 
X-PLOR    phasing          3.843 ? 5 
# 
_cell.entry_id           1UCH 
_cell.length_a           48.600 
_cell.length_b           60.900 
_cell.length_c           81.400 
_cell.angle_alpha        90.00 
_cell.angle_beta         90.00 
_cell.angle_gamma        90.00 
_cell.Z_PDB              4 
_cell.pdbx_unique_axis   ? 
# 
_symmetry.entry_id                         1UCH 
_symmetry.space_group_name_H-M             'P 21 21 21' 
_symmetry.pdbx_full_space_group_name_H-M   ? 
_symmetry.cell_setting                     ? 
_symmetry.Int_Tables_number                19 
# 
_exptl.entry_id          1UCH 
_exptl.method            'X-RAY DIFFRACTION' 
_exptl.crystals_number   1 
# 
_exptl_crystal.id                    1 
_exptl_crystal.density_meas          ? 
_exptl_crystal.density_Matthews      2.37 
_exptl_crystal.density_percent_sol   48. 
_exptl_crystal.description           ? 
# 
_exptl_crystal_grow.crystal_id      1 
_exptl_crystal_grow.method          'VAPOR DIFFUSION, SITTING DROP' 
_exptl_crystal_grow.temp            277 
_exptl_crystal_grow.temp_details    ? 
_exptl_crystal_grow.pH              6.7 
_exptl_crystal_grow.pdbx_pH_range   ? 
_exptl_crystal_grow.pdbx_details    
;PROTEIN AT 12 MG/ML WAS CRYSTALLIZED FROM 26%(W/W) PEG 4000, 200 MM SODIUM ACETATE, 100 MM PIPES PH 6.7 AND 10 MM DTT IN SITTING WELLS AT 4 DEGREES CELSIUS., vapor diffusion - sitting drop, temperature 277K
;
# 
_diffrn.id                     1 
_diffrn.ambient_temp           100 
_diffrn.ambient_temp_details   ? 
_diffrn.crystal_id             1 
# 
_diffrn_detector.diffrn_id              1 
_diffrn_detector.detector               'IMAGE PLATE' 
_diffrn_detector.type                   MARRESEARCH 
_diffrn_detector.pdbx_collection_date   1996-02 
_diffrn_detector.details                ? 
# 
_diffrn_radiation.diffrn_id                        1 
_diffrn_radiation.wavelength_id                    1 
_diffrn_radiation.pdbx_monochromatic_or_laue_m_l   M 
_diffrn_radiation.monochromator                    ? 
_diffrn_radiation.pdbx_diffrn_protocol             ? 
_diffrn_radiation.pdbx_scattering_type             x-ray 
# 
_diffrn_radiation_wavelength.id           1 
_diffrn_radiation_wavelength.wavelength   1.080 
_diffrn_radiation_wavelength.wt           1.0 
# 
_diffrn_source.diffrn_id                   1 
_diffrn_source.source                      SYNCHROTRON 
_diffrn_source.type                        'SSRL BEAMLINE BL7-1' 
_diffrn_source.pdbx_synchrotron_site       SSRL 
_diffrn_source.pdbx_synchrotron_beamline   BL7-1 
_diffrn_source.pdbx_wavelength             1.080 
_diffrn_source.pdbx_wavelength_list        ? 
# 
_reflns.entry_id                     1UCH 
_reflns.observed_criterion_sigma_I   -2.0 
_reflns.observed_criterion_sigma_F   ? 
_reflns.d_resolution_low             30.0 
_reflns.d_resolution_high            1.8 
_reflns.number_obs                   23334 
_reflns.number_all                   ? 
_reflns.percent_possible_obs         98. 
_reflns.pdbx_Rmerge_I_obs            0.0400000 
_reflns.pdbx_Rsym_value              0.0400000 
_reflns.pdbx_netI_over_sigmaI        20. 
_reflns.B_iso_Wilson_estimate        20.7 
_reflns.pdbx_redundancy              4.5 
_reflns.pdbx_diffrn_id               1 
_reflns.pdbx_ordinal                 1 
# 
_reflns_shell.d_res_high             1.80 
_reflns_shell.d_res_low              1.83 
_reflns_shell.percent_possible_all   93. 
_reflns_shell.Rmerge_I_obs           0.1900000 
_reflns_shell.pdbx_Rsym_value        0.1900000 
_reflns_shell.meanI_over_sigI_obs    5. 
_reflns_shell.pdbx_redundancy        3.0 
_reflns_shell.pdbx_diffrn_id         ? 
_reflns_shell.pdbx_ordinal           1 
# 
_refine.entry_id                                 1UCH 
_refine.ls_number_reflns_obs                     21819 
_refine.ls_number_reflns_all                     ? 
_refine.pdbx_ls_sigma_I                          ? 
_refine.pdbx_ls_sigma_F                          0.0 
_refine.pdbx_data_cutoff_high_absF               10000000.0 
_refine.pdbx_data_cutoff_low_absF                0.001 
_refine.pdbx_data_cutoff_high_rms_absF           ? 
_refine.ls_d_res_low                             6.00 
_refine.ls_d_res_high                            1.80 
_refine.ls_percent_reflns_obs                    97.7 
_refine.ls_R_factor_obs                          0.2320000 
_refine.ls_R_factor_all                          ? 
_refine.ls_R_factor_R_work                       0.2320000 
_refine.ls_R_factor_R_free                       0.2940000 
_refine.ls_R_factor_R_free_error                 0.009 
_refine.ls_R_factor_R_free_error_details         ? 
_refine.ls_percent_reflns_R_free                 4.8 
_refine.ls_number_reflns_R_free                  1056 
_refine.ls_number_parameters                     ? 
_refine.ls_number_restraints                     ? 
_refine.occupancy_min                            ? 
_refine.occupancy_max                            ? 
_refine.B_iso_mean                               28.4 
_refine.aniso_B[1][1]                            ? 
_refine.aniso_B[2][2]                            ? 
_refine.aniso_B[3][3]                            ? 
_refine.aniso_B[1][2]                            ? 
_refine.aniso_B[1][3]                            ? 
_refine.aniso_B[2][3]                            ? 
_refine.solvent_model_details                    ? 
_refine.solvent_model_param_ksol                 ? 
_refine.solvent_model_param_bsol                 ? 
_refine.pdbx_ls_cross_valid_method               THROUGHOUT 
_refine.details                                  
;THERE IS A DISORDERED REGION BETWEEN RESIDUES 146 AND
167.
;
_refine.pdbx_starting_model                      ? 
_refine.pdbx_method_to_determine_struct          MAD 
_refine.pdbx_isotropic_thermal_model             RESTRAINED 
_refine.pdbx_stereochemistry_target_values       ? 
_refine.pdbx_stereochem_target_val_spec_case     ? 
_refine.pdbx_R_Free_selection_details            RANDOM 
_refine.pdbx_overall_ESU_R                       ? 
_refine.pdbx_overall_ESU_R_Free                  ? 
_refine.overall_SU_ML                            ? 
_refine.overall_SU_B                             ? 
_refine.pdbx_refine_id                           'X-RAY DIFFRACTION' 
_refine.pdbx_diffrn_id                           1 
_refine.pdbx_TLS_residual_ADP_flag               ? 
_refine.correlation_coeff_Fo_to_Fc               ? 
_refine.correlation_coeff_Fo_to_Fc_free          ? 
_refine.pdbx_solvent_vdw_probe_radii             ? 
_refine.pdbx_solvent_ion_probe_radii             ? 
_refine.pdbx_solvent_shrinkage_radii             ? 
_refine.pdbx_overall_phase_error                 ? 
_refine.overall_SU_R_Cruickshank_DPI             ? 
_refine.pdbx_overall_SU_R_free_Cruickshank_DPI   ? 
_refine.pdbx_overall_SU_R_Blow_DPI               ? 
_refine.pdbx_overall_SU_R_free_Blow_DPI          ? 
# 
_refine_analyze.entry_id                        1UCH 
_refine_analyze.Luzzati_coordinate_error_obs    0.25 
_refine_analyze.Luzzati_sigma_a_obs             0.28 
_refine_analyze.Luzzati_d_res_low_obs           5.00 
_refine_analyze.Luzzati_coordinate_error_free   0.31 
_refine_analyze.Luzzati_sigma_a_free            0.25 
_refine_analyze.Luzzati_d_res_low_free          ? 
_refine_analyze.number_disordered_residues      ? 
_refine_analyze.occupancy_sum_hydrogen          ? 
_refine_analyze.occupancy_sum_non_hydrogen      ? 
_refine_analyze.pdbx_refine_id                  'X-RAY DIFFRACTION' 
# 
_refine_hist.pdbx_refine_id                   'X-RAY DIFFRACTION' 
_refine_hist.cycle_id                         LAST 
_refine_hist.pdbx_number_atoms_protein        1661 
_refine_hist.pdbx_number_atoms_nucleic_acid   0 
_refine_hist.pdbx_number_atoms_ligand         0 
_refine_hist.number_atoms_solvent             312 
_refine_hist.number_atoms_total               1973 
_refine_hist.d_res_high                       1.80 
_refine_hist.d_res_low                        6.00 
# 
loop_
_refine_ls_restr.type 
_refine_ls_restr.dev_ideal 
_refine_ls_restr.dev_ideal_target 
_refine_ls_restr.weight 
_refine_ls_restr.number 
_refine_ls_restr.pdbx_refine_id 
_refine_ls_restr.pdbx_restraint_function 
x_bond_d                0.010 ?    ? ? 'X-RAY DIFFRACTION' ? 
x_bond_d_na             ?     ?    ? ? 'X-RAY DIFFRACTION' ? 
x_bond_d_prot           ?     ?    ? ? 'X-RAY DIFFRACTION' ? 
x_angle_d               ?     ?    ? ? 'X-RAY DIFFRACTION' ? 
x_angle_d_na            ?     ?    ? ? 'X-RAY DIFFRACTION' ? 
x_angle_d_prot          ?     ?    ? ? 'X-RAY DIFFRACTION' ? 
x_angle_deg             1.1   ?    ? ? 'X-RAY DIFFRACTION' ? 
x_angle_deg_na          ?     ?    ? ? 'X-RAY DIFFRACTION' ? 
x_angle_deg_prot        ?     ?    ? ? 'X-RAY DIFFRACTION' ? 
x_dihedral_angle_d      25.0  ?    ? ? 'X-RAY DIFFRACTION' ? 
x_dihedral_angle_d_na   ?     ?    ? ? 'X-RAY DIFFRACTION' ? 
x_dihedral_angle_d_prot ?     ?    ? ? 'X-RAY DIFFRACTION' ? 
x_improper_angle_d      1.98  ?    ? ? 'X-RAY DIFFRACTION' ? 
x_improper_angle_d_na   ?     ?    ? ? 'X-RAY DIFFRACTION' ? 
x_improper_angle_d_prot ?     ?    ? ? 'X-RAY DIFFRACTION' ? 
x_mcbond_it             2.17  0.75 ? ? 'X-RAY DIFFRACTION' ? 
x_mcangle_it            3.29  1.00 ? ? 'X-RAY DIFFRACTION' ? 
x_scbond_it             3.73  1.00 ? ? 'X-RAY DIFFRACTION' ? 
x_scangle_it            5.67  1.25 ? ? 'X-RAY DIFFRACTION' ? 
# 
_refine_ls_shell.pdbx_total_number_of_bins_used   6 
_refine_ls_shell.d_res_high                       1.80 
_refine_ls_shell.d_res_low                        1.91 
_refine_ls_shell.number_reflns_R_work             3296 
_refine_ls_shell.R_factor_R_work                  0.3580000 
_refine_ls_shell.percent_reflns_obs               94.4 
_refine_ls_shell.R_factor_R_free                  0.3730000 
_refine_ls_shell.R_factor_R_free_error            0.029 
_refine_ls_shell.percent_reflns_R_free            4.7 
_refine_ls_shell.number_reflns_R_free             164 
_refine_ls_shell.pdbx_refine_id                   'X-RAY DIFFRACTION' 
_refine_ls_shell.number_reflns_all                ? 
_refine_ls_shell.R_factor_all                     ? 
# 
loop_
_pdbx_xplor_file.serial_no 
_pdbx_xplor_file.param_file 
_pdbx_xplor_file.topol_file 
_pdbx_xplor_file.pdbx_refine_id 
1 PARHCSDX.PRO TOPHCSDX.PRO 'X-RAY DIFFRACTION' 
2 ?            ?            'X-RAY DIFFRACTION' 
# 
_struct.entry_id                  1UCH 
_struct.title                     'DEUBIQUITINATING ENZYME UCH-L3 (HUMAN) AT 1.8 ANGSTROM RESOLUTION' 
_struct.pdbx_model_details        ? 
_struct.pdbx_CASP_flag            ? 
_struct.pdbx_model_type_details   ? 
# 
_struct_keywords.entry_id        1UCH 
_struct_keywords.pdbx_keywords   'CYSTEINE PROTEASE' 
_struct_keywords.text            
'CYSTEINE PROTEASE, DEUBIQUITINATING ENZYME, UBIQUITIN, C-TERMINAL HYDROLASE, UBIQUITIN CONJUGATION' 
# 
loop_
_struct_asym.id 
_struct_asym.pdbx_blank_PDB_chainid_flag 
_struct_asym.pdbx_modified 
_struct_asym.entity_id 
_struct_asym.details 
A N N 1 ? 
B N N 2 ? 
# 
_struct_ref.id                         1 
_struct_ref.db_name                    UNP 
_struct_ref.db_code                    UBL3_HUMAN 
_struct_ref.entity_id                  1 
_struct_ref.pdbx_db_accession          P15374 
_struct_ref.pdbx_align_begin           1 
_struct_ref.pdbx_seq_one_letter_code   
;MEGQRWLPLEANPEVTNQFLKQLGLHPNWQFVDVYGMDPELLSMVPRPVCAVLLLFPITEKYEVFRTEEEEKIKSQGQDV
TSSVYFMKQTISNACGTIGLIHAIANNKDKMHFESGSTLKKFLEESVSMSPEERARYLENYDAIRVTHETSAHEGQTEAP
SIDEKVDLHFIALVHVDGHLYELDGRKPFPINHGETSDETLLEDAIEVCKKFMERDPDELRFNAIALSAA
;
_struct_ref.pdbx_db_isoform            ? 
# 
_struct_ref_seq.align_id                      1 
_struct_ref_seq.ref_id                        1 
_struct_ref_seq.pdbx_PDB_id_code              1UCH 
_struct_ref_seq.pdbx_strand_id                A 
_struct_ref_seq.seq_align_beg                 1 
_struct_ref_seq.pdbx_seq_align_beg_ins_code   ? 
_struct_ref_seq.seq_align_end                 230 
_struct_ref_seq.pdbx_seq_align_end_ins_code   ? 
_struct_ref_seq.pdbx_db_accession             P15374 
_struct_ref_seq.db_align_beg                  1 
_struct_ref_seq.pdbx_db_align_beg_ins_code    ? 
_struct_ref_seq.db_align_end                  230 
_struct_ref_seq.pdbx_db_align_end_ins_code    ? 
_struct_ref_seq.pdbx_auth_seq_align_beg       1 
_struct_ref_seq.pdbx_auth_seq_align_end       230 
# 
_pdbx_struct_assembly.id                   1 
_pdbx_struct_assembly.details              author_defined_assembly 
_pdbx_struct_assembly.method_details       ? 
_pdbx_struct_assembly.oligomeric_details   monomeric 
_pdbx_struct_assembly.oligomeric_count     1 
# 
_pdbx_struct_assembly_gen.assembly_id       1 
_pdbx_struct_assembly_gen.oper_expression   1 
_pdbx_struct_assembly_gen.asym_id_list      A,B 
# 
_pdbx_struct_oper_list.id                   1 
_pdbx_struct_oper_list.type                 'identity operation' 
_pdbx_struct_oper_list.name                 1_555 
_pdbx_struct_oper_list.symmetry_operation   x,y,z 
_pdbx_struct_oper_list.matrix[1][1]         1.0000000000 
_pdbx_struct_oper_list.matrix[1][2]         0.0000000000 
_pdbx_struct_oper_list.matrix[1][3]         0.0000000000 
_pdbx_struct_oper_list.vector[1]            0.0000000000 
_pdbx_struct_oper_list.matrix[2][1]         0.0000000000 
_pdbx_struct_oper_list.matrix[2][2]         1.0000000000 
_pdbx_struct_oper_list.matrix[2][3]         0.0000000000 
_pdbx_struct_oper_list.vector[2]            0.0000000000 
_pdbx_struct_oper_list.matrix[3][1]         0.0000000000 
_pdbx_struct_oper_list.matrix[3][2]         0.0000000000 
_pdbx_struct_oper_list.matrix[3][3]         1.0000000000 
_pdbx_struct_oper_list.vector[3]            0.0000000000 
# 
_struct_biol.id   1 
# 
loop_
_struct_conf.conf_type_id 
_struct_conf.id 
_struct_conf.pdbx_PDB_helix_id 
_struct_conf.beg_label_comp_id 
_struct_conf.beg_label_asym_id 
_struct_conf.beg_label_seq_id 
_struct_conf.pdbx_beg_PDB_ins_code 
_struct_conf.end_label_comp_id 
_struct_conf.end_label_asym_id 
_struct_conf.end_label_seq_id 
_struct_conf.pdbx_end_PDB_ins_code 
_struct_conf.beg_auth_comp_id 
_struct_conf.beg_auth_asym_id 
_struct_conf.beg_auth_seq_id 
_struct_conf.end_auth_comp_id 
_struct_conf.end_auth_asym_id 
_struct_conf.end_auth_seq_id 
_struct_conf.pdbx_PDB_helix_class 
_struct_conf.details 
_struct_conf.pdbx_PDB_helix_length 
HELX_P HELX_P1 1 PRO A 13  ? GLN A 22  ? PRO A 13  GLN A 22  1 ? 10 
HELX_P HELX_P2 2 PRO A 39  ? MET A 44  ? PRO A 39  MET A 44  1 ? 6  
HELX_P HELX_P3 3 GLU A 60  ? GLN A 76  ? GLU A 60  GLN A 76  1 ? 17 
HELX_P HELX_P4 4 SER A 92  ? LYS A 110 ? SER A 92  LYS A 110 5 ? 19 
HELX_P HELX_P5 5 THR A 118 ? GLU A 125 ? THR A 118 GLU A 125 1 ? 8  
HELX_P HELX_P6 6 PRO A 131 ? ASN A 140 ? PRO A 131 ASN A 140 1 ? 10 
HELX_P HELX_P7 7 LEU A 201 ? ASP A 216 ? LEU A 201 ASP A 216 1 ? 16 
# 
_struct_conf_type.id          HELX_P 
_struct_conf_type.criteria    ? 
_struct_conf_type.reference   ? 
# 
_struct_mon_prot_cis.pdbx_id                1 
_struct_mon_prot_cis.label_comp_id          ARG 
_struct_mon_prot_cis.label_seq_id           47 
_struct_mon_prot_cis.label_asym_id          A 
_struct_mon_prot_cis.label_alt_id           . 
_struct_mon_prot_cis.pdbx_PDB_ins_code      ? 
_struct_mon_prot_cis.auth_comp_id           ARG 
_struct_mon_prot_cis.auth_seq_id            47 
_struct_mon_prot_cis.auth_asym_id           A 
_struct_mon_prot_cis.pdbx_label_comp_id_2   PRO 
_struct_mon_prot_cis.pdbx_label_seq_id_2    48 
_struct_mon_prot_cis.pdbx_label_asym_id_2   A 
_struct_mon_prot_cis.pdbx_PDB_ins_code_2    ? 
_struct_mon_prot_cis.pdbx_auth_comp_id_2    PRO 
_struct_mon_prot_cis.pdbx_auth_seq_id_2     48 
_struct_mon_prot_cis.pdbx_auth_asym_id_2    A 
_struct_mon_prot_cis.pdbx_PDB_model_num     1 
_struct_mon_prot_cis.pdbx_omega_angle       -12.52 
# 
_struct_sheet.id               A 
_struct_sheet.type             ? 
_struct_sheet.number_strands   5 
_struct_sheet.details          ? 
# 
loop_
_struct_sheet_order.sheet_id 
_struct_sheet_order.range_id_1 
_struct_sheet_order.range_id_2 
_struct_sheet_order.offset 
_struct_sheet_order.sense 
A 1 2 ? anti-parallel 
A 2 3 ? anti-parallel 
A 3 4 ? anti-parallel 
A 4 5 ? anti-parallel 
# 
loop_
_struct_sheet_range.sheet_id 
_struct_sheet_range.id 
_struct_sheet_range.beg_label_comp_id 
_struct_sheet_range.beg_label_asym_id 
_struct_sheet_range.beg_label_seq_id 
_struct_sheet_range.pdbx_beg_PDB_ins_code 
_struct_sheet_range.end_label_comp_id 
_struct_sheet_range.end_label_asym_id 
_struct_sheet_range.end_label_seq_id 
_struct_sheet_range.pdbx_end_PDB_ins_code 
_struct_sheet_range.beg_auth_comp_id 
_struct_sheet_range.beg_auth_asym_id 
_struct_sheet_range.beg_auth_seq_id 
_struct_sheet_range.end_auth_comp_id 
_struct_sheet_range.end_auth_asym_id 
_struct_sheet_range.end_auth_seq_id 
A 1 TRP A 29  ? VAL A 34  ? TRP A 29  VAL A 34  
A 2 ASN A 223 ? ALA A 229 ? ASN A 223 ALA A 229 
A 3 VAL A 49  ? PRO A 57  ? VAL A 49  PRO A 57  
A 4 LEU A 168 ? VAL A 176 ? LEU A 168 VAL A 176 
A 5 HIS A 179 ? LEU A 183 ? HIS A 179 LEU A 183 
# 
loop_
_pdbx_struct_sheet_hbond.sheet_id 
_pdbx_struct_sheet_hbond.range_id_1 
_pdbx_struct_sheet_hbond.range_id_2 
_pdbx_struct_sheet_hbond.range_1_label_atom_id 
_pdbx_struct_sheet_hbond.range_1_label_comp_id 
_pdbx_struct_sheet_hbond.range_1_label_asym_id 
_pdbx_struct_sheet_hbond.range_1_label_seq_id 
_pdbx_struct_sheet_hbond.range_1_PDB_ins_code 
_pdbx_struct_sheet_hbond.range_1_auth_atom_id 
_pdbx_struct_sheet_hbond.range_1_auth_comp_id 
_pdbx_struct_sheet_hbond.range_1_auth_asym_id 
_pdbx_struct_sheet_hbond.range_1_auth_seq_id 
_pdbx_struct_sheet_hbond.range_2_label_atom_id 
_pdbx_struct_sheet_hbond.range_2_label_comp_id 
_pdbx_struct_sheet_hbond.range_2_label_asym_id 
_pdbx_struct_sheet_hbond.range_2_label_seq_id 
_pdbx_struct_sheet_hbond.range_2_PDB_ins_code 
_pdbx_struct_sheet_hbond.range_2_auth_atom_id 
_pdbx_struct_sheet_hbond.range_2_auth_comp_id 
_pdbx_struct_sheet_hbond.range_2_auth_asym_id 
_pdbx_struct_sheet_hbond.range_2_auth_seq_id 
A 1 2 O GLN A 30  ? O GLN A 30  N SER A 228 ? N SER A 228 
A 2 3 O ASN A 223 ? O ASN A 223 N LEU A 55  ? N LEU A 55  
A 3 4 O VAL A 52  ? O VAL A 52  N LEU A 173 ? N LEU A 173 
A 4 5 O ALA A 172 ? O ALA A 172 N LEU A 183 ? N LEU A 183 
# 
_struct_site.id                   CAT 
_struct_site.pdbx_evidence_code   Unknown 
_struct_site.pdbx_auth_asym_id    ? 
_struct_site.pdbx_auth_comp_id    ? 
_struct_site.pdbx_auth_seq_id     ? 
_struct_site.pdbx_auth_ins_code   ? 
_struct_site.pdbx_num_residues    4 
_struct_site.details              'ACTIVE SITE RESIDUES.' 
# 
loop_
_struct_site_gen.id 
_struct_site_gen.site_id 
_struct_site_gen.pdbx_num_res 
_struct_site_gen.label_comp_id 
_struct_site_gen.label_asym_id 
_struct_site_gen.label_seq_id 
_struct_site_gen.pdbx_auth_ins_code 
_struct_site_gen.auth_comp_id 
_struct_site_gen.auth_asym_id 
_struct_site_gen.auth_seq_id 
_struct_site_gen.label_atom_id 
_struct_site_gen.label_alt_id 
_struct_site_gen.symmetry 
_struct_site_gen.details 
1 CAT 4 GLN A 89  ? GLN A 89  . ? 1_555 ? 
2 CAT 4 CYS A 95  ? CYS A 95  . ? 1_555 ? 
3 CAT 4 HIS A 169 ? HIS A 169 . ? 1_555 ? 
4 CAT 4 ASP A 184 ? ASP A 184 . ? 1_555 ? 
# 
_pdbx_validate_planes.id              1 
_pdbx_validate_planes.PDB_model_num   1 
_pdbx_validate_planes.auth_comp_id    TYR 
_pdbx_validate_planes.auth_asym_id    A 
_pdbx_validate_planes.auth_seq_id     62 
_pdbx_validate_planes.PDB_ins_code    ? 
_pdbx_validate_planes.label_alt_id    ? 
_pdbx_validate_planes.rmsd            0.072 
_pdbx_validate_planes.type            'SIDE CHAIN' 
# 
loop_
_pdbx_unobs_or_zero_occ_residues.id 
_pdbx_unobs_or_zero_occ_residues.PDB_model_num 
_pdbx_unobs_or_zero_occ_residues.polymer_flag 
_pdbx_unobs_or_zero_occ_residues.occupancy_flag 
_pdbx_unobs_or_zero_occ_residues.auth_asym_id 
_pdbx_unobs_or_zero_occ_residues.auth_comp_id 
_pdbx_unobs_or_zero_occ_residues.auth_seq_id 
_pdbx_unobs_or_zero_occ_residues.PDB_ins_code 
_pdbx_unobs_or_zero_occ_residues.label_asym_id 
_pdbx_unobs_or_zero_occ_residues.label_comp_id 
_pdbx_unobs_or_zero_occ_residues.label_seq_id 
1  1 Y 1 A MET 1   ? A MET 1   
2  1 Y 1 A GLU 2   ? A GLU 2   
3  1 Y 1 A GLY 3   ? A GLY 3   
4  1 Y 1 A GLN 4   ? A GLN 4   
5  1 Y 1 A THR 147 ? A THR 147 
6  1 Y 1 A HIS 148 ? A HIS 148 
7  1 Y 1 A GLU 149 ? A GLU 149 
8  1 Y 1 A THR 150 ? A THR 150 
9  1 Y 1 A SER 151 ? A SER 151 
10 1 Y 1 A ALA 152 ? A ALA 152 
11 1 Y 1 A HIS 153 ? A HIS 153 
12 1 Y 1 A GLU 154 ? A GLU 154 
13 1 Y 1 A GLY 155 ? A GLY 155 
14 1 Y 1 A GLN 156 ? A GLN 156 
15 1 Y 1 A THR 157 ? A THR 157 
16 1 Y 1 A GLU 158 ? A GLU 158 
17 1 Y 1 A ALA 159 ? A ALA 159 
18 1 Y 1 A PRO 160 ? A PRO 160 
19 1 Y 1 A SER 161 ? A SER 161 
20 1 Y 1 A ILE 162 ? A ILE 162 
21 1 Y 1 A ASP 163 ? A ASP 163 
22 1 Y 1 A GLU 164 ? A GLU 164 
23 1 Y 1 A LYS 165 ? A LYS 165 
24 1 Y 1 A VAL 166 ? A VAL 166 
# 
loop_
_chem_comp_atom.comp_id 
_chem_comp_atom.atom_id 
_chem_comp_atom.type_symbol 
_chem_comp_atom.pdbx_aromatic_flag 
_chem_comp_atom.pdbx_stereo_config 
_chem_comp_atom.pdbx_ordinal 
ALA N    N N N 1   
ALA CA   C N S 2   
ALA C    C N N 3   
ALA O    O N N 4   
ALA CB   C N N 5   
ALA OXT  O N N 6   
ALA H    H N N 7   
ALA H2   H N N 8   
ALA HA   H N N 9   
ALA HB1  H N N 10  
ALA HB2  H N N 11  
ALA HB3  H N N 12  
ALA HXT  H N N 13  
ARG N    N N N 14  
ARG CA   C N S 15  
ARG C    C N N 16  
ARG O    O N N 17  
ARG CB   C N N 18  
ARG CG   C N N 19  
ARG CD   C N N 20  
ARG NE   N N N 21  
ARG CZ   C N N 22  
ARG NH1  N N N 23  
ARG NH2  N N N 24  
ARG OXT  O N N 25  
ARG H    H N N 26  
ARG H2   H N N 27  
ARG HA   H N N 28  
ARG HB2  H N N 29  
ARG HB3  H N N 30  
ARG HG2  H N N 31  
ARG HG3  H N N 32  
ARG HD2  H N N 33  
ARG HD3  H N N 34  
ARG HE   H N N 35  
ARG HH11 H N N 36  
ARG HH12 H N N 37  
ARG HH21 H N N 38  
ARG HH22 H N N 39  
ARG HXT  H N N 40  
ASN N    N N N 41  
ASN CA   C N S 42  
ASN C    C N N 43  
ASN O    O N N 44  
ASN CB   C N N 45  
ASN CG   C N N 46  
ASN OD1  O N N 47  
ASN ND2  N N N 48  
ASN OXT  O N N 49  
ASN H    H N N 50  
ASN H2   H N N 51  
ASN HA   H N N 52  
ASN HB2  H N N 53  
ASN HB3  H N N 54  
ASN HD21 H N N 55  
ASN HD22 H N N 56  
ASN HXT  H N N 57  
ASP N    N N N 58  
ASP CA   C N S 59  
ASP C    C N N 60  
ASP O    O N N 61  
ASP CB   C N N 62  
ASP CG   C N N 63  
ASP OD1  O N N 64  
ASP OD2  O N N 65  
ASP OXT  O N N 66  
ASP H    H N N 67  
ASP H2   H N N 68  
ASP HA   H N N 69  
ASP HB2  H N N 70  
ASP HB3  H N N 71  
ASP HD2  H N N 72  
ASP HXT  H N N 73  
CYS N    N N N 74  
CYS CA   C N R 75  
CYS C    C N N 76  
CYS O    O N N 77  
CYS CB   C N N 78  
CYS SG   S N N 79  
CYS OXT  O N N 80  
CYS H    H N N 81  
CYS H2   H N N 82  
CYS HA   H N N 83  
CYS HB2  H N N 84  
CYS HB3  H N N 85  
CYS HG   H N N 86  
CYS HXT  H N N 87  
GLN N    N N N 88  
GLN CA   C N S 89  
GLN C    C N N 90  
GLN O    O N N 91  
GLN CB   C N N 92  
GLN CG   C N N 93  
GLN CD   C N N 94  
GLN OE1  O N N 95  
GLN NE2  N N N 96  
GLN OXT  O N N 97  
GLN H    H N N 98  
GLN H2   H N N 99  
GLN HA   H N N 100 
GLN HB2  H N N 101 
GLN HB3  H N N 102 
GLN HG2  H N N 103 
GLN HG3  H N N 104 
GLN HE21 H N N 105 
GLN HE22 H N N 106 
GLN HXT  H N N 107 
GLU N    N N N 108 
GLU CA   C N S 109 
GLU C    C N N 110 
GLU O    O N N 111 
GLU CB   C N N 112 
GLU CG   C N N 113 
GLU CD   C N N 114 
GLU OE1  O N N 115 
GLU OE2  O N N 116 
GLU OXT  O N N 117 
GLU H    H N N 118 
GLU H2   H N N 119 
GLU HA   H N N 120 
GLU HB2  H N N 121 
GLU HB3  H N N 122 
GLU HG2  H N N 123 
GLU HG3  H N N 124 
GLU HE2  H N N 125 
GLU HXT  H N N 126 
GLY N    N N N 127 
GLY CA   C N N 128 
GLY C    C N N 129 
GLY O    O N N 130 
GLY OXT  O N N 131 
GLY H    H N N 132 
GLY H2   H N N 133 
GLY HA2  H N N 134 
GLY HA3  H N N 135 
GLY HXT  H N N 136 
HIS N    N N N 137 
HIS CA   C N S 138 
HIS C    C N N 139 
HIS O    O N N 140 
HIS CB   C N N 141 
HIS CG   C Y N 142 
HIS ND1  N Y N 143 
HIS CD2  C Y N 144 
HIS CE1  C Y N 145 
HIS NE2  N Y N 146 
HIS OXT  O N N 147 
HIS H    H N N 148 
HIS H2   H N N 149 
HIS HA   H N N 150 
HIS HB2  H N N 151 
HIS HB3  H N N 152 
HIS HD1  H N N 153 
HIS HD2  H N N 154 
HIS HE1  H N N 155 
HIS HE2  H N N 156 
HIS HXT  H N N 157 
HOH O    O N N 158 
HOH H1   H N N 159 
HOH H2   H N N 160 
ILE N    N N N 161 
ILE CA   C N S 162 
ILE C    C N N 163 
ILE O    O N N 164 
ILE CB   C N S 165 
ILE CG1  C N N 166 
ILE CG2  C N N 167 
ILE CD1  C N N 168 
ILE OXT  O N N 169 
ILE H    H N N 170 
ILE H2   H N N 171 
ILE HA   H N N 172 
ILE HB   H N N 173 
ILE HG12 H N N 174 
ILE HG13 H N N 175 
ILE HG21 H N N 176 
ILE HG22 H N N 177 
ILE HG23 H N N 178 
ILE HD11 H N N 179 
ILE HD12 H N N 180 
ILE HD13 H N N 181 
ILE HXT  H N N 182 
LEU N    N N N 183 
LEU CA   C N S 184 
LEU C    C N N 185 
LEU O    O N N 186 
LEU CB   C N N 187 
LEU CG   C N N 188 
LEU CD1  C N N 189 
LEU CD2  C N N 190 
LEU OXT  O N N 191 
LEU H    H N N 192 
LEU H2   H N N 193 
LEU HA   H N N 194 
LEU HB2  H N N 195 
LEU HB3  H N N 196 
LEU HG   H N N 197 
LEU HD11 H N N 198 
LEU HD12 H N N 199 
LEU HD13 H N N 200 
LEU HD21 H N N 201 
LEU HD22 H N N 202 
LEU HD23 H N N 203 
LEU HXT  H N N 204 
LYS N    N N N 205 
LYS CA   C N S 206 
LYS C    C N N 207 
LYS O    O N N 208 
LYS CB   C N N 209 
LYS CG   C N N 210 
LYS CD   C N N 211 
LYS CE   C N N 212 
LYS NZ   N N N 213 
LYS OXT  O N N 214 
LYS H    H N N 215 
LYS H2   H N N 216 
LYS HA   H N N 217 
LYS HB2  H N N 218 
LYS HB3  H N N 219 
LYS HG2  H N N 220 
LYS HG3  H N N 221 
LYS HD2  H N N 222 
LYS HD3  H N N 223 
LYS HE2  H N N 224 
LYS HE3  H N N 225 
LYS HZ1  H N N 226 
LYS HZ2  H N N 227 
LYS HZ3  H N N 228 
LYS HXT  H N N 229 
MET N    N N N 230 
MET CA   C N S 231 
MET C    C N N 232 
MET O    O N N 233 
MET CB   C N N 234 
MET CG   C N N 235 
MET SD   S N N 236 
MET CE   C N N 237 
MET OXT  O N N 238 
MET H    H N N 239 
MET H2   H N N 240 
MET HA   H N N 241 
MET HB2  H N N 242 
MET HB3  H N N 243 
MET HG2  H N N 244 
MET HG3  H N N 245 
MET HE1  H N N 246 
MET HE2  H N N 247 
MET HE3  H N N 248 
MET HXT  H N N 249 
PHE N    N N N 250 
PHE CA   C N S 251 
PHE C    C N N 252 
PHE O    O N N 253 
PHE CB   C N N 254 
PHE CG   C Y N 255 
PHE CD1  C Y N 256 
PHE CD2  C Y N 257 
PHE CE1  C Y N 258 
PHE CE2  C Y N 259 
PHE CZ   C Y N 260 
PHE OXT  O N N 261 
PHE H    H N N 262 
PHE H2   H N N 263 
PHE HA   H N N 264 
PHE HB2  H N N 265 
PHE HB3  H N N 266 
PHE HD1  H N N 267 
PHE HD2  H N N 268 
PHE HE1  H N N 269 
PHE HE2  H N N 270 
PHE HZ   H N N 271 
PHE HXT  H N N 272 
PRO N    N N N 273 
PRO CA   C N S 274 
PRO C    C N N 275 
PRO O    O N N 276 
PRO CB   C N N 277 
PRO CG   C N N 278 
PRO CD   C N N 279 
PRO OXT  O N N 280 
PRO H    H N N 281 
PRO HA   H N N 282 
PRO HB2  H N N 283 
PRO HB3  H N N 284 
PRO HG2  H N N 285 
PRO HG3  H N N 286 
PRO HD2  H N N 287 
PRO HD3  H N N 288 
PRO HXT  H N N 289 
SER N    N N N 290 
SER CA   C N S 291 
SER C    C N N 292 
SER O    O N N 293 
SER CB   C N N 294 
SER OG   O N N 295 
SER OXT  O N N 296 
SER H    H N N 297 
SER H2   H N N 298 
SER HA   H N N 299 
SER HB2  H N N 300 
SER HB3  H N N 301 
SER HG   H N N 302 
SER HXT  H N N 303 
THR N    N N N 304 
THR CA   C N S 305 
THR C    C N N 306 
THR O    O N N 307 
THR CB   C N R 308 
THR OG1  O N N 309 
THR CG2  C N N 310 
THR OXT  O N N 311 
THR H    H N N 312 
THR H2   H N N 313 
THR HA   H N N 314 
THR HB   H N N 315 
THR HG1  H N N 316 
THR HG21 H N N 317 
THR HG22 H N N 318 
THR HG23 H N N 319 
THR HXT  H N N 320 
TRP N    N N N 321 
TRP CA   C N S 322 
TRP C    C N N 323 
TRP O    O N N 324 
TRP CB   C N N 325 
TRP CG   C Y N 326 
TRP CD1  C Y N 327 
TRP CD2  C Y N 328 
TRP NE1  N Y N 329 
TRP CE2  C Y N 330 
TRP CE3  C Y N 331 
TRP CZ2  C Y N 332 
TRP CZ3  C Y N 333 
TRP CH2  C Y N 334 
TRP OXT  O N N 335 
TRP H    H N N 336 
TRP H2   H N N 337 
TRP HA   H N N 338 
TRP HB2  H N N 339 
TRP HB3  H N N 340 
TRP HD1  H N N 341 
TRP HE1  H N N 342 
TRP HE3  H N N 343 
TRP HZ2  H N N 344 
TRP HZ3  H N N 345 
TRP HH2  H N N 346 
TRP HXT  H N N 347 
TYR N    N N N 348 
TYR CA   C N S 349 
TYR C    C N N 350 
TYR O    O N N 351 
TYR CB   C N N 352 
TYR CG   C Y N 353 
TYR CD1  C Y N 354 
TYR CD2  C Y N 355 
TYR CE1  C Y N 356 
TYR CE2  C Y N 357 
TYR CZ   C Y N 358 
TYR OH   O N N 359 
TYR OXT  O N N 360 
TYR H    H N N 361 
TYR H2   H N N 362 
TYR HA   H N N 363 
TYR HB2  H N N 364 
TYR HB3  H N N 365 
TYR HD1  H N N 366 
TYR HD2  H N N 367 
TYR HE1  H N N 368 
TYR HE2  H N N 369 
TYR HH   H N N 370 
TYR HXT  H N N 371 
VAL N    N N N 372 
VAL CA   C N S 373 
VAL C    C N N 374 
VAL O    O N N 375 
VAL CB   C N N 376 
VAL CG1  C N N 377 
VAL CG2  C N N 378 
VAL OXT  O N N 379 
VAL H    H N N 380 
VAL H2   H N N 381 
VAL HA   H N N 382 
VAL HB   H N N 383 
VAL HG11 H N N 384 
VAL HG12 H N N 385 
VAL HG13 H N N 386 
VAL HG21 H N N 387 
VAL HG22 H N N 388 
VAL HG23 H N N 389 
VAL HXT  H N N 390 
# 
loop_
_chem_comp_bond.comp_id 
_chem_comp_bond.atom_id_1 
_chem_comp_bond.atom_id_2 
_chem_comp_bond.value_order 
_chem_comp_bond.pdbx_aromatic_flag 
_chem_comp_bond.pdbx_stereo_config 
_chem_comp_bond.pdbx_ordinal 
ALA N   CA   sing N N 1   
ALA N   H    sing N N 2   
ALA N   H2   sing N N 3   
ALA CA  C    sing N N 4   
ALA CA  CB   sing N N 5   
ALA CA  HA   sing N N 6   
ALA C   O    doub N N 7   
ALA C   OXT  sing N N 8   
ALA CB  HB1  sing N N 9   
ALA CB  HB2  sing N N 10  
ALA CB  HB3  sing N N 11  
ALA OXT HXT  sing N N 12  
ARG N   CA   sing N N 13  
ARG N   H    sing N N 14  
ARG N   H2   sing N N 15  
ARG CA  C    sing N N 16  
ARG CA  CB   sing N N 17  
ARG CA  HA   sing N N 18  
ARG C   O    doub N N 19  
ARG C   OXT  sing N N 20  
ARG CB  CG   sing N N 21  
ARG CB  HB2  sing N N 22  
ARG CB  HB3  sing N N 23  
ARG CG  CD   sing N N 24  
ARG CG  HG2  sing N N 25  
ARG CG  HG3  sing N N 26  
ARG CD  NE   sing N N 27  
ARG CD  HD2  sing N N 28  
ARG CD  HD3  sing N N 29  
ARG NE  CZ   sing N N 30  
ARG NE  HE   sing N N 31  
ARG CZ  NH1  sing N N 32  
ARG CZ  NH2  doub N N 33  
ARG NH1 HH11 sing N N 34  
ARG NH1 HH12 sing N N 35  
ARG NH2 HH21 sing N N 36  
ARG NH2 HH22 sing N N 37  
ARG OXT HXT  sing N N 38  
ASN N   CA   sing N N 39  
ASN N   H    sing N N 40  
ASN N   H2   sing N N 41  
ASN CA  C    sing N N 42  
ASN CA  CB   sing N N 43  
ASN CA  HA   sing N N 44  
ASN C   O    doub N N 45  
ASN C   OXT  sing N N 46  
ASN CB  CG   sing N N 47  
ASN CB  HB2  sing N N 48  
ASN CB  HB3  sing N N 49  
ASN CG  OD1  doub N N 50  
ASN CG  ND2  sing N N 51  
ASN ND2 HD21 sing N N 52  
ASN ND2 HD22 sing N N 53  
ASN OXT HXT  sing N N 54  
ASP N   CA   sing N N 55  
ASP N   H    sing N N 56  
ASP N   H2   sing N N 57  
ASP CA  C    sing N N 58  
ASP CA  CB   sing N N 59  
ASP CA  HA   sing N N 60  
ASP C   O    doub N N 61  
ASP C   OXT  sing N N 62  
ASP CB  CG   sing N N 63  
ASP CB  HB2  sing N N 64  
ASP CB  HB3  sing N N 65  
ASP CG  OD1  doub N N 66  
ASP CG  OD2  sing N N 67  
ASP OD2 HD2  sing N N 68  
ASP OXT HXT  sing N N 69  
CYS N   CA   sing N N 70  
CYS N   H    sing N N 71  
CYS N   H2   sing N N 72  
CYS CA  C    sing N N 73  
CYS CA  CB   sing N N 74  
CYS CA  HA   sing N N 75  
CYS C   O    doub N N 76  
CYS C   OXT  sing N N 77  
CYS CB  SG   sing N N 78  
CYS CB  HB2  sing N N 79  
CYS CB  HB3  sing N N 80  
CYS SG  HG   sing N N 81  
CYS OXT HXT  sing N N 82  
GLN N   CA   sing N N 83  
GLN N   H    sing N N 84  
GLN N   H2   sing N N 85  
GLN CA  C    sing N N 86  
GLN CA  CB   sing N N 87  
GLN CA  HA   sing N N 88  
GLN C   O    doub N N 89  
GLN C   OXT  sing N N 90  
GLN CB  CG   sing N N 91  
GLN CB  HB2  sing N N 92  
GLN CB  HB3  sing N N 93  
GLN CG  CD   sing N N 94  
GLN CG  HG2  sing N N 95  
GLN CG  HG3  sing N N 96  
GLN CD  OE1  doub N N 97  
GLN CD  NE2  sing N N 98  
GLN NE2 HE21 sing N N 99  
GLN NE2 HE22 sing N N 100 
GLN OXT HXT  sing N N 101 
GLU N   CA   sing N N 102 
GLU N   H    sing N N 103 
GLU N   H2   sing N N 104 
GLU CA  C    sing N N 105 
GLU CA  CB   sing N N 106 
GLU CA  HA   sing N N 107 
GLU C   O    doub N N 108 
GLU C   OXT  sing N N 109 
GLU CB  CG   sing N N 110 
GLU CB  HB2  sing N N 111 
GLU CB  HB3  sing N N 112 
GLU CG  CD   sing N N 113 
GLU CG  HG2  sing N N 114 
GLU CG  HG3  sing N N 115 
GLU CD  OE1  doub N N 116 
GLU CD  OE2  sing N N 117 
GLU OE2 HE2  sing N N 118 
GLU OXT HXT  sing N N 119 
GLY N   CA   sing N N 120 
GLY N   H    sing N N 121 
GLY N   H2   sing N N 122 
GLY CA  C    sing N N 123 
GLY CA  HA2  sing N N 124 
GLY CA  HA3  sing N N 125 
GLY C   O    doub N N 126 
GLY C   OXT  sing N N 127 
GLY OXT HXT  sing N N 128 
HIS N   CA   sing N N 129 
HIS N   H    sing N N 130 
HIS N   H2   sing N N 131 
HIS CA  C    sing N N 132 
HIS CA  CB   sing N N 133 
HIS CA  HA   sing N N 134 
HIS C   O    doub N N 135 
HIS C   OXT  sing N N 136 
HIS CB  CG   sing N N 137 
HIS CB  HB2  sing N N 138 
HIS CB  HB3  sing N N 139 
HIS CG  ND1  sing Y N 140 
HIS CG  CD2  doub Y N 141 
HIS ND1 CE1  doub Y N 142 
HIS ND1 HD1  sing N N 143 
HIS CD2 NE2  sing Y N 144 
HIS CD2 HD2  sing N N 145 
HIS CE1 NE2  sing Y N 146 
HIS CE1 HE1  sing N N 147 
HIS NE2 HE2  sing N N 148 
HIS OXT HXT  sing N N 149 
HOH O   H1   sing N N 150 
HOH O   H2   sing N N 151 
ILE N   CA   sing N N 152 
ILE N   H    sing N N 153 
ILE N   H2   sing N N 154 
ILE CA  C    sing N N 155 
ILE CA  CB   sing N N 156 
ILE CA  HA   sing N N 157 
ILE C   O    doub N N 158 
ILE C   OXT  sing N N 159 
ILE CB  CG1  sing N N 160 
ILE CB  CG2  sing N N 161 
ILE CB  HB   sing N N 162 
ILE CG1 CD1  sing N N 163 
ILE CG1 HG12 sing N N 164 
ILE CG1 HG13 sing N N 165 
ILE CG2 HG21 sing N N 166 
ILE CG2 HG22 sing N N 167 
ILE CG2 HG23 sing N N 168 
ILE CD1 HD11 sing N N 169 
ILE CD1 HD12 sing N N 170 
ILE CD1 HD13 sing N N 171 
ILE OXT HXT  sing N N 172 
LEU N   CA   sing N N 173 
LEU N   H    sing N N 174 
LEU N   H2   sing N N 175 
LEU CA  C    sing N N 176 
LEU CA  CB   sing N N 177 
LEU CA  HA   sing N N 178 
LEU C   O    doub N N 179 
LEU C   OXT  sing N N 180 
LEU CB  CG   sing N N 181 
LEU CB  HB2  sing N N 182 
LEU CB  HB3  sing N N 183 
LEU CG  CD1  sing N N 184 
LEU CG  CD2  sing N N 185 
LEU CG  HG   sing N N 186 
LEU CD1 HD11 sing N N 187 
LEU CD1 HD12 sing N N 188 
LEU CD1 HD13 sing N N 189 
LEU CD2 HD21 sing N N 190 
LEU CD2 HD22 sing N N 191 
LEU CD2 HD23 sing N N 192 
LEU OXT HXT  sing N N 193 
LYS N   CA   sing N N 194 
LYS N   H    sing N N 195 
LYS N   H2   sing N N 196 
LYS CA  C    sing N N 197 
LYS CA  CB   sing N N 198 
LYS CA  HA   sing N N 199 
LYS C   O    doub N N 200 
LYS C   OXT  sing N N 201 
LYS CB  CG   sing N N 202 
LYS CB  HB2  sing N N 203 
LYS CB  HB3  sing N N 204 
LYS CG  CD   sing N N 205 
LYS CG  HG2  sing N N 206 
LYS CG  HG3  sing N N 207 
LYS CD  CE   sing N N 208 
LYS CD  HD2  sing N N 209 
LYS CD  HD3  sing N N 210 
LYS CE  NZ   sing N N 211 
LYS CE  HE2  sing N N 212 
LYS CE  HE3  sing N N 213 
LYS NZ  HZ1  sing N N 214 
LYS NZ  HZ2  sing N N 215 
LYS NZ  HZ3  sing N N 216 
LYS OXT HXT  sing N N 217 
MET N   CA   sing N N 218 
MET N   H    sing N N 219 
MET N   H2   sing N N 220 
MET CA  C    sing N N 221 
MET CA  CB   sing N N 222 
MET CA  HA   sing N N 223 
MET C   O    doub N N 224 
MET C   OXT  sing N N 225 
MET CB  CG   sing N N 226 
MET CB  HB2  sing N N 227 
MET CB  HB3  sing N N 228 
MET CG  SD   sing N N 229 
MET CG  HG2  sing N N 230 
MET CG  HG3  sing N N 231 
MET SD  CE   sing N N 232 
MET CE  HE1  sing N N 233 
MET CE  HE2  sing N N 234 
MET CE  HE3  sing N N 235 
MET OXT HXT  sing N N 236 
PHE N   CA   sing N N 237 
PHE N   H    sing N N 238 
PHE N   H2   sing N N 239 
PHE CA  C    sing N N 240 
PHE CA  CB   sing N N 241 
PHE CA  HA   sing N N 242 
PHE C   O    doub N N 243 
PHE C   OXT  sing N N 244 
PHE CB  CG   sing N N 245 
PHE CB  HB2  sing N N 246 
PHE CB  HB3  sing N N 247 
PHE CG  CD1  doub Y N 248 
PHE CG  CD2  sing Y N 249 
PHE CD1 CE1  sing Y N 250 
PHE CD1 HD1  sing N N 251 
PHE CD2 CE2  doub Y N 252 
PHE CD2 HD2  sing N N 253 
PHE CE1 CZ   doub Y N 254 
PHE CE1 HE1  sing N N 255 
PHE CE2 CZ   sing Y N 256 
PHE CE2 HE2  sing N N 257 
PHE CZ  HZ   sing N N 258 
PHE OXT HXT  sing N N 259 
PRO N   CA   sing N N 260 
PRO N   CD   sing N N 261 
PRO N   H    sing N N 262 
PRO CA  C    sing N N 263 
PRO CA  CB   sing N N 264 
PRO CA  HA   sing N N 265 
PRO C   O    doub N N 266 
PRO C   OXT  sing N N 267 
PRO CB  CG   sing N N 268 
PRO CB  HB2  sing N N 269 
PRO CB  HB3  sing N N 270 
PRO CG  CD   sing N N 271 
PRO CG  HG2  sing N N 272 
PRO CG  HG3  sing N N 273 
PRO CD  HD2  sing N N 274 
PRO CD  HD3  sing N N 275 
PRO OXT HXT  sing N N 276 
SER N   CA   sing N N 277 
SER N   H    sing N N 278 
SER N   H2   sing N N 279 
SER CA  C    sing N N 280 
SER CA  CB   sing N N 281 
SER CA  HA   sing N N 282 
SER C   O    doub N N 283 
SER C   OXT  sing N N 284 
SER CB  OG   sing N N 285 
SER CB  HB2  sing N N 286 
SER CB  HB3  sing N N 287 
SER OG  HG   sing N N 288 
SER OXT HXT  sing N N 289 
THR N   CA   sing N N 290 
THR N   H    sing N N 291 
THR N   H2   sing N N 292 
THR CA  C    sing N N 293 
THR CA  CB   sing N N 294 
THR CA  HA   sing N N 295 
THR C   O    doub N N 296 
THR C   OXT  sing N N 297 
THR CB  OG1  sing N N 298 
THR CB  CG2  sing N N 299 
THR CB  HB   sing N N 300 
THR OG1 HG1  sing N N 301 
THR CG2 HG21 sing N N 302 
THR CG2 HG22 sing N N 303 
THR CG2 HG23 sing N N 304 
THR OXT HXT  sing N N 305 
TRP N   CA   sing N N 306 
TRP N   H    sing N N 307 
TRP N   H2   sing N N 308 
TRP CA  C    sing N N 309 
TRP CA  CB   sing N N 310 
TRP CA  HA   sing N N 311 
TRP C   O    doub N N 312 
TRP C   OXT  sing N N 313 
TRP CB  CG   sing N N 314 
TRP CB  HB2  sing N N 315 
TRP CB  HB3  sing N N 316 
TRP CG  CD1  doub Y N 317 
TRP CG  CD2  sing Y N 318 
TRP CD1 NE1  sing Y N 319 
TRP CD1 HD1  sing N N 320 
TRP CD2 CE2  doub Y N 321 
TRP CD2 CE3  sing Y N 322 
TRP NE1 CE2  sing Y N 323 
TRP NE1 HE1  sing N N 324 
TRP CE2 CZ2  sing Y N 325 
TRP CE3 CZ3  doub Y N 326 
TRP CE3 HE3  sing N N 327 
TRP CZ2 CH2  doub Y N 328 
TRP CZ2 HZ2  sing N N 329 
TRP CZ3 CH2  sing Y N 330 
TRP CZ3 HZ3  sing N N 331 
TRP CH2 HH2  sing N N 332 
TRP OXT HXT  sing N N 333 
TYR N   CA   sing N N 334 
TYR N   H    sing N N 335 
TYR N   H2   sing N N 336 
TYR CA  C    sing N N 337 
TYR CA  CB   sing N N 338 
TYR CA  HA   sing N N 339 
TYR C   O    doub N N 340 
TYR C   OXT  sing N N 341 
TYR CB  CG   sing N N 342 
TYR CB  HB2  sing N N 343 
TYR CB  HB3  sing N N 344 
TYR CG  CD1  doub Y N 345 
TYR CG  CD2  sing Y N 346 
TYR CD1 CE1  sing Y N 347 
TYR CD1 HD1  sing N N 348 
TYR CD2 CE2  doub Y N 349 
TYR CD2 HD2  sing N N 350 
TYR CE1 CZ   doub Y N 351 
TYR CE1 HE1  sing N N 352 
TYR CE2 CZ   sing Y N 353 
TYR CE2 HE2  sing N N 354 
TYR CZ  OH   sing N N 355 
TYR OH  HH   sing N N 356 
TYR OXT HXT  sing N N 357 
VAL N   CA   sing N N 358 
VAL N   H    sing N N 359 
VAL N   H2   sing N N 360 
VAL CA  C    sing N N 361 
VAL CA  CB   sing N N 362 
VAL CA  HA   sing N N 363 
VAL C   O    doub N N 364 
VAL C   OXT  sing N N 365 
VAL CB  CG1  sing N N 366 
VAL CB  CG2  sing N N 367 
VAL CB  HB   sing N N 368 
VAL CG1 HG11 sing N N 369 
VAL CG1 HG12 sing N N 370 
VAL CG1 HG13 sing N N 371 
VAL CG2 HG21 sing N N 372 
VAL CG2 HG22 sing N N 373 
VAL CG2 HG23 sing N N 374 
VAL OXT HXT  sing N N 375 
# 
_atom_sites.entry_id                    1UCH 
_atom_sites.fract_transf_matrix[1][1]   0.01535175 
_atom_sites.fract_transf_matrix[1][2]   0.00317066 
_atom_sites.fract_transf_matrix[1][3]   0.01332826 
_atom_sites.fract_transf_matrix[2][1]   -0.00023238 
_atom_sites.fract_transf_matrix[2][2]   0.01603087 
_atom_sites.fract_transf_matrix[2][3]   -0.00354592 
_atom_sites.fract_transf_matrix[3][1]   -0.00817793 
_atom_sites.fract_transf_matrix[3][2]   0.00186675 
_atom_sites.fract_transf_matrix[3][3]   0.00897541 
_atom_sites.fract_transf_vector[1]      0.839349 
_atom_sites.fract_transf_vector[2]      0.535130 
_atom_sites.fract_transf_vector[3]      0.639410 
# 
loop_
_atom_type.symbol 
C 
N 
O 
S 
# 
loop_
_atom_site.group_PDB 
_atom_site.id 
_atom_site.type_symbol 
_atom_site.label_atom_id 
_atom_site.label_alt_id 
_atom_site.label_comp_id 
_atom_site.label_asym_id 
_atom_site.label_entity_id 
_atom_site.label_seq_id 
_atom_site.pdbx_PDB_ins_code 
_atom_site.Cartn_x 
_atom_site.Cartn_y 
_atom_site.Cartn_z 
_atom_site.occupancy 
_atom_site.B_iso_or_equiv 
_atom_site.pdbx_formal_charge 
_atom_site.auth_seq_id 
_atom_site.auth_comp_id 
_atom_site.auth_asym_id 
_atom_site.auth_atom_id 
_atom_site.pdbx_PDB_model_num 
ATOM   1    N N   . ARG A 1 5   ? -5.364  -18.012 1.722   1.00 34.97 ? 5   ARG A N   1 
ATOM   2    C CA  . ARG A 1 5   ? -6.420  -16.935 1.647   1.00 30.10 ? 5   ARG A CA  1 
ATOM   3    C C   . ARG A 1 5   ? -5.890  -15.610 1.095   1.00 26.94 ? 5   ARG A C   1 
ATOM   4    O O   . ARG A 1 5   ? -6.572  -14.907 0.364   1.00 24.12 ? 5   ARG A O   1 
ATOM   5    C CB  . ARG A 1 5   ? -7.029  -16.681 3.034   1.00 29.03 ? 5   ARG A CB  1 
ATOM   6    C CG  . ARG A 1 5   ? -8.242  -15.791 2.975   1.00 30.95 ? 5   ARG A CG  1 
ATOM   7    C CD  . ARG A 1 5   ? -8.657  -15.206 4.320   1.00 32.26 ? 5   ARG A CD  1 
ATOM   8    N NE  . ARG A 1 5   ? -9.466  -14.012 4.076   1.00 36.00 ? 5   ARG A NE  1 
ATOM   9    C CZ  . ARG A 1 5   ? -10.370 -13.504 4.909   1.00 36.77 ? 5   ARG A CZ  1 
ATOM   10   N NH1 . ARG A 1 5   ? -10.576 -14.049 6.097   1.00 36.16 ? 5   ARG A NH1 1 
ATOM   11   N NH2 . ARG A 1 5   ? -11.033 -12.408 4.566   1.00 38.66 ? 5   ARG A NH2 1 
ATOM   12   N N   . TRP A 1 6   ? -4.678  -15.263 1.502   1.00 25.41 ? 6   TRP A N   1 
ATOM   13   C CA  . TRP A 1 6   ? -4.144  -13.938 1.267   1.00 22.76 ? 6   TRP A CA  1 
ATOM   14   C C   . TRP A 1 6   ? -3.307  -13.881 0.001   1.00 22.14 ? 6   TRP A C   1 
ATOM   15   O O   . TRP A 1 6   ? -2.877  -14.902 -0.517  1.00 24.44 ? 6   TRP A O   1 
ATOM   16   C CB  . TRP A 1 6   ? -3.307  -13.525 2.462   1.00 20.39 ? 6   TRP A CB  1 
ATOM   17   C CG  . TRP A 1 6   ? -4.021  -13.700 3.760   1.00 22.77 ? 6   TRP A CG  1 
ATOM   18   C CD1 . TRP A 1 6   ? -3.699  -14.567 4.765   1.00 23.73 ? 6   TRP A CD1 1 
ATOM   19   C CD2 . TRP A 1 6   ? -5.200  -13.008 4.190   1.00 20.61 ? 6   TRP A CD2 1 
ATOM   20   N NE1 . TRP A 1 6   ? -4.609  -14.466 5.785   1.00 23.09 ? 6   TRP A NE1 1 
ATOM   21   C CE2 . TRP A 1 6   ? -5.544  -13.520 5.457   1.00 21.75 ? 6   TRP A CE2 1 
ATOM   22   C CE3 . TRP A 1 6   ? -5.989  -11.999 3.625   1.00 18.56 ? 6   TRP A CE3 1 
ATOM   23   C CZ2 . TRP A 1 6   ? -6.652  -13.066 6.175   1.00 20.20 ? 6   TRP A CZ2 1 
ATOM   24   C CZ3 . TRP A 1 6   ? -7.088  -11.544 4.341   1.00 21.88 ? 6   TRP A CZ3 1 
ATOM   25   C CH2 . TRP A 1 6   ? -7.409  -12.081 5.603   1.00 20.85 ? 6   TRP A CH2 1 
ATOM   26   N N   . LEU A 1 7   ? -3.098  -12.678 -0.505  1.00 20.82 ? 7   LEU A N   1 
ATOM   27   C CA  . LEU A 1 7   ? -2.091  -12.445 -1.541  1.00 24.47 ? 7   LEU A CA  1 
ATOM   28   C C   . LEU A 1 7   ? -0.715  -12.943 -1.077  1.00 23.51 ? 7   LEU A C   1 
ATOM   29   O O   . LEU A 1 7   ? -0.285  -12.640 0.032   1.00 25.30 ? 7   LEU A O   1 
ATOM   30   C CB  . LEU A 1 7   ? -2.010  -10.952 -1.855  1.00 24.34 ? 7   LEU A CB  1 
ATOM   31   C CG  . LEU A 1 7   ? -1.329  -10.519 -3.140  1.00 22.59 ? 7   LEU A CG  1 
ATOM   32   C CD1 . LEU A 1 7   ? -2.158  -10.986 -4.327  1.00 26.54 ? 7   LEU A CD1 1 
ATOM   33   C CD2 . LEU A 1 7   ? -1.177  -9.014  -3.132  1.00 21.09 ? 7   LEU A CD2 1 
ATOM   34   N N   . PRO A 1 8   ? -0.074  -13.816 -1.861  1.00 26.01 ? 8   PRO A N   1 
ATOM   35   C CA  . PRO A 1 8   ? 1.268   -14.284 -1.511  1.00 25.82 ? 8   PRO A CA  1 
ATOM   36   C C   . PRO A 1 8   ? 2.260   -13.130 -1.367  1.00 24.44 ? 8   PRO A C   1 
ATOM   37   O O   . PRO A 1 8   ? 2.089   -12.076 -1.966  1.00 22.60 ? 8   PRO A O   1 
ATOM   38   C CB  . PRO A 1 8   ? 1.630   -15.207 -2.671  1.00 27.75 ? 8   PRO A CB  1 
ATOM   39   C CG  . PRO A 1 8   ? 0.290   -15.712 -3.142  1.00 27.83 ? 8   PRO A CG  1 
ATOM   40   C CD  . PRO A 1 8   ? -0.592  -14.509 -3.054  1.00 27.47 ? 8   PRO A CD  1 
ATOM   41   N N   . LEU A 1 9   ? 3.294   -13.335 -0.566  1.00 27.15 ? 9   LEU A N   1 
ATOM   42   C CA  . LEU A 1 9   ? 4.223   -12.258 -0.238  1.00 26.84 ? 9   LEU A CA  1 
ATOM   43   C C   . LEU A 1 9   ? 5.392   -12.182 -1.225  1.00 26.78 ? 9   LEU A C   1 
ATOM   44   O O   . LEU A 1 9   ? 6.531   -12.557 -0.922  1.00 26.81 ? 9   LEU A O   1 
ATOM   45   C CB  . LEU A 1 9   ? 4.711   -12.411 1.210   1.00 26.91 ? 9   LEU A CB  1 
ATOM   46   C CG  . LEU A 1 9   ? 3.577   -12.479 2.244   1.00 26.00 ? 9   LEU A CG  1 
ATOM   47   C CD1 . LEU A 1 9   ? 4.177   -12.463 3.626   1.00 27.63 ? 9   LEU A CD1 1 
ATOM   48   C CD2 . LEU A 1 9   ? 2.589   -11.314 2.065   1.00 21.92 ? 9   LEU A CD2 1 
ATOM   49   N N   . GLU A 1 10  ? 5.060   -11.784 -2.446  1.00 26.31 ? 10  GLU A N   1 
ATOM   50   C CA  . GLU A 1 10  ? 6.034   -11.564 -3.502  1.00 27.90 ? 10  GLU A CA  1 
ATOM   51   C C   . GLU A 1 10  ? 5.460   -10.535 -4.437  1.00 25.52 ? 10  GLU A C   1 
ATOM   52   O O   . GLU A 1 10  ? 4.248   -10.467 -4.602  1.00 25.82 ? 10  GLU A O   1 
ATOM   53   C CB  . GLU A 1 10  ? 6.313   -12.854 -4.271  1.00 33.87 ? 10  GLU A CB  1 
ATOM   54   C CG  . GLU A 1 10  ? 5.122   -13.772 -4.419  1.00 45.72 ? 10  GLU A CG  1 
ATOM   55   C CD  . GLU A 1 10  ? 5.434   -15.033 -5.233  1.00 53.31 ? 10  GLU A CD  1 
ATOM   56   O OE1 . GLU A 1 10  ? 5.353   -14.966 -6.489  1.00 52.71 ? 10  GLU A OE1 1 
ATOM   57   O OE2 . GLU A 1 10  ? 5.710   -16.089 -4.606  1.00 55.78 ? 10  GLU A OE2 1 
ATOM   58   N N   . ALA A 1 11  ? 6.309   -9.631  -4.910  1.00 27.87 ? 11  ALA A N   1 
ATOM   59   C CA  . ALA A 1 11  ? 5.883   -8.571  -5.816  1.00 26.92 ? 11  ALA A CA  1 
ATOM   60   C C   . ALA A 1 11  ? 5.662   -9.163  -7.209  1.00 30.85 ? 11  ALA A C   1 
ATOM   61   O O   . ALA A 1 11  ? 6.610   -9.380  -7.969  1.00 35.58 ? 11  ALA A O   1 
ATOM   62   C CB  . ALA A 1 11  ? 6.924   -7.495  -5.871  1.00 26.26 ? 11  ALA A CB  1 
ATOM   63   N N   . ASN A 1 12  ? 4.410   -9.494  -7.496  1.00 29.56 ? 12  ASN A N   1 
ATOM   64   C CA  . ASN A 1 12  ? 4.028   -10.230 -8.692  1.00 28.53 ? 12  ASN A CA  1 
ATOM   65   C C   . ASN A 1 12  ? 2.811   -9.571  -9.351  1.00 24.71 ? 12  ASN A C   1 
ATOM   66   O O   . ASN A 1 12  ? 1.670   -9.856  -8.995  1.00 25.47 ? 12  ASN A O   1 
ATOM   67   C CB  . ASN A 1 12  ? 3.699   -11.674 -8.314  1.00 29.60 ? 12  ASN A CB  1 
ATOM   68   C CG  . ASN A 1 12  ? 3.487   -12.558 -9.511  1.00 30.93 ? 12  ASN A CG  1 
ATOM   69   O OD1 . ASN A 1 12  ? 2.858   -12.165 -10.496 1.00 33.85 ? 12  ASN A OD1 1 
ATOM   70   N ND2 . ASN A 1 12  ? 3.930   -13.794 -9.402  1.00 34.38 ? 12  ASN A ND2 1 
ATOM   71   N N   . PRO A 1 13  ? 3.049   -8.654  -10.296 1.00 23.24 ? 13  PRO A N   1 
ATOM   72   C CA  . PRO A 1 13  ? 1.992   -7.893  -10.960 1.00 23.35 ? 13  PRO A CA  1 
ATOM   73   C C   . PRO A 1 13  ? 0.840   -8.758  -11.481 1.00 23.21 ? 13  PRO A C   1 
ATOM   74   O O   . PRO A 1 13  ? -0.314  -8.415  -11.304 1.00 23.70 ? 13  PRO A O   1 
ATOM   75   C CB  . PRO A 1 13  ? 2.726   -7.191  -12.096 1.00 24.69 ? 13  PRO A CB  1 
ATOM   76   C CG  . PRO A 1 13  ? 4.110   -7.070  -11.618 1.00 23.36 ? 13  PRO A CG  1 
ATOM   77   C CD  . PRO A 1 13  ? 4.381   -8.295  -10.814 1.00 22.18 ? 13  PRO A CD  1 
ATOM   78   N N   . GLU A 1 14  ? 1.149   -9.911  -12.061 1.00 26.47 ? 14  GLU A N   1 
ATOM   79   C CA  . GLU A 1 14  ? 0.120   -10.679 -12.754 1.00 31.39 ? 14  GLU A CA  1 
ATOM   80   C C   . GLU A 1 14  ? -0.860  -11.370 -11.807 1.00 28.36 ? 14  GLU A C   1 
ATOM   81   O O   . GLU A 1 14  ? -2.069  -11.360 -12.050 1.00 26.17 ? 14  GLU A O   1 
ATOM   82   C CB  . GLU A 1 14  ? 0.746   -11.700 -13.710 1.00 38.34 ? 14  GLU A CB  1 
ATOM   83   C CG  . GLU A 1 14  ? -0.259  -12.306 -14.700 1.00 51.49 ? 14  GLU A CG  1 
ATOM   84   C CD  . GLU A 1 14  ? 0.411   -12.956 -15.911 1.00 60.13 ? 14  GLU A CD  1 
ATOM   85   O OE1 . GLU A 1 14  ? 0.945   -14.084 -15.758 1.00 63.49 ? 14  GLU A OE1 1 
ATOM   86   O OE2 . GLU A 1 14  ? 0.408   -12.344 -17.010 1.00 62.58 ? 14  GLU A OE2 1 
ATOM   87   N N   . VAL A 1 15  ? -0.338  -11.954 -10.729 1.00 25.73 ? 15  VAL A N   1 
ATOM   88   C CA  . VAL A 1 15  ? -1.172  -12.515 -9.659  1.00 24.08 ? 15  VAL A CA  1 
ATOM   89   C C   . VAL A 1 15  ? -2.026  -11.429 -8.966  1.00 22.96 ? 15  VAL A C   1 
ATOM   90   O O   . VAL A 1 15  ? -3.234  -11.590 -8.783  1.00 22.19 ? 15  VAL A O   1 
ATOM   91   C CB  . VAL A 1 15  ? -0.296  -13.255 -8.604  1.00 23.74 ? 15  VAL A CB  1 
ATOM   92   C CG1 . VAL A 1 15  ? -1.144  -13.709 -7.441  1.00 25.22 ? 15  VAL A CG1 1 
ATOM   93   C CG2 . VAL A 1 15  ? 0.377   -14.482 -9.235  1.00 19.71 ? 15  VAL A CG2 1 
ATOM   94   N N   . THR A 1 16  ? -1.412  -10.287 -8.672  1.00 22.52 ? 16  THR A N   1 
ATOM   95   C CA  . THR A 1 16  ? -2.141  -9.153  -8.112  1.00 20.27 ? 16  THR A CA  1 
ATOM   96   C C   . THR A 1 16  ? -3.256  -8.624  -9.020  1.00 22.22 ? 16  THR A C   1 
ATOM   97   O O   . THR A 1 16  ? -4.374  -8.346  -8.557  1.00 19.76 ? 16  THR A O   1 
ATOM   98   C CB  . THR A 1 16  ? -1.180  -8.020  -7.786  1.00 18.24 ? 16  THR A CB  1 
ATOM   99   O OG1 . THR A 1 16  ? -0.059  -8.569  -7.091  1.00 18.68 ? 16  THR A OG1 1 
ATOM   100  C CG2 . THR A 1 16  ? -1.851  -6.983  -6.912  1.00 17.57 ? 16  THR A CG2 1 
ATOM   101  N N   . ASN A 1 17  ? -2.963  -8.511  -10.314 1.00 22.44 ? 17  ASN A N   1 
ATOM   102  C CA  . ASN A 1 17  ? -3.961  -8.089  -11.304 1.00 22.07 ? 17  ASN A CA  1 
ATOM   103  C C   . ASN A 1 17  ? -5.085  -9.121  -11.468 1.00 20.44 ? 17  ASN A C   1 
ATOM   104  O O   . ASN A 1 17  ? -6.255  -8.754  -11.542 1.00 20.46 ? 17  ASN A O   1 
ATOM   105  C CB  . ASN A 1 17  ? -3.294  -7.834  -12.652 1.00 22.34 ? 17  ASN A CB  1 
ATOM   106  C CG  . ASN A 1 17  ? -2.417  -6.604  -12.633 1.00 23.06 ? 17  ASN A CG  1 
ATOM   107  O OD1 . ASN A 1 17  ? -2.688  -5.654  -11.903 1.00 21.72 ? 17  ASN A OD1 1 
ATOM   108  N ND2 . ASN A 1 17  ? -1.395  -6.587  -13.477 1.00 20.19 ? 17  ASN A ND2 1 
ATOM   109  N N   . GLN A 1 18  ? -4.749  -10.400 -11.379 1.00 20.08 ? 18  GLN A N   1 
ATOM   110  C CA  . GLN A 1 18  ? -5.777  -11.439 -11.364 1.00 24.90 ? 18  GLN A CA  1 
ATOM   111  C C   . GLN A 1 18  ? -6.698  -11.367 -10.146 1.00 26.45 ? 18  GLN A C   1 
ATOM   112  O O   . GLN A 1 18  ? -7.924  -11.482 -10.279 1.00 21.63 ? 18  GLN A O   1 
ATOM   113  C CB  . GLN A 1 18  ? -5.147  -12.831 -11.465 1.00 30.06 ? 18  GLN A CB  1 
ATOM   114  C CG  . GLN A 1 18  ? -4.892  -13.270 -12.902 1.00 42.05 ? 18  GLN A CG  1 
ATOM   115  C CD  . GLN A 1 18  ? -6.027  -12.866 -13.848 1.00 51.77 ? 18  GLN A CD  1 
ATOM   116  O OE1 . GLN A 1 18  ? -7.099  -13.480 -13.849 1.00 55.04 ? 18  GLN A OE1 1 
ATOM   117  N NE2 . GLN A 1 18  ? -5.817  -11.790 -14.608 1.00 52.02 ? 18  GLN A NE2 1 
ATOM   118  N N   . PHE A 1 19  ? -6.116  -11.095 -8.977  1.00 26.95 ? 19  PHE A N   1 
ATOM   119  C CA  . PHE A 1 19  ? -6.879  -10.910 -7.737  1.00 24.56 ? 19  PHE A CA  1 
ATOM   120  C C   . PHE A 1 19  ? -7.796  -9.661  -7.777  1.00 22.86 ? 19  PHE A C   1 
ATOM   121  O O   . PHE A 1 19  ? -8.975  -9.729  -7.423  1.00 20.58 ? 19  PHE A O   1 
ATOM   122  C CB  . PHE A 1 19  ? -5.906  -10.819 -6.558  1.00 28.12 ? 19  PHE A CB  1 
ATOM   123  C CG  . PHE A 1 19  ? -6.564  -10.932 -5.210  1.00 30.72 ? 19  PHE A CG  1 
ATOM   124  C CD1 . PHE A 1 19  ? -7.662  -11.783 -5.018  1.00 30.11 ? 19  PHE A CD1 1 
ATOM   125  C CD2 . PHE A 1 19  ? -6.052  -10.230 -4.115  1.00 29.96 ? 19  PHE A CD2 1 
ATOM   126  C CE1 . PHE A 1 19  ? -8.235  -11.936 -3.745  1.00 31.40 ? 19  PHE A CE1 1 
ATOM   127  C CE2 . PHE A 1 19  ? -6.621  -10.376 -2.839  1.00 29.30 ? 19  PHE A CE2 1 
ATOM   128  C CZ  . PHE A 1 19  ? -7.708  -11.232 -2.655  1.00 28.78 ? 19  PHE A CZ  1 
ATOM   129  N N   . LEU A 1 20  ? -7.272  -8.558  -8.299  1.00 19.47 ? 20  LEU A N   1 
ATOM   130  C CA  . LEU A 1 20  ? -8.066  -7.362  -8.571  1.00 19.77 ? 20  LEU A CA  1 
ATOM   131  C C   . LEU A 1 20  ? -9.311  -7.668  -9.423  1.00 22.72 ? 20  LEU A C   1 
ATOM   132  O O   . LEU A 1 20  ? -10.421 -7.203  -9.142  1.00 21.79 ? 20  LEU A O   1 
ATOM   133  C CB  . LEU A 1 20  ? -7.202  -6.332  -9.297  1.00 18.13 ? 20  LEU A CB  1 
ATOM   134  C CG  . LEU A 1 20  ? -6.188  -5.534  -8.483  1.00 19.84 ? 20  LEU A CG  1 
ATOM   135  C CD1 . LEU A 1 20  ? -5.746  -4.307  -9.240  1.00 15.91 ? 20  LEU A CD1 1 
ATOM   136  C CD2 . LEU A 1 20  ? -6.845  -5.117  -7.199  1.00 23.06 ? 20  LEU A CD2 1 
ATOM   137  N N   . LYS A 1 21  ? -9.108  -8.435  -10.483 1.00 22.10 ? 21  LYS A N   1 
ATOM   138  C CA  . LYS A 1 21  ? -10.207 -8.871  -11.326 1.00 23.06 ? 21  LYS A CA  1 
ATOM   139  C C   . LYS A 1 21  ? -11.239 -9.637  -10.495 1.00 19.59 ? 21  LYS A C   1 
ATOM   140  O O   . LYS A 1 21  ? -12.431 -9.352  -10.515 1.00 24.24 ? 21  LYS A O   1 
ATOM   141  C CB  . LYS A 1 21  ? -9.653  -9.758  -12.444 1.00 25.93 ? 21  LYS A CB  1 
ATOM   142  C CG  . LYS A 1 21  ? -10.680 -10.229 -13.462 1.00 35.03 ? 21  LYS A CG  1 
ATOM   143  C CD  . LYS A 1 21  ? -10.115 -11.404 -14.232 1.00 43.04 ? 21  LYS A CD  1 
ATOM   144  C CE  . LYS A 1 21  ? -10.896 -11.664 -15.510 1.00 49.98 ? 21  LYS A CE  1 
ATOM   145  N NZ  . LYS A 1 21  ? -10.367 -12.865 -16.229 1.00 53.62 ? 21  LYS A NZ  1 
ATOM   146  N N   . GLN A 1 22  ? -10.760 -10.585 -9.722  1.00 20.54 ? 22  GLN A N   1 
ATOM   147  C CA  . GLN A 1 22  ? -11.629 -11.451 -8.959  1.00 22.64 ? 22  GLN A CA  1 
ATOM   148  C C   . GLN A 1 22  ? -12.339 -10.696 -7.819  1.00 25.82 ? 22  GLN A C   1 
ATOM   149  O O   . GLN A 1 22  ? -13.501 -10.984 -7.512  1.00 25.10 ? 22  GLN A O   1 
ATOM   150  C CB  . GLN A 1 22  ? -10.785 -12.619 -8.471  1.00 24.37 ? 22  GLN A CB  1 
ATOM   151  C CG  . GLN A 1 22  ? -11.297 -13.423 -7.320  1.00 35.79 ? 22  GLN A CG  1 
ATOM   152  C CD  . GLN A 1 22  ? -10.169 -14.216 -6.685  1.00 42.90 ? 22  GLN A CD  1 
ATOM   153  O OE1 . GLN A 1 22  ? -9.134  -14.465 -7.318  1.00 45.37 ? 22  GLN A OE1 1 
ATOM   154  N NE2 . GLN A 1 22  ? -10.313 -14.530 -5.412  1.00 44.56 ? 22  GLN A NE2 1 
ATOM   155  N N   . LEU A 1 23  ? -11.752 -9.577  -7.398  1.00 24.28 ? 23  LEU A N   1 
ATOM   156  C CA  . LEU A 1 23  ? -12.380 -8.705  -6.402  1.00 22.60 ? 23  LEU A CA  1 
ATOM   157  C C   . LEU A 1 23  ? -13.424 -7.754  -7.003  1.00 21.30 ? 23  LEU A C   1 
ATOM   158  O O   . LEU A 1 23  ? -14.086 -7.005  -6.283  1.00 19.91 ? 23  LEU A O   1 
ATOM   159  C CB  . LEU A 1 23  ? -11.305 -7.910  -5.655  1.00 23.15 ? 23  LEU A CB  1 
ATOM   160  C CG  . LEU A 1 23  ? -10.360 -8.759  -4.774  1.00 27.13 ? 23  LEU A CG  1 
ATOM   161  C CD1 . LEU A 1 23  ? -9.240  -7.879  -4.197  1.00 22.36 ? 23  LEU A CD1 1 
ATOM   162  C CD2 . LEU A 1 23  ? -11.147 -9.469  -3.654  1.00 22.91 ? 23  LEU A CD2 1 
ATOM   163  N N   . GLY A 1 24  ? -13.535 -7.756  -8.332  1.00 22.47 ? 24  GLY A N   1 
ATOM   164  C CA  . GLY A 1 24  ? -14.605 -7.028  -9.006  1.00 18.64 ? 24  GLY A CA  1 
ATOM   165  C C   . GLY A 1 24  ? -14.204 -5.720  -9.651  1.00 20.19 ? 24  GLY A C   1 
ATOM   166  O O   . GLY A 1 24  ? -15.057 -4.881  -9.953  1.00 21.11 ? 24  GLY A O   1 
ATOM   167  N N   . LEU A 1 25  ? -12.903 -5.539  -9.873  1.00 21.94 ? 25  LEU A N   1 
ATOM   168  C CA  . LEU A 1 25  ? -12.377 -4.340  -10.528 1.00 22.38 ? 25  LEU A CA  1 
ATOM   169  C C   . LEU A 1 25  ? -12.171 -4.597  -12.019 1.00 23.83 ? 25  LEU A C   1 
ATOM   170  O O   . LEU A 1 25  ? -11.421 -5.494  -12.417 1.00 22.04 ? 25  LEU A O   1 
ATOM   171  C CB  . LEU A 1 25  ? -11.014 -3.935  -9.948  1.00 21.52 ? 25  LEU A CB  1 
ATOM   172  C CG  . LEU A 1 25  ? -10.822 -3.095  -8.692  1.00 24.11 ? 25  LEU A CG  1 
ATOM   173  C CD1 . LEU A 1 25  ? -11.523 -1.784  -8.858  1.00 26.31 ? 25  LEU A CD1 1 
ATOM   174  C CD2 . LEU A 1 25  ? -11.319 -3.867  -7.473  1.00 25.31 ? 25  LEU A CD2 1 
ATOM   175  N N   . HIS A 1 26  ? -12.701 -3.693  -12.830 1.00 27.33 ? 26  HIS A N   1 
ATOM   176  C CA  . HIS A 1 26  ? -12.315 -3.622  -14.233 1.00 30.72 ? 26  HIS A CA  1 
ATOM   177  C C   . HIS A 1 26  ? -10.839 -3.215  -14.357 1.00 30.28 ? 26  HIS A C   1 
ATOM   178  O O   . HIS A 1 26  ? -10.356 -2.390  -13.583 1.00 32.24 ? 26  HIS A O   1 
ATOM   179  C CB  . HIS A 1 26  ? -13.202 -2.606  -14.949 1.00 35.03 ? 26  HIS A CB  1 
ATOM   180  C CG  . HIS A 1 26  ? -14.656 -2.968  -14.937 1.00 39.71 ? 26  HIS A CG  1 
ATOM   181  N ND1 . HIS A 1 26  ? -15.234 -3.767  -15.901 1.00 40.72 ? 26  HIS A ND1 1 
ATOM   182  C CD2 . HIS A 1 26  ? -15.640 -2.658  -14.063 1.00 38.99 ? 26  HIS A CD2 1 
ATOM   183  C CE1 . HIS A 1 26  ? -16.518 -3.922  -15.625 1.00 39.92 ? 26  HIS A CE1 1 
ATOM   184  N NE2 . HIS A 1 26  ? -16.790 -3.255  -14.519 1.00 39.81 ? 26  HIS A NE2 1 
ATOM   185  N N   . PRO A 1 27  ? -10.143 -3.691  -15.399 1.00 28.45 ? 27  PRO A N   1 
ATOM   186  C CA  . PRO A 1 27  ? -8.690  -3.506  -15.462 1.00 24.28 ? 27  PRO A CA  1 
ATOM   187  C C   . PRO A 1 27  ? -8.275  -2.191  -16.094 1.00 23.59 ? 27  PRO A C   1 
ATOM   188  O O   . PRO A 1 27  ? -7.417  -2.173  -16.956 1.00 28.42 ? 27  PRO A O   1 
ATOM   189  C CB  . PRO A 1 27  ? -8.232  -4.682  -16.305 1.00 27.20 ? 27  PRO A CB  1 
ATOM   190  C CG  . PRO A 1 27  ? -9.374  -4.841  -17.295 1.00 31.25 ? 27  PRO A CG  1 
ATOM   191  C CD  . PRO A 1 27  ? -10.620 -4.600  -16.457 1.00 30.37 ? 27  PRO A CD  1 
ATOM   192  N N   . ASN A 1 28  ? -8.791  -1.085  -15.585 1.00 21.98 ? 28  ASN A N   1 
ATOM   193  C CA  . ASN A 1 28  ? -8.350  0.223   -16.055 1.00 25.40 ? 28  ASN A CA  1 
ATOM   194  C C   . ASN A 1 28  ? -7.120  0.691   -15.301 1.00 24.12 ? 28  ASN A C   1 
ATOM   195  O O   . ASN A 1 28  ? -6.582  1.760   -15.577 1.00 25.78 ? 28  ASN A O   1 
ATOM   196  C CB  . ASN A 1 28  ? -9.455  1.273   -15.908 1.00 29.65 ? 28  ASN A CB  1 
ATOM   197  C CG  . ASN A 1 28  ? -10.237 1.120   -14.634 1.00 36.22 ? 28  ASN A CG  1 
ATOM   198  O OD1 . ASN A 1 28  ? -10.399 2.063   -13.854 1.00 39.03 ? 28  ASN A OD1 1 
ATOM   199  N ND2 . ASN A 1 28  ? -10.870 -0.022  -14.497 1.00 39.95 ? 28  ASN A ND2 1 
ATOM   200  N N   . TRP A 1 29  ? -6.848  0.007   -14.194 1.00 22.87 ? 29  TRP A N   1 
ATOM   201  C CA  . TRP A 1 29  ? -5.596  0.167   -13.458 1.00 21.65 ? 29  TRP A CA  1 
ATOM   202  C C   . TRP A 1 29  ? -5.001  -1.218  -13.340 1.00 19.35 ? 29  TRP A C   1 
ATOM   203  O O   . TRP A 1 29  ? -5.735  -2.186  -13.114 1.00 21.87 ? 29  TRP A O   1 
ATOM   204  C CB  . TRP A 1 29  ? -5.846  0.745   -12.055 1.00 19.38 ? 29  TRP A CB  1 
ATOM   205  C CG  . TRP A 1 29  ? -6.284  2.161   -12.037 1.00 18.45 ? 29  TRP A CG  1 
ATOM   206  C CD1 . TRP A 1 29  ? -7.569  2.606   -12.059 1.00 19.49 ? 29  TRP A CD1 1 
ATOM   207  C CD2 . TRP A 1 29  ? -5.452  3.331   -12.037 1.00 18.42 ? 29  TRP A CD2 1 
ATOM   208  N NE1 . TRP A 1 29  ? -7.598  3.978   -12.085 1.00 19.40 ? 29  TRP A NE1 1 
ATOM   209  C CE2 . TRP A 1 29  ? -6.311  4.454   -12.079 1.00 19.19 ? 29  TRP A CE2 1 
ATOM   210  C CE3 . TRP A 1 29  ? -4.066  3.546   -12.022 1.00 19.40 ? 29  TRP A CE3 1 
ATOM   211  C CZ2 . TRP A 1 29  ? -5.832  5.773   -12.109 1.00 19.87 ? 29  TRP A CZ2 1 
ATOM   212  C CZ3 . TRP A 1 29  ? -3.587  4.864   -12.056 1.00 18.65 ? 29  TRP A CZ3 1 
ATOM   213  C CH2 . TRP A 1 29  ? -4.470  5.954   -12.097 1.00 18.95 ? 29  TRP A CH2 1 
ATOM   214  N N   . GLN A 1 30  ? -3.702  -1.341  -13.622 1.00 19.97 ? 30  GLN A N   1 
ATOM   215  C CA  . GLN A 1 30  ? -3.003  -2.627  -13.502 1.00 19.00 ? 30  GLN A CA  1 
ATOM   216  C C   . GLN A 1 30  ? -1.636  -2.450  -12.842 1.00 18.13 ? 30  GLN A C   1 
ATOM   217  O O   . GLN A 1 30  ? -0.952  -1.457  -13.091 1.00 19.67 ? 30  GLN A O   1 
ATOM   218  C CB  . GLN A 1 30  ? -2.819  -3.252  -14.890 1.00 20.67 ? 30  GLN A CB  1 
ATOM   219  C CG  . GLN A 1 30  ? -4.133  -3.487  -15.638 1.00 21.49 ? 30  GLN A CG  1 
ATOM   220  C CD  . GLN A 1 30  ? -4.795  -4.753  -15.207 1.00 20.18 ? 30  GLN A CD  1 
ATOM   221  O OE1 . GLN A 1 30  ? -4.420  -5.822  -15.652 1.00 23.21 ? 30  GLN A OE1 1 
ATOM   222  N NE2 . GLN A 1 30  ? -5.668  -4.663  -14.217 1.00 22.75 ? 30  GLN A NE2 1 
ATOM   223  N N   . PHE A 1 31  ? -1.254  -3.383  -11.981 1.00 18.15 ? 31  PHE A N   1 
ATOM   224  C CA  . PHE A 1 31  ? 0.094   -3.369  -11.412 1.00 18.12 ? 31  PHE A CA  1 
ATOM   225  C C   . PHE A 1 31  ? 1.151   -3.741  -12.431 1.00 20.44 ? 31  PHE A C   1 
ATOM   226  O O   . PHE A 1 31  ? 0.961   -4.656  -13.243 1.00 21.52 ? 31  PHE A O   1 
ATOM   227  C CB  . PHE A 1 31  ? 0.197   -4.322  -10.224 1.00 18.21 ? 31  PHE A CB  1 
ATOM   228  C CG  . PHE A 1 31  ? -0.425  -3.780  -8.960  1.00 21.78 ? 31  PHE A CG  1 
ATOM   229  C CD1 . PHE A 1 31  ? 0.264   -2.854  -8.162  1.00 20.73 ? 31  PHE A CD1 1 
ATOM   230  C CD2 . PHE A 1 31  ? -1.708  -4.169  -8.574  1.00 18.71 ? 31  PHE A CD2 1 
ATOM   231  C CE1 . PHE A 1 31  ? -0.316  -2.336  -7.000  1.00 17.15 ? 31  PHE A CE1 1 
ATOM   232  C CE2 . PHE A 1 31  ? -2.295  -3.652  -7.408  1.00 18.40 ? 31  PHE A CE2 1 
ATOM   233  C CZ  . PHE A 1 31  ? -1.594  -2.733  -6.622  1.00 16.61 ? 31  PHE A CZ  1 
ATOM   234  N N   . VAL A 1 32  ? 2.291   -3.066  -12.351 1.00 21.92 ? 32  VAL A N   1 
ATOM   235  C CA  . VAL A 1 32  ? 3.476   -3.414  -13.139 1.00 20.67 ? 32  VAL A CA  1 
ATOM   236  C C   . VAL A 1 32  ? 4.679   -3.504  -12.191 1.00 21.19 ? 32  VAL A C   1 
ATOM   237  O O   . VAL A 1 32  ? 4.644   -2.951  -11.091 1.00 19.52 ? 32  VAL A O   1 
ATOM   238  C CB  . VAL A 1 32  ? 3.757   -2.338  -14.251 1.00 20.87 ? 32  VAL A CB  1 
ATOM   239  C CG1 . VAL A 1 32  ? 2.632   -2.319  -15.270 1.00 23.52 ? 32  VAL A CG1 1 
ATOM   240  C CG2 . VAL A 1 32  ? 3.884   -0.943  -13.652 1.00 18.97 ? 32  VAL A CG2 1 
ATOM   241  N N   . ASP A 1 33  ? 5.713   -4.239  -12.584 1.00 20.92 ? 33  ASP A N   1 
ATOM   242  C CA  . ASP A 1 33  ? 6.982   -4.214  -11.849 1.00 24.10 ? 33  ASP A CA  1 
ATOM   243  C C   . ASP A 1 33  ? 7.615   -2.843  -11.905 1.00 24.54 ? 33  ASP A C   1 
ATOM   244  O O   . ASP A 1 33  ? 7.519   -2.164  -12.929 1.00 25.36 ? 33  ASP A O   1 
ATOM   245  C CB  . ASP A 1 33  ? 7.966   -5.200  -12.439 1.00 23.40 ? 33  ASP A CB  1 
ATOM   246  C CG  . ASP A 1 33  ? 7.584   -6.606  -12.174 1.00 28.62 ? 33  ASP A CG  1 
ATOM   247  O OD1 . ASP A 1 33  ? 7.432   -6.943  -10.981 1.00 31.38 ? 33  ASP A OD1 1 
ATOM   248  O OD2 . ASP A 1 33  ? 7.369   -7.355  -13.154 1.00 31.16 ? 33  ASP A OD2 1 
ATOM   249  N N   . VAL A 1 34  ? 8.202   -2.398  -10.800 1.00 23.21 ? 34  VAL A N   1 
ATOM   250  C CA  . VAL A 1 34  ? 9.172   -1.316  -10.889 1.00 26.15 ? 34  VAL A CA  1 
ATOM   251  C C   . VAL A 1 34  ? 10.564  -1.968  -10.879 1.00 26.65 ? 34  VAL A C   1 
ATOM   252  O O   . VAL A 1 34  ? 10.867  -2.779  -10.008 1.00 27.57 ? 34  VAL A O   1 
ATOM   253  C CB  . VAL A 1 34  ? 9.027   -0.307  -9.733  1.00 25.11 ? 34  VAL A CB  1 
ATOM   254  C CG1 . VAL A 1 34  ? 10.074  0.790   -9.881  1.00 24.72 ? 34  VAL A CG1 1 
ATOM   255  C CG2 . VAL A 1 34  ? 7.614   0.294   -9.730  1.00 23.17 ? 34  VAL A CG2 1 
ATOM   256  N N   . TYR A 1 35  ? 11.273  -1.851  -11.994 1.00 26.68 ? 35  TYR A N   1 
ATOM   257  C CA  . TYR A 1 35  ? 12.468  -2.662  -12.201 1.00 26.52 ? 35  TYR A CA  1 
ATOM   258  C C   . TYR A 1 35  ? 13.677  -2.122  -11.436 1.00 28.14 ? 35  TYR A C   1 
ATOM   259  O O   . TYR A 1 35  ? 14.551  -2.883  -11.024 1.00 31.16 ? 35  TYR A O   1 
ATOM   260  C CB  . TYR A 1 35  ? 12.766  -2.786  -13.702 1.00 25.88 ? 35  TYR A CB  1 
ATOM   261  C CG  . TYR A 1 35  ? 11.858  -3.788  -14.389 1.00 22.69 ? 35  TYR A CG  1 
ATOM   262  C CD1 . TYR A 1 35  ? 12.048  -5.153  -14.198 1.00 24.37 ? 35  TYR A CD1 1 
ATOM   263  C CD2 . TYR A 1 35  ? 10.739  -3.373  -15.115 1.00 22.08 ? 35  TYR A CD2 1 
ATOM   264  C CE1 . TYR A 1 35  ? 11.152  -6.078  -14.696 1.00 23.29 ? 35  TYR A CE1 1 
ATOM   265  C CE2 . TYR A 1 35  ? 9.831   -4.298  -15.619 1.00 18.63 ? 35  TYR A CE2 1 
ATOM   266  C CZ  . TYR A 1 35  ? 10.046  -5.644  -15.401 1.00 21.25 ? 35  TYR A CZ  1 
ATOM   267  O OH  . TYR A 1 35  ? 9.168   -6.577  -15.898 1.00 22.79 ? 35  TYR A OH  1 
ATOM   268  N N   . GLY A 1 36  ? 13.683  -0.814  -11.210 1.00 30.78 ? 36  GLY A N   1 
ATOM   269  C CA  . GLY A 1 36  ? 14.634  -0.206  -10.291 1.00 35.11 ? 36  GLY A CA  1 
ATOM   270  C C   . GLY A 1 36  ? 14.194  1.205   -9.940  1.00 37.27 ? 36  GLY A C   1 
ATOM   271  O O   . GLY A 1 36  ? 13.182  1.672   -10.454 1.00 38.81 ? 36  GLY A O   1 
ATOM   272  N N   . MET A 1 37  ? 14.945  1.883   -9.074  1.00 41.81 ? 37  MET A N   1 
ATOM   273  C CA  . MET A 1 37  ? 14.673  3.287   -8.732  1.00 44.35 ? 37  MET A CA  1 
ATOM   274  C C   . MET A 1 37  ? 15.418  4.236   -9.680  1.00 45.24 ? 37  MET A C   1 
ATOM   275  O O   . MET A 1 37  ? 15.189  5.442   -9.677  1.00 48.93 ? 37  MET A O   1 
ATOM   276  C CB  . MET A 1 37  ? 15.085  3.593   -7.283  1.00 48.91 ? 37  MET A CB  1 
ATOM   277  C CG  . MET A 1 37  ? 15.012  2.420   -6.300  1.00 53.53 ? 37  MET A CG  1 
ATOM   278  S SD  . MET A 1 37  ? 13.349  1.770   -6.049  1.00 65.33 ? 37  MET A SD  1 
ATOM   279  C CE  . MET A 1 37  ? 13.556  0.799   -4.550  1.00 58.45 ? 37  MET A CE  1 
ATOM   280  N N   . ASP A 1 38  ? 16.384  3.695   -10.413 1.00 44.40 ? 38  ASP A N   1 
ATOM   281  C CA  . ASP A 1 38  ? 17.060  4.399   -11.500 1.00 44.85 ? 38  ASP A CA  1 
ATOM   282  C C   . ASP A 1 38  ? 16.045  5.048   -12.450 1.00 42.01 ? 38  ASP A C   1 
ATOM   283  O O   . ASP A 1 38  ? 15.122  4.391   -12.921 1.00 38.13 ? 38  ASP A O   1 
ATOM   284  C CB  . ASP A 1 38  ? 17.907  3.387   -12.284 1.00 54.39 ? 38  ASP A CB  1 
ATOM   285  C CG  . ASP A 1 38  ? 19.136  4.004   -12.944 1.00 61.36 ? 38  ASP A CG  1 
ATOM   286  O OD1 . ASP A 1 38  ? 19.174  5.232   -13.179 1.00 65.74 ? 38  ASP A OD1 1 
ATOM   287  O OD2 . ASP A 1 38  ? 20.057  3.228   -13.289 1.00 67.49 ? 38  ASP A OD2 1 
ATOM   288  N N   . PRO A 1 39  ? 16.307  6.294   -12.871 1.00 42.09 ? 39  PRO A N   1 
ATOM   289  C CA  . PRO A 1 39  ? 15.512  6.987   -13.897 1.00 40.63 ? 39  PRO A CA  1 
ATOM   290  C C   . PRO A 1 39  ? 15.269  6.171   -15.162 1.00 40.33 ? 39  PRO A C   1 
ATOM   291  O O   . PRO A 1 39  ? 14.250  6.333   -15.830 1.00 40.35 ? 39  PRO A O   1 
ATOM   292  C CB  . PRO A 1 39  ? 16.337  8.229   -14.209 1.00 40.54 ? 39  PRO A CB  1 
ATOM   293  C CG  . PRO A 1 39  ? 17.085  8.506   -12.947 1.00 42.45 ? 39  PRO A CG  1 
ATOM   294  C CD  . PRO A 1 39  ? 17.232  7.214   -12.181 1.00 43.41 ? 39  PRO A CD  1 
ATOM   295  N N   . GLU A 1 40  ? 16.265  5.388   -15.554 1.00 39.70 ? 40  GLU A N   1 
ATOM   296  C CA  . GLU A 1 40  ? 16.161  4.583   -16.768 1.00 39.58 ? 40  GLU A CA  1 
ATOM   297  C C   . GLU A 1 40  ? 15.099  3.496   -16.632 1.00 38.35 ? 40  GLU A C   1 
ATOM   298  O O   . GLU A 1 40  ? 14.361  3.211   -17.578 1.00 39.28 ? 40  GLU A O   1 
ATOM   299  C CB  . GLU A 1 40  ? 17.519  3.964   -17.111 1.00 38.40 ? 40  GLU A CB  1 
ATOM   300  C CG  . GLU A 1 40  ? 18.462  4.949   -17.791 1.00 39.64 ? 40  GLU A CG  1 
ATOM   301  C CD  . GLU A 1 40  ? 19.909  4.461   -17.910 1.00 39.81 ? 40  GLU A CD  1 
ATOM   302  O OE1 . GLU A 1 40  ? 20.348  3.589   -17.112 1.00 35.20 ? 40  GLU A OE1 1 
ATOM   303  O OE2 . GLU A 1 40  ? 20.627  5.030   -18.765 1.00 37.81 ? 40  GLU A OE2 1 
ATOM   304  N N   . LEU A 1 41  ? 14.980  2.937   -15.432 1.00 36.49 ? 41  LEU A N   1 
ATOM   305  C CA  . LEU A 1 41  ? 13.969  1.917   -15.158 1.00 35.44 ? 41  LEU A CA  1 
ATOM   306  C C   . LEU A 1 41  ? 12.664  2.507   -14.615 1.00 34.73 ? 41  LEU A C   1 
ATOM   307  O O   . LEU A 1 41  ? 11.579  2.019   -14.936 1.00 35.09 ? 41  LEU A O   1 
ATOM   308  C CB  . LEU A 1 41  ? 14.527  0.869   -14.200 1.00 34.47 ? 41  LEU A CB  1 
ATOM   309  C CG  . LEU A 1 41  ? 15.716  0.094   -14.776 1.00 33.48 ? 41  LEU A CG  1 
ATOM   310  C CD1 . LEU A 1 41  ? 16.401  -0.697  -13.685 1.00 34.40 ? 41  LEU A CD1 1 
ATOM   311  C CD2 . LEU A 1 41  ? 15.240  -0.820  -15.874 1.00 26.42 ? 41  LEU A CD2 1 
ATOM   312  N N   . LEU A 1 42  ? 12.755  3.659   -13.954 1.00 33.06 ? 42  LEU A N   1 
ATOM   313  C CA  . LEU A 1 42  ? 11.563  4.335   -13.458 1.00 31.32 ? 42  LEU A CA  1 
ATOM   314  C C   . LEU A 1 42  ? 10.714  4.866   -14.608 1.00 31.86 ? 42  LEU A C   1 
ATOM   315  O O   . LEU A 1 42  ? 9.491   4.735   -14.601 1.00 31.41 ? 42  LEU A O   1 
ATOM   316  C CB  . LEU A 1 42  ? 11.938  5.497   -12.536 1.00 31.53 ? 42  LEU A CB  1 
ATOM   317  C CG  . LEU A 1 42  ? 11.607  5.448   -11.040 1.00 34.19 ? 42  LEU A CG  1 
ATOM   318  C CD1 . LEU A 1 42  ? 11.316  6.864   -10.578 1.00 37.43 ? 42  LEU A CD1 1 
ATOM   319  C CD2 . LEU A 1 42  ? 10.419  4.555   -10.751 1.00 33.17 ? 42  LEU A CD2 1 
ATOM   320  N N   . SER A 1 43  ? 11.360  5.442   -15.614 1.00 32.09 ? 43  SER A N   1 
ATOM   321  C CA  . SER A 1 43  ? 10.628  6.030   -16.739 1.00 30.91 ? 43  SER A CA  1 
ATOM   322  C C   . SER A 1 43  ? 9.866   4.984   -17.571 1.00 27.31 ? 43  SER A C   1 
ATOM   323  O O   . SER A 1 43  ? 8.958   5.321   -18.319 1.00 27.97 ? 43  SER A O   1 
ATOM   324  C CB  . SER A 1 43  ? 11.587  6.823   -17.634 1.00 30.06 ? 43  SER A CB  1 
ATOM   325  O OG  . SER A 1 43  ? 12.756  6.076   -17.900 1.00 33.39 ? 43  SER A OG  1 
ATOM   326  N N   . MET A 1 44  ? 10.170  3.712   -17.358 1.00 24.99 ? 44  MET A N   1 
ATOM   327  C CA  . MET A 1 44  ? 9.417   2.638   -17.993 1.00 27.37 ? 44  MET A CA  1 
ATOM   328  C C   . MET A 1 44  ? 7.999   2.410   -17.436 1.00 30.11 ? 44  MET A C   1 
ATOM   329  O O   . MET A 1 44  ? 7.220   1.644   -18.005 1.00 31.53 ? 44  MET A O   1 
ATOM   330  C CB  . MET A 1 44  ? 10.171  1.325   -17.874 1.00 29.97 ? 44  MET A CB  1 
ATOM   331  C CG  . MET A 1 44  ? 11.343  1.164   -18.788 1.00 30.45 ? 44  MET A CG  1 
ATOM   332  S SD  . MET A 1 44  ? 12.210  -0.290  -18.233 1.00 40.12 ? 44  MET A SD  1 
ATOM   333  C CE  . MET A 1 44  ? 11.122  -1.586  -18.833 1.00 38.79 ? 44  MET A CE  1 
ATOM   334  N N   . VAL A 1 45  ? 7.723   2.911   -16.240 1.00 29.44 ? 45  VAL A N   1 
ATOM   335  C CA  . VAL A 1 45  ? 6.437   2.638   -15.605 1.00 26.30 ? 45  VAL A CA  1 
ATOM   336  C C   . VAL A 1 45  ? 5.295   3.438   -16.250 1.00 26.01 ? 45  VAL A C   1 
ATOM   337  O O   . VAL A 1 45  ? 5.376   4.659   -16.395 1.00 25.56 ? 45  VAL A O   1 
ATOM   338  C CB  . VAL A 1 45  ? 6.497   2.939   -14.091 1.00 24.98 ? 45  VAL A CB  1 
ATOM   339  C CG1 . VAL A 1 45  ? 5.134   2.697   -13.432 1.00 21.57 ? 45  VAL A CG1 1 
ATOM   340  C CG2 . VAL A 1 45  ? 7.563   2.074   -13.449 1.00 23.63 ? 45  VAL A CG2 1 
ATOM   341  N N   . PRO A 1 46  ? 4.233   2.751   -16.687 1.00 26.96 ? 46  PRO A N   1 
ATOM   342  C CA  . PRO A 1 46  ? 3.052   3.432   -17.217 1.00 26.67 ? 46  PRO A CA  1 
ATOM   343  C C   . PRO A 1 46  ? 2.474   4.389   -16.198 1.00 26.63 ? 46  PRO A C   1 
ATOM   344  O O   . PRO A 1 46  ? 2.468   4.087   -15.018 1.00 29.14 ? 46  PRO A O   1 
ATOM   345  C CB  . PRO A 1 46  ? 2.087   2.289   -17.517 1.00 26.01 ? 46  PRO A CB  1 
ATOM   346  C CG  . PRO A 1 46  ? 2.961   1.120   -17.746 1.00 24.45 ? 46  PRO A CG  1 
ATOM   347  C CD  . PRO A 1 46  ? 4.089   1.287   -16.778 1.00 28.85 ? 46  PRO A CD  1 
ATOM   348  N N   . ARG A 1 47  ? 2.085   5.577   -16.643 1.00 28.89 ? 47  ARG A N   1 
ATOM   349  C CA  . ARG A 1 47  ? 1.442   6.568   -15.779 1.00 31.96 ? 47  ARG A CA  1 
ATOM   350  C C   . ARG A 1 47  ? 0.015   6.851   -16.250 1.00 31.57 ? 47  ARG A C   1 
ATOM   351  O O   . ARG A 1 47  ? -0.352  6.505   -17.373 1.00 35.91 ? 47  ARG A O   1 
ATOM   352  C CB  . ARG A 1 47  ? 2.223   7.879   -15.787 1.00 38.74 ? 47  ARG A CB  1 
ATOM   353  C CG  . ARG A 1 47  ? 3.695   7.714   -15.608 1.00 45.55 ? 47  ARG A CG  1 
ATOM   354  C CD  . ARG A 1 47  ? 4.151   8.419   -14.365 1.00 53.22 ? 47  ARG A CD  1 
ATOM   355  N NE  . ARG A 1 47  ? 5.592   8.259   -14.213 1.00 57.19 ? 47  ARG A NE  1 
ATOM   356  C CZ  . ARG A 1 47  ? 6.393   9.162   -13.660 1.00 59.13 ? 47  ARG A CZ  1 
ATOM   357  N NH1 . ARG A 1 47  ? 5.877   10.184  -12.977 1.00 57.19 ? 47  ARG A NH1 1 
ATOM   358  N NH2 . ARG A 1 47  ? 7.710   9.000   -13.738 1.00 58.34 ? 47  ARG A NH2 1 
ATOM   359  N N   . PRO A 1 48  ? -0.789  7.532   -15.422 1.00 28.07 ? 48  PRO A N   1 
ATOM   360  C CA  . PRO A 1 48  ? -0.556  7.830   -14.007 1.00 27.18 ? 48  PRO A CA  1 
ATOM   361  C C   . PRO A 1 48  ? -0.357  6.571   -13.167 1.00 26.56 ? 48  PRO A C   1 
ATOM   362  O O   . PRO A 1 48  ? -0.743  5.472   -13.578 1.00 24.00 ? 48  PRO A O   1 
ATOM   363  C CB  . PRO A 1 48  ? -1.824  8.568   -13.591 1.00 25.16 ? 48  PRO A CB  1 
ATOM   364  C CG  . PRO A 1 48  ? -2.348  9.118   -14.834 1.00 30.03 ? 48  PRO A CG  1 
ATOM   365  C CD  . PRO A 1 48  ? -2.093  8.052   -15.847 1.00 29.27 ? 48  PRO A CD  1 
ATOM   366  N N   . VAL A 1 49  ? 0.396   6.728   -12.078 1.00 25.54 ? 49  VAL A N   1 
ATOM   367  C CA  . VAL A 1 49  ? 0.510   5.718   -11.028 1.00 21.73 ? 49  VAL A CA  1 
ATOM   368  C C   . VAL A 1 49  ? -0.279  6.224   -9.821  1.00 17.83 ? 49  VAL A C   1 
ATOM   369  O O   . VAL A 1 49  ? -0.168  7.388   -9.471  1.00 19.33 ? 49  VAL A O   1 
ATOM   370  C CB  . VAL A 1 49  ? 1.990   5.535   -10.628 1.00 22.26 ? 49  VAL A CB  1 
ATOM   371  C CG1 . VAL A 1 49  ? 2.116   4.569   -9.459  1.00 20.99 ? 49  VAL A CG1 1 
ATOM   372  C CG2 . VAL A 1 49  ? 2.780   5.022   -11.810 1.00 21.69 ? 49  VAL A CG2 1 
ATOM   373  N N   . CYS A 1 50  ? -1.182  5.413   -9.276  1.00 19.34 ? 50  CYS A N   1 
ATOM   374  C CA  . CYS A 1 50  ? -1.914  5.858   -8.085  1.00 19.43 ? 50  CYS A CA  1 
ATOM   375  C C   . CYS A 1 50  ? -1.555  5.109   -6.799  1.00 18.64 ? 50  CYS A C   1 
ATOM   376  O O   . CYS A 1 50  ? -2.079  5.412   -5.731  1.00 21.41 ? 50  CYS A O   1 
ATOM   377  C CB  . CYS A 1 50  ? -3.429  5.804   -8.302  1.00 18.28 ? 50  CYS A CB  1 
ATOM   378  S SG  . CYS A 1 50  ? -4.091  4.155   -8.425  1.00 22.22 ? 50  CYS A SG  1 
ATOM   379  N N   . ALA A 1 51  ? -0.609  4.189   -6.880  1.00 16.97 ? 51  ALA A N   1 
ATOM   380  C CA  . ALA A 1 51  ? -0.157  3.496   -5.692  1.00 12.98 ? 51  ALA A CA  1 
ATOM   381  C C   . ALA A 1 51  ? 1.107   2.754   -6.001  1.00 17.22 ? 51  ALA A C   1 
ATOM   382  O O   . ALA A 1 51  ? 1.269   2.214   -7.088  1.00 18.29 ? 51  ALA A O   1 
ATOM   383  C CB  . ALA A 1 51  ? -1.216  2.524   -5.211  1.00 15.92 ? 51  ALA A CB  1 
ATOM   384  N N   . VAL A 1 52  ? 2.012   2.720   -5.031  1.00 16.94 ? 52  VAL A N   1 
ATOM   385  C CA  . VAL A 1 52  ? 3.182   1.844   -5.099  1.00 16.89 ? 52  VAL A CA  1 
ATOM   386  C C   . VAL A 1 52  ? 3.110   0.874   -3.916  1.00 15.15 ? 52  VAL A C   1 
ATOM   387  O O   . VAL A 1 52  ? 2.838   1.284   -2.776  1.00 18.19 ? 52  VAL A O   1 
ATOM   388  C CB  . VAL A 1 52  ? 4.526   2.678   -5.028  1.00 14.71 ? 52  VAL A CB  1 
ATOM   389  C CG1 . VAL A 1 52  ? 5.722   1.751   -4.983  1.00 14.13 ? 52  VAL A CG1 1 
ATOM   390  C CG2 . VAL A 1 52  ? 4.628   3.638   -6.210  1.00 15.31 ? 52  VAL A CG2 1 
ATOM   391  N N   . LEU A 1 53  ? 3.238   -0.410  -4.195  1.00 12.59 ? 53  LEU A N   1 
ATOM   392  C CA  . LEU A 1 53  ? 3.395   -1.379  -3.137  1.00 14.74 ? 53  LEU A CA  1 
ATOM   393  C C   . LEU A 1 53  ? 4.865   -1.809  -3.022  1.00 20.78 ? 53  LEU A C   1 
ATOM   394  O O   . LEU A 1 53  ? 5.531   -2.036  -4.035  1.00 15.78 ? 53  LEU A O   1 
ATOM   395  C CB  . LEU A 1 53  ? 2.500   -2.593  -3.382  1.00 16.32 ? 53  LEU A CB  1 
ATOM   396  C CG  . LEU A 1 53  ? 1.125   -2.634  -2.685  1.00 18.05 ? 53  LEU A CG  1 
ATOM   397  C CD1 . LEU A 1 53  ? 0.392   -1.350  -2.919  1.00 16.19 ? 53  LEU A CD1 1 
ATOM   398  C CD2 . LEU A 1 53  ? 0.317   -3.824  -3.196  1.00 15.85 ? 53  LEU A CD2 1 
ATOM   399  N N   . LEU A 1 54  ? 5.402   -1.739  -1.800  1.00 19.44 ? 54  LEU A N   1 
ATOM   400  C CA  . LEU A 1 54  ? 6.785   -2.137  -1.541  1.00 19.71 ? 54  LEU A CA  1 
ATOM   401  C C   . LEU A 1 54  ? 6.829   -3.364  -0.666  1.00 19.65 ? 54  LEU A C   1 
ATOM   402  O O   . LEU A 1 54  ? 6.164   -3.419  0.388   1.00 16.10 ? 54  LEU A O   1 
ATOM   403  C CB  . LEU A 1 54  ? 7.582   -0.998  -0.876  1.00 19.22 ? 54  LEU A CB  1 
ATOM   404  C CG  . LEU A 1 54  ? 9.037   -1.274  -0.462  1.00 18.95 ? 54  LEU A CG  1 
ATOM   405  C CD1 . LEU A 1 54  ? 9.917   -1.509  -1.692  1.00 15.60 ? 54  LEU A CD1 1 
ATOM   406  C CD2 . LEU A 1 54  ? 9.559   -0.079  0.317   1.00 18.59 ? 54  LEU A CD2 1 
ATOM   407  N N   . LEU A 1 55  ? 7.500   -4.389  -1.193  1.00 19.34 ? 55  LEU A N   1 
ATOM   408  C CA  . LEU A 1 55  ? 7.815   -5.612  -0.453  1.00 19.42 ? 55  LEU A CA  1 
ATOM   409  C C   . LEU A 1 55  ? 9.244   -5.531  0.070   1.00 22.01 ? 55  LEU A C   1 
ATOM   410  O O   . LEU A 1 55  ? 10.189  -5.378  -0.709  1.00 19.66 ? 55  LEU A O   1 
ATOM   411  C CB  . LEU A 1 55  ? 7.675   -6.838  -1.358  1.00 18.64 ? 55  LEU A CB  1 
ATOM   412  C CG  . LEU A 1 55  ? 7.910   -8.198  -0.698  1.00 20.11 ? 55  LEU A CG  1 
ATOM   413  C CD1 . LEU A 1 55  ? 6.784   -8.553  0.277   1.00 22.00 ? 55  LEU A CD1 1 
ATOM   414  C CD2 . LEU A 1 55  ? 7.998   -9.253  -1.777  1.00 22.10 ? 55  LEU A CD2 1 
ATOM   415  N N   . PHE A 1 56  ? 9.392   -5.605  1.389   1.00 21.06 ? 56  PHE A N   1 
ATOM   416  C CA  . PHE A 1 56  ? 10.698  -5.434  2.025   1.00 20.59 ? 56  PHE A CA  1 
ATOM   417  C C   . PHE A 1 56  ? 10.791  -6.349  3.238   1.00 22.28 ? 56  PHE A C   1 
ATOM   418  O O   . PHE A 1 56  ? 9.782   -6.935  3.662   1.00 21.61 ? 56  PHE A O   1 
ATOM   419  C CB  . PHE A 1 56  ? 10.907  -3.961  2.413   1.00 16.88 ? 56  PHE A CB  1 
ATOM   420  C CG  . PHE A 1 56  ? 10.059  -3.502  3.556   1.00 23.60 ? 56  PHE A CG  1 
ATOM   421  C CD1 . PHE A 1 56  ? 10.501  -3.645  4.871   1.00 25.11 ? 56  PHE A CD1 1 
ATOM   422  C CD2 . PHE A 1 56  ? 8.811   -2.929  3.332   1.00 23.92 ? 56  PHE A CD2 1 
ATOM   423  C CE1 . PHE A 1 56  ? 9.708   -3.232  5.938   1.00 27.68 ? 56  PHE A CE1 1 
ATOM   424  C CE2 . PHE A 1 56  ? 8.012   -2.508  4.401   1.00 23.11 ? 56  PHE A CE2 1 
ATOM   425  C CZ  . PHE A 1 56  ? 8.457   -2.661  5.697   1.00 26.70 ? 56  PHE A CZ  1 
ATOM   426  N N   . PRO A 1 57  ? 12.011  -6.551  3.780   1.00 27.77 ? 57  PRO A N   1 
ATOM   427  C CA  . PRO A 1 57  ? 12.146  -7.473  4.922   1.00 26.56 ? 57  PRO A CA  1 
ATOM   428  C C   . PRO A 1 57  ? 12.165  -6.779  6.301   1.00 23.83 ? 57  PRO A C   1 
ATOM   429  O O   . PRO A 1 57  ? 12.684  -5.670  6.457   1.00 23.72 ? 57  PRO A O   1 
ATOM   430  C CB  . PRO A 1 57  ? 13.442  -8.223  4.606   1.00 27.54 ? 57  PRO A CB  1 
ATOM   431  C CG  . PRO A 1 57  ? 14.226  -7.260  3.675   1.00 29.50 ? 57  PRO A CG  1 
ATOM   432  C CD  . PRO A 1 57  ? 13.331  -6.102  3.291   1.00 25.94 ? 57  PRO A CD  1 
ATOM   433  N N   . ILE A 1 58  ? 11.425  -7.350  7.240   1.00 27.04 ? 58  ILE A N   1 
ATOM   434  C CA  . ILE A 1 58  ? 11.372  -6.827  8.606   1.00 31.09 ? 58  ILE A CA  1 
ATOM   435  C C   . ILE A 1 58  ? 12.583  -7.322  9.400   1.00 31.74 ? 58  ILE A C   1 
ATOM   436  O O   . ILE A 1 58  ? 12.646  -8.484  9.815   1.00 33.47 ? 58  ILE A O   1 
ATOM   437  C CB  . ILE A 1 58  ? 10.074  -7.264  9.343   1.00 32.61 ? 58  ILE A CB  1 
ATOM   438  C CG1 . ILE A 1 58  ? 8.847   -6.833  8.544   1.00 30.84 ? 58  ILE A CG1 1 
ATOM   439  C CG2 . ILE A 1 58  ? 10.014  -6.642  10.750  1.00 31.31 ? 58  ILE A CG2 1 
ATOM   440  C CD1 . ILE A 1 58  ? 7.586   -7.452  9.062   1.00 29.57 ? 58  ILE A CD1 1 
ATOM   441  N N   . THR A 1 59  ? 13.610  -6.487  9.455   1.00 33.63 ? 59  THR A N   1 
ATOM   442  C CA  . THR A 1 59  ? 14.836  -6.837  10.160  1.00 32.86 ? 59  THR A CA  1 
ATOM   443  C C   . THR A 1 59  ? 14.892  -6.137  11.516  1.00 34.06 ? 59  THR A C   1 
ATOM   444  O O   . THR A 1 59  ? 14.144  -5.189  11.750  1.00 30.95 ? 59  THR A O   1 
ATOM   445  C CB  . THR A 1 59  ? 16.062  -6.416  9.340   1.00 34.38 ? 59  THR A CB  1 
ATOM   446  O OG1 . THR A 1 59  ? 16.008  -5.003  9.106   1.00 30.05 ? 59  THR A OG1 1 
ATOM   447  C CG2 . THR A 1 59  ? 16.092  -7.147  7.995   1.00 34.44 ? 59  THR A CG2 1 
ATOM   448  N N   . GLU A 1 60  ? 15.803  -6.577  12.386  1.00 36.00 ? 60  GLU A N   1 
ATOM   449  C CA  . GLU A 1 60  ? 16.074  -5.885  13.649  1.00 36.26 ? 60  GLU A CA  1 
ATOM   450  C C   . GLU A 1 60  ? 16.361  -4.422  13.375  1.00 35.56 ? 60  GLU A C   1 
ATOM   451  O O   . GLU A 1 60  ? 15.793  -3.537  14.003  1.00 37.03 ? 60  GLU A O   1 
ATOM   452  C CB  . GLU A 1 60  ? 17.286  -6.499  14.344  1.00 42.18 ? 60  GLU A CB  1 
ATOM   453  C CG  . GLU A 1 60  ? 17.015  -7.808  15.076  1.00 53.87 ? 60  GLU A CG  1 
ATOM   454  C CD  . GLU A 1 60  ? 18.276  -8.406  15.690  1.00 59.16 ? 60  GLU A CD  1 
ATOM   455  O OE1 . GLU A 1 60  ? 18.607  -8.066  16.851  1.00 63.06 ? 60  GLU A OE1 1 
ATOM   456  O OE2 . GLU A 1 60  ? 18.945  -9.210  15.000  1.00 63.28 ? 60  GLU A OE2 1 
ATOM   457  N N   . LYS A 1 61  ? 17.195  -4.194  12.366  1.00 35.28 ? 61  LYS A N   1 
ATOM   458  C CA  . LYS A 1 61  ? 17.580  -2.865  11.904  1.00 35.78 ? 61  LYS A CA  1 
ATOM   459  C C   . LYS A 1 61  ? 16.348  -2.050  11.487  1.00 36.67 ? 61  LYS A C   1 
ATOM   460  O O   . LYS A 1 61  ? 16.172  -0.901  11.895  1.00 36.93 ? 61  LYS A O   1 
ATOM   461  C CB  . LYS A 1 61  ? 18.516  -3.027  10.711  1.00 38.62 ? 61  LYS A CB  1 
ATOM   462  C CG  . LYS A 1 61  ? 19.488  -1.909  10.489  1.00 43.95 ? 61  LYS A CG  1 
ATOM   463  C CD  . LYS A 1 61  ? 20.648  -2.427  9.658   1.00 46.20 ? 61  LYS A CD  1 
ATOM   464  C CE  . LYS A 1 61  ? 21.816  -1.463  9.652   1.00 48.83 ? 61  LYS A CE  1 
ATOM   465  N NZ  . LYS A 1 61  ? 23.033  -2.109  9.081   1.00 51.71 ? 61  LYS A NZ  1 
ATOM   466  N N   . TYR A 1 62  ? 15.469  -2.675  10.709  1.00 35.28 ? 62  TYR A N   1 
ATOM   467  C CA  . TYR A 1 62  ? 14.178  -2.086  10.366  1.00 31.76 ? 62  TYR A CA  1 
ATOM   468  C C   . TYR A 1 62  ? 13.395  -1.738  11.641  1.00 30.10 ? 62  TYR A C   1 
ATOM   469  O O   . TYR A 1 62  ? 12.957  -0.600  11.832  1.00 31.64 ? 62  TYR A O   1 
ATOM   470  C CB  . TYR A 1 62  ? 13.376  -3.078  9.512   1.00 31.61 ? 62  TYR A CB  1 
ATOM   471  C CG  . TYR A 1 62  ? 11.955  -2.648  9.271   1.00 26.21 ? 62  TYR A CG  1 
ATOM   472  C CD1 . TYR A 1 62  ? 11.687  -1.544  8.470   1.00 30.35 ? 62  TYR A CD1 1 
ATOM   473  C CD2 . TYR A 1 62  ? 10.905  -3.211  9.990   1.00 25.46 ? 62  TYR A CD2 1 
ATOM   474  C CE1 . TYR A 1 62  ? 10.415  -0.992  8.407   1.00 29.55 ? 62  TYR A CE1 1 
ATOM   475  C CE2 . TYR A 1 62  ? 9.622   -2.660  9.941   1.00 25.74 ? 62  TYR A CE2 1 
ATOM   476  C CZ  . TYR A 1 62  ? 9.394   -1.551  9.148   1.00 26.36 ? 62  TYR A CZ  1 
ATOM   477  O OH  . TYR A 1 62  ? 8.172   -0.942  9.103   1.00 26.54 ? 62  TYR A OH  1 
ATOM   478  N N   . GLU A 1 63  ? 13.309  -2.702  12.548  1.00 31.85 ? 63  GLU A N   1 
ATOM   479  C CA  . GLU A 1 63  ? 12.503  -2.562  13.758  1.00 34.36 ? 63  GLU A CA  1 
ATOM   480  C C   . GLU A 1 63  ? 12.946  -1.450  14.714  1.00 35.89 ? 63  GLU A C   1 
ATOM   481  O O   . GLU A 1 63  ? 12.099  -0.829  15.373  1.00 35.16 ? 63  GLU A O   1 
ATOM   482  C CB  . GLU A 1 63  ? 12.458  -3.883  14.516  1.00 35.57 ? 63  GLU A CB  1 
ATOM   483  C CG  . GLU A 1 63  ? 11.550  -4.917  13.904  1.00 36.98 ? 63  GLU A CG  1 
ATOM   484  C CD  . GLU A 1 63  ? 10.108  -4.478  13.916  1.00 38.63 ? 63  GLU A CD  1 
ATOM   485  O OE1 . GLU A 1 63  ? 9.701   -3.724  13.010  1.00 38.48 ? 63  GLU A OE1 1 
ATOM   486  O OE2 . GLU A 1 63  ? 9.383   -4.890  14.839  1.00 41.70 ? 63  GLU A OE2 1 
ATOM   487  N N   . VAL A 1 64  ? 14.247  -1.183  14.813  1.00 34.07 ? 64  VAL A N   1 
ATOM   488  C CA  . VAL A 1 64  ? 14.656  -0.095  15.695  1.00 32.48 ? 64  VAL A CA  1 
ATOM   489  C C   . VAL A 1 64  ? 14.242  1.235   15.074  1.00 30.07 ? 64  VAL A C   1 
ATOM   490  O O   . VAL A 1 64  ? 13.642  2.078   15.756  1.00 30.66 ? 64  VAL A O   1 
ATOM   491  C CB  . VAL A 1 64  ? 16.203  -0.101  16.079  1.00 34.25 ? 64  VAL A CB  1 
ATOM   492  C CG1 . VAL A 1 64  ? 16.708  -1.521  16.227  1.00 30.44 ? 64  VAL A CG1 1 
ATOM   493  C CG2 . VAL A 1 64  ? 17.051  0.720   15.090  1.00 32.48 ? 64  VAL A CG2 1 
ATOM   494  N N   . PHE A 1 65  ? 14.388  1.356   13.759  1.00 25.14 ? 65  PHE A N   1 
ATOM   495  C CA  . PHE A 1 65  ? 13.955  2.576   13.107  1.00 27.03 ? 65  PHE A CA  1 
ATOM   496  C C   . PHE A 1 65  ? 12.453  2.779   13.300  1.00 27.51 ? 65  PHE A C   1 
ATOM   497  O O   . PHE A 1 65  ? 12.008  3.868   13.632  1.00 28.94 ? 65  PHE A O   1 
ATOM   498  C CB  . PHE A 1 65  ? 14.273  2.560   11.618  1.00 28.76 ? 65  PHE A CB  1 
ATOM   499  C CG  . PHE A 1 65  ? 13.793  3.786   10.897  1.00 30.67 ? 65  PHE A CG  1 
ATOM   500  C CD1 . PHE A 1 65  ? 12.487  3.861   10.433  1.00 31.83 ? 65  PHE A CD1 1 
ATOM   501  C CD2 . PHE A 1 65  ? 14.595  4.917   10.821  1.00 31.43 ? 65  PHE A CD2 1 
ATOM   502  C CE1 . PHE A 1 65  ? 11.983  5.046   9.926   1.00 31.50 ? 65  PHE A CE1 1 
ATOM   503  C CE2 . PHE A 1 65  ? 14.101  6.108   10.310  1.00 33.66 ? 65  PHE A CE2 1 
ATOM   504  C CZ  . PHE A 1 65  ? 12.789  6.174   9.866   1.00 34.79 ? 65  PHE A CZ  1 
ATOM   505  N N   . ARG A 1 66  ? 11.673  1.732   13.067  1.00 29.57 ? 66  ARG A N   1 
ATOM   506  C CA  . ARG A 1 66  ? 10.226  1.814   13.239  1.00 28.53 ? 66  ARG A CA  1 
ATOM   507  C C   . ARG A 1 66  ? 9.783   2.324   14.625  1.00 28.57 ? 66  ARG A C   1 
ATOM   508  O O   . ARG A 1 66  ? 8.935   3.224   14.726  1.00 26.47 ? 66  ARG A O   1 
ATOM   509  C CB  . ARG A 1 66  ? 9.582   0.459   12.963  1.00 28.27 ? 66  ARG A CB  1 
ATOM   510  C CG  . ARG A 1 66  ? 8.093   0.576   12.799  1.00 30.07 ? 66  ARG A CG  1 
ATOM   511  C CD  . ARG A 1 66  ? 7.436   -0.748  12.907  1.00 34.44 ? 66  ARG A CD  1 
ATOM   512  N NE  . ARG A 1 66  ? 7.013   -0.985  14.272  1.00 43.87 ? 66  ARG A NE  1 
ATOM   513  C CZ  . ARG A 1 66  ? 6.959   -2.183  14.825  1.00 47.87 ? 66  ARG A CZ  1 
ATOM   514  N NH1 . ARG A 1 66  ? 7.244   -3.252  14.102  1.00 54.07 ? 66  ARG A NH1 1 
ATOM   515  N NH2 . ARG A 1 66  ? 6.558   -2.320  16.079  1.00 56.13 ? 66  ARG A NH2 1 
ATOM   516  N N   . THR A 1 67  ? 10.404  1.804   15.685  1.00 28.49 ? 67  THR A N   1 
ATOM   517  C CA  . THR A 1 67  ? 10.091  2.257   17.046  1.00 26.81 ? 67  THR A CA  1 
ATOM   518  C C   . THR A 1 67  ? 10.510  3.685   17.326  1.00 24.31 ? 67  THR A C   1 
ATOM   519  O O   . THR A 1 67  ? 9.744   4.450   17.900  1.00 25.88 ? 67  THR A O   1 
ATOM   520  C CB  . THR A 1 67  ? 10.731  1.396   18.090  1.00 27.83 ? 67  THR A CB  1 
ATOM   521  O OG1 . THR A 1 67  ? 10.516  0.025   17.756  1.00 37.76 ? 67  THR A OG1 1 
ATOM   522  C CG2 . THR A 1 67  ? 10.083  1.667   19.429  1.00 34.84 ? 67  THR A CG2 1 
ATOM   523  N N   . GLU A 1 68  ? 11.670  4.078   16.809  1.00 24.39 ? 68  GLU A N   1 
ATOM   524  C CA  . GLU A 1 68  ? 12.079  5.471   16.871  1.00 26.47 ? 68  GLU A CA  1 
ATOM   525  C C   . GLU A 1 68  ? 11.077  6.382   16.161  1.00 28.99 ? 68  GLU A C   1 
ATOM   526  O O   . GLU A 1 68  ? 10.630  7.395   16.717  1.00 27.30 ? 68  GLU A O   1 
ATOM   527  C CB  . GLU A 1 68  ? 13.467  5.636   16.257  1.00 25.86 ? 68  GLU A CB  1 
ATOM   528  C CG  . GLU A 1 68  ? 14.524  4.901   17.071  1.00 34.86 ? 68  GLU A CG  1 
ATOM   529  C CD  . GLU A 1 68  ? 15.951  5.364   16.812  1.00 32.64 ? 68  GLU A CD  1 
ATOM   530  O OE1 . GLU A 1 68  ? 16.169  6.581   16.573  1.00 33.07 ? 68  GLU A OE1 1 
ATOM   531  O OE2 . GLU A 1 68  ? 16.851  4.502   16.900  1.00 30.30 ? 68  GLU A OE2 1 
ATOM   532  N N   . GLU A 1 69  ? 10.680  5.980   14.952  1.00 28.12 ? 69  GLU A N   1 
ATOM   533  C CA  . GLU A 1 69  ? 9.706   6.730   14.156  1.00 24.58 ? 69  GLU A CA  1 
ATOM   534  C C   . GLU A 1 69  ? 8.376   6.893   14.898  1.00 21.08 ? 69  GLU A C   1 
ATOM   535  O O   . GLU A 1 69  ? 7.784   7.966   14.895  1.00 20.51 ? 69  GLU A O   1 
ATOM   536  C CB  . GLU A 1 69  ? 9.480   6.020   12.818  1.00 23.71 ? 69  GLU A CB  1 
ATOM   537  C CG  . GLU A 1 69  ? 8.417   6.638   11.966  1.00 22.11 ? 69  GLU A CG  1 
ATOM   538  C CD  . GLU A 1 69  ? 8.116   5.797   10.750  1.00 25.45 ? 69  GLU A CD  1 
ATOM   539  O OE1 . GLU A 1 69  ? 7.554   4.697   10.923  1.00 23.09 ? 69  GLU A OE1 1 
ATOM   540  O OE2 . GLU A 1 69  ? 8.452   6.233   9.629   1.00 26.44 ? 69  GLU A OE2 1 
ATOM   541  N N   . GLU A 1 70  ? 7.947   5.839   15.580  1.00 19.93 ? 70  GLU A N   1 
ATOM   542  C CA  . GLU A 1 70  ? 6.720   5.897   16.354  1.00 24.42 ? 70  GLU A CA  1 
ATOM   543  C C   . GLU A 1 70  ? 6.847   6.846   17.552  1.00 26.36 ? 70  GLU A C   1 
ATOM   544  O O   . GLU A 1 70  ? 5.984   7.697   17.777  1.00 27.60 ? 70  GLU A O   1 
ATOM   545  C CB  . GLU A 1 70  ? 6.348   4.501   16.848  1.00 24.09 ? 70  GLU A CB  1 
ATOM   546  C CG  . GLU A 1 70  ? 4.924   4.409   17.347  1.00 25.29 ? 70  GLU A CG  1 
ATOM   547  C CD  . GLU A 1 70  ? 4.594   3.078   17.967  1.00 24.10 ? 70  GLU A CD  1 
ATOM   548  O OE1 . GLU A 1 70  ? 4.992   2.039   17.397  1.00 25.29 ? 70  GLU A OE1 1 
ATOM   549  O OE2 . GLU A 1 70  ? 3.900   3.074   19.008  1.00 26.77 ? 70  GLU A OE2 1 
ATOM   550  N N   . GLU A 1 71  ? 7.980   6.775   18.239  1.00 28.74 ? 71  GLU A N   1 
ATOM   551  C CA  . GLU A 1 71  ? 8.256   7.657   19.378  1.00 31.06 ? 71  GLU A CA  1 
ATOM   552  C C   . GLU A 1 71  ? 8.368   9.128   18.960  1.00 27.50 ? 71  GLU A C   1 
ATOM   553  O O   . GLU A 1 71  ? 7.738   10.009  19.557  1.00 26.56 ? 71  GLU A O   1 
ATOM   554  C CB  . GLU A 1 71  ? 9.539   7.206   20.080  1.00 34.77 ? 71  GLU A CB  1 
ATOM   555  C CG  . GLU A 1 71  ? 9.444   5.807   20.693  1.00 45.41 ? 71  GLU A CG  1 
ATOM   556  C CD  . GLU A 1 71  ? 10.693  5.403   21.486  1.00 56.76 ? 71  GLU A CD  1 
ATOM   557  O OE1 . GLU A 1 71  ? 11.785  5.994   21.254  1.00 58.43 ? 71  GLU A OE1 1 
ATOM   558  O OE2 . GLU A 1 71  ? 10.578  4.483   22.339  1.00 59.87 ? 71  GLU A OE2 1 
ATOM   559  N N   . LYS A 1 72  ? 9.057   9.367   17.852  1.00 24.83 ? 72  LYS A N   1 
ATOM   560  C CA  . LYS A 1 72  ? 9.186   10.718  17.320  1.00 27.68 ? 72  LYS A CA  1 
ATOM   561  C C   . LYS A 1 72  ? 7.840   11.343  16.898  1.00 28.50 ? 72  LYS A C   1 
ATOM   562  O O   . LYS A 1 72  ? 7.582   12.513  17.178  1.00 26.07 ? 72  LYS A O   1 
ATOM   563  C CB  . LYS A 1 72  ? 10.177  10.740  16.149  1.00 29.44 ? 72  LYS A CB  1 
ATOM   564  C CG  . LYS A 1 72  ? 10.493  12.144  15.655  1.00 35.91 ? 72  LYS A CG  1 
ATOM   565  C CD  . LYS A 1 72  ? 11.417  12.121  14.453  1.00 45.30 ? 72  LYS A CD  1 
ATOM   566  C CE  . LYS A 1 72  ? 11.036  13.208  13.440  1.00 50.61 ? 72  LYS A CE  1 
ATOM   567  N NZ  . LYS A 1 72  ? 9.643   13.022  12.911  1.00 52.85 ? 72  LYS A NZ  1 
ATOM   568  N N   . ILE A 1 73  ? 6.956   10.546  16.295  1.00 27.98 ? 73  ILE A N   1 
ATOM   569  C CA  . ILE A 1 73  ? 5.650   11.056  15.904  1.00 30.16 ? 73  ILE A CA  1 
ATOM   570  C C   . ILE A 1 73  ? 4.709   11.249  17.101  1.00 32.56 ? 73  ILE A C   1 
ATOM   571  O O   . ILE A 1 73  ? 3.888   12.166  17.121  1.00 31.86 ? 73  ILE A O   1 
ATOM   572  C CB  . ILE A 1 73  ? 4.975   10.146  14.836  1.00 32.09 ? 73  ILE A CB  1 
ATOM   573  C CG1 . ILE A 1 73  ? 5.687   10.328  13.484  1.00 30.18 ? 73  ILE A CG1 1 
ATOM   574  C CG2 . ILE A 1 73  ? 3.466   10.497  14.699  1.00 28.61 ? 73  ILE A CG2 1 
ATOM   575  C CD1 . ILE A 1 73  ? 5.388   9.234   12.455  1.00 28.53 ? 73  ILE A CD1 1 
ATOM   576  N N   . LYS A 1 74  ? 4.856   10.416  18.120  1.00 34.68 ? 74  LYS A N   1 
ATOM   577  C CA  . LYS A 1 74  ? 4.080   10.598  19.337  1.00 38.56 ? 74  LYS A CA  1 
ATOM   578  C C   . LYS A 1 74  ? 4.511   11.862  20.113  1.00 40.96 ? 74  LYS A C   1 
ATOM   579  O O   . LYS A 1 74  ? 3.681   12.556  20.697  1.00 41.57 ? 74  LYS A O   1 
ATOM   580  C CB  . LYS A 1 74  ? 4.197   9.347   20.209  1.00 41.67 ? 74  LYS A CB  1 
ATOM   581  C CG  . LYS A 1 74  ? 3.538   8.105   19.595  1.00 44.95 ? 74  LYS A CG  1 
ATOM   582  C CD  . LYS A 1 74  ? 4.119   6.823   20.193  1.00 49.48 ? 74  LYS A CD  1 
ATOM   583  C CE  . LYS A 1 74  ? 3.032   5.861   20.644  1.00 50.67 ? 74  LYS A CE  1 
ATOM   584  N NZ  . LYS A 1 74  ? 2.194   5.367   19.515  1.00 53.91 ? 74  LYS A NZ  1 
ATOM   585  N N   . SER A 1 75  ? 5.785   12.225  20.011  1.00 41.35 ? 75  SER A N   1 
ATOM   586  C CA  . SER A 1 75  ? 6.262   13.483  20.587  1.00 43.19 ? 75  SER A CA  1 
ATOM   587  C C   . SER A 1 75  ? 5.844   14.695  19.760  1.00 44.73 ? 75  SER A C   1 
ATOM   588  O O   . SER A 1 75  ? 5.384   15.706  20.304  1.00 48.52 ? 75  SER A O   1 
ATOM   589  C CB  . SER A 1 75  ? 7.791   13.476  20.718  1.00 44.46 ? 75  SER A CB  1 
ATOM   590  O OG  . SER A 1 75  ? 8.361   14.720  20.329  1.00 46.60 ? 75  SER A OG  1 
ATOM   591  N N   . GLN A 1 76  ? 6.060   14.612  18.452  1.00 41.15 ? 76  GLN A N   1 
ATOM   592  C CA  . GLN A 1 76  ? 6.010   15.786  17.598  1.00 38.47 ? 76  GLN A CA  1 
ATOM   593  C C   . GLN A 1 76  ? 4.791   15.863  16.664  1.00 35.54 ? 76  GLN A C   1 
ATOM   594  O O   . GLN A 1 76  ? 4.542   16.901  16.031  1.00 33.94 ? 76  GLN A O   1 
ATOM   595  C CB  . GLN A 1 76  ? 7.317   15.871  16.816  1.00 41.98 ? 76  GLN A CB  1 
ATOM   596  C CG  . GLN A 1 76  ? 7.213   15.707  15.317  1.00 43.50 ? 76  GLN A CG  1 
ATOM   597  C CD  . GLN A 1 76  ? 8.342   16.396  14.610  1.00 44.41 ? 76  GLN A CD  1 
ATOM   598  O OE1 . GLN A 1 76  ? 9.155   17.074  15.230  1.00 43.52 ? 76  GLN A OE1 1 
ATOM   599  N NE2 . GLN A 1 76  ? 8.401   16.236  13.306  1.00 48.56 ? 76  GLN A NE2 1 
ATOM   600  N N   . GLY A 1 77  ? 3.961   14.824  16.703  1.00 31.89 ? 77  GLY A N   1 
ATOM   601  C CA  . GLY A 1 77  ? 2.745   14.809  15.911  1.00 29.13 ? 77  GLY A CA  1 
ATOM   602  C C   . GLY A 1 77  ? 2.976   14.729  14.410  1.00 26.74 ? 77  GLY A C   1 
ATOM   603  O O   . GLY A 1 77  ? 4.109   14.843  13.927  1.00 25.60 ? 77  GLY A O   1 
ATOM   604  N N   . GLN A 1 78  ? 1.890   14.537  13.669  1.00 24.43 ? 78  GLN A N   1 
ATOM   605  C CA  . GLN A 1 78  ? 1.927   14.586  12.207  1.00 22.99 ? 78  GLN A CA  1 
ATOM   606  C C   . GLN A 1 78  ? 0.487   14.798  11.727  1.00 25.68 ? 78  GLN A C   1 
ATOM   607  O O   . GLN A 1 78  ? -0.469  14.538  12.465  1.00 26.20 ? 78  GLN A O   1 
ATOM   608  C CB  . GLN A 1 78  ? 2.456   13.265  11.652  1.00 23.16 ? 78  GLN A CB  1 
ATOM   609  C CG  . GLN A 1 78  ? 1.524   12.095  11.950  1.00 23.53 ? 78  GLN A CG  1 
ATOM   610  C CD  . GLN A 1 78  ? 1.864   10.839  11.186  1.00 17.76 ? 78  GLN A CD  1 
ATOM   611  O OE1 . GLN A 1 78  ? 2.737   10.833  10.314  1.00 16.41 ? 78  GLN A OE1 1 
ATOM   612  N NE2 . GLN A 1 78  ? 1.216   9.750   11.552  1.00 15.76 ? 78  GLN A NE2 1 
ATOM   613  N N   . ASP A 1 79  ? 0.320   15.267  10.500  1.00 23.31 ? 79  ASP A N   1 
ATOM   614  C CA  . ASP A 1 79  ? -1.021  15.372  9.940   1.00 25.37 ? 79  ASP A CA  1 
ATOM   615  C C   . ASP A 1 79  ? -1.429  14.126  9.141   1.00 27.86 ? 79  ASP A C   1 
ATOM   616  O O   . ASP A 1 79  ? -0.637  13.615  8.345   1.00 26.79 ? 79  ASP A O   1 
ATOM   617  C CB  . ASP A 1 79  ? -1.136  16.628  9.076   1.00 24.45 ? 79  ASP A CB  1 
ATOM   618  C CG  . ASP A 1 79  ? -1.009  17.916  9.896   1.00 28.21 ? 79  ASP A CG  1 
ATOM   619  O OD1 . ASP A 1 79  ? -0.924  17.825  11.148  1.00 26.57 ? 79  ASP A OD1 1 
ATOM   620  O OD2 . ASP A 1 79  ? -0.962  19.010  9.284   1.00 28.96 ? 79  ASP A OD2 1 
ATOM   621  N N   . VAL A 1 80  ? -2.565  13.535  9.523   1.00 27.61 ? 80  VAL A N   1 
ATOM   622  C CA  . VAL A 1 80  ? -3.212  12.492  8.722   1.00 25.15 ? 80  VAL A CA  1 
ATOM   623  C C   . VAL A 1 80  ? -4.634  12.907  8.359   1.00 24.57 ? 80  VAL A C   1 
ATOM   624  O O   . VAL A 1 80  ? -5.509  12.924  9.217   1.00 22.28 ? 80  VAL A O   1 
ATOM   625  C CB  . VAL A 1 80  ? -3.270  11.150  9.473   1.00 23.30 ? 80  VAL A CB  1 
ATOM   626  C CG1 . VAL A 1 80  ? -3.894  10.100  8.589   1.00 25.36 ? 80  VAL A CG1 1 
ATOM   627  C CG2 . VAL A 1 80  ? -1.879  10.711  9.875   1.00 22.16 ? 80  VAL A CG2 1 
ATOM   628  N N   . THR A 1 81  ? -4.849  13.260  7.094   1.00 24.26 ? 81  THR A N   1 
ATOM   629  C CA  . THR A 1 81  ? -6.185  13.647  6.623   1.00 27.38 ? 81  THR A CA  1 
ATOM   630  C C   . THR A 1 81  ? -7.259  12.591  6.930   1.00 27.08 ? 81  THR A C   1 
ATOM   631  O O   . THR A 1 81  ? -6.981  11.384  6.950   1.00 25.09 ? 81  THR A O   1 
ATOM   632  C CB  . THR A 1 81  ? -6.168  13.977  5.097   1.00 28.45 ? 81  THR A CB  1 
ATOM   633  O OG1 . THR A 1 81  ? -7.456  14.430  4.682   1.00 39.19 ? 81  THR A OG1 1 
ATOM   634  C CG2 . THR A 1 81  ? -5.821  12.770  4.286   1.00 31.37 ? 81  THR A CG2 1 
ATOM   635  N N   . SER A 1 82  ? -8.461  13.043  7.276   1.00 26.66 ? 82  SER A N   1 
ATOM   636  C CA  . SER A 1 82  ? -9.551  12.105  7.554   1.00 27.37 ? 82  SER A CA  1 
ATOM   637  C C   . SER A 1 82  ? -9.964  11.305  6.317   1.00 23.10 ? 82  SER A C   1 
ATOM   638  O O   . SER A 1 82  ? -10.610 10.278  6.435   1.00 24.03 ? 82  SER A O   1 
ATOM   639  C CB  . SER A 1 82  ? -10.780 12.823  8.131   1.00 27.54 ? 82  SER A CB  1 
ATOM   640  O OG  . SER A 1 82  ? -11.358 13.687  7.172   1.00 32.64 ? 82  SER A OG  1 
ATOM   641  N N   . SER A 1 83  ? -9.574  11.767  5.136   1.00 25.20 ? 83  SER A N   1 
ATOM   642  C CA  . SER A 1 83  ? -9.837  11.016  3.908   1.00 27.82 ? 83  SER A CA  1 
ATOM   643  C C   . SER A 1 83  ? -9.109  9.668   3.902   1.00 27.88 ? 83  SER A C   1 
ATOM   644  O O   . SER A 1 83  ? -9.473  8.756   3.149   1.00 29.20 ? 83  SER A O   1 
ATOM   645  C CB  . SER A 1 83  ? -9.389  11.805  2.674   1.00 31.00 ? 83  SER A CB  1 
ATOM   646  O OG  . SER A 1 83  ? -10.028 13.066  2.591   1.00 44.02 ? 83  SER A OG  1 
ATOM   647  N N   . VAL A 1 84  ? -7.984  9.607   4.611   1.00 23.83 ? 84  VAL A N   1 
ATOM   648  C CA  . VAL A 1 84  ? -7.129  8.432   4.554   1.00 20.73 ? 84  VAL A CA  1 
ATOM   649  C C   . VAL A 1 84  ? -7.804  7.191   5.103   1.00 19.51 ? 84  VAL A C   1 
ATOM   650  O O   . VAL A 1 84  ? -8.291  7.186   6.223   1.00 20.68 ? 84  VAL A O   1 
ATOM   651  C CB  . VAL A 1 84  ? -5.816  8.652   5.318   1.00 20.85 ? 84  VAL A CB  1 
ATOM   652  C CG1 . VAL A 1 84  ? -5.071  7.327   5.469   1.00 21.87 ? 84  VAL A CG1 1 
ATOM   653  C CG2 . VAL A 1 84  ? -4.960  9.627   4.571   1.00 20.91 ? 84  VAL A CG2 1 
ATOM   654  N N   . TYR A 1 85  ? -7.873  6.149   4.282   1.00 19.17 ? 85  TYR A N   1 
ATOM   655  C CA  . TYR A 1 85  ? -8.420  4.874   4.713   1.00 18.54 ? 85  TYR A CA  1 
ATOM   656  C C   . TYR A 1 85  ? -7.274  4.030   5.251   1.00 18.88 ? 85  TYR A C   1 
ATOM   657  O O   . TYR A 1 85  ? -6.384  3.612   4.503   1.00 17.70 ? 85  TYR A O   1 
ATOM   658  C CB  . TYR A 1 85  ? -9.116  4.151   3.536   1.00 18.00 ? 85  TYR A CB  1 
ATOM   659  C CG  . TYR A 1 85  ? -9.765  2.821   3.898   1.00 15.07 ? 85  TYR A CG  1 
ATOM   660  C CD1 . TYR A 1 85  ? -8.991  1.681   4.120   1.00 14.59 ? 85  TYR A CD1 1 
ATOM   661  C CD2 . TYR A 1 85  ? -11.160 2.702   4.024   1.00 18.67 ? 85  TYR A CD2 1 
ATOM   662  C CE1 . TYR A 1 85  ? -9.570  0.469   4.468   1.00 14.12 ? 85  TYR A CE1 1 
ATOM   663  C CE2 . TYR A 1 85  ? -11.756 1.478   4.360   1.00 13.74 ? 85  TYR A CE2 1 
ATOM   664  C CZ  . TYR A 1 85  ? -10.958 0.373   4.574   1.00 15.13 ? 85  TYR A CZ  1 
ATOM   665  O OH  . TYR A 1 85  ? -11.512 -0.845  4.828   1.00 15.74 ? 85  TYR A OH  1 
ATOM   666  N N   . PHE A 1 86  ? -7.300  3.787   6.551   1.00 17.16 ? 86  PHE A N   1 
ATOM   667  C CA  . PHE A 1 86  ? -6.280  2.976   7.196   1.00 17.14 ? 86  PHE A CA  1 
ATOM   668  C C   . PHE A 1 86  ? -6.903  1.751   7.857   1.00 15.56 ? 86  PHE A C   1 
ATOM   669  O O   . PHE A 1 86  ? -7.945  1.834   8.516   1.00 17.84 ? 86  PHE A O   1 
ATOM   670  C CB  . PHE A 1 86  ? -5.494  3.831   8.221   1.00 18.81 ? 86  PHE A CB  1 
ATOM   671  C CG  . PHE A 1 86  ? -4.326  3.110   8.874   1.00 17.09 ? 86  PHE A CG  1 
ATOM   672  C CD1 . PHE A 1 86  ? -3.293  2.563   8.105   1.00 12.60 ? 86  PHE A CD1 1 
ATOM   673  C CD2 . PHE A 1 86  ? -4.296  2.941   10.265  1.00 16.07 ? 86  PHE A CD2 1 
ATOM   674  C CE1 . PHE A 1 86  ? -2.274  1.847   8.699   1.00 14.83 ? 86  PHE A CE1 1 
ATOM   675  C CE2 . PHE A 1 86  ? -3.289  2.231   10.872  1.00 14.81 ? 86  PHE A CE2 1 
ATOM   676  C CZ  . PHE A 1 86  ? -2.272  1.667   10.093  1.00 17.97 ? 86  PHE A CZ  1 
ATOM   677  N N   . MET A 1 87  ? -6.190  0.638   7.755   1.00 13.32 ? 87  MET A N   1 
ATOM   678  C CA  . MET A 1 87  ? -6.596  -0.626  8.328   1.00 14.74 ? 87  MET A CA  1 
ATOM   679  C C   . MET A 1 87  ? -5.414  -1.207  9.101   1.00 18.15 ? 87  MET A C   1 
ATOM   680  O O   . MET A 1 87  ? -4.287  -1.267  8.587   1.00 16.50 ? 87  MET A O   1 
ATOM   681  C CB  . MET A 1 87  ? -6.990  -1.568  7.190   1.00 16.52 ? 87  MET A CB  1 
ATOM   682  C CG  . MET A 1 87  ? -6.954  -3.034  7.485   1.00 22.12 ? 87  MET A CG  1 
ATOM   683  S SD  . MET A 1 87  ? -7.364  -3.912  5.952   1.00 27.94 ? 87  MET A SD  1 
ATOM   684  C CE  . MET A 1 87  ? -9.130  -3.984  6.059   1.00 28.36 ? 87  MET A CE  1 
ATOM   685  N N   . LYS A 1 88  ? -5.676  -1.657  10.321  1.00 17.57 ? 88  LYS A N   1 
ATOM   686  C CA  . LYS A 1 88  ? -4.672  -2.389  11.088  1.00 18.62 ? 88  LYS A CA  1 
ATOM   687  C C   . LYS A 1 88  ? -4.432  -3.815  10.577  1.00 19.29 ? 88  LYS A C   1 
ATOM   688  O O   . LYS A 1 88  ? -5.320  -4.453  10.002  1.00 21.43 ? 88  LYS A O   1 
ATOM   689  C CB  . LYS A 1 88  ? -5.070  -2.428  12.569  1.00 19.52 ? 88  LYS A CB  1 
ATOM   690  C CG  . LYS A 1 88  ? -4.945  -1.081  13.272  1.00 24.91 ? 88  LYS A CG  1 
ATOM   691  C CD  . LYS A 1 88  ? -3.480  -0.700  13.487  1.00 24.92 ? 88  LYS A CD  1 
ATOM   692  C CE  . LYS A 1 88  ? -2.799  -1.664  14.461  1.00 24.92 ? 88  LYS A CE  1 
ATOM   693  N NZ  . LYS A 1 88  ? -1.313  -1.672  14.304  1.00 25.56 ? 88  LYS A NZ  1 
ATOM   694  N N   . GLN A 1 89  ? -3.230  -4.319  10.824  1.00 16.58 ? 89  GLN A N   1 
ATOM   695  C CA  . GLN A 1 89  ? -2.888  -5.707  10.560  1.00 17.18 ? 89  GLN A CA  1 
ATOM   696  C C   . GLN A 1 89  ? -2.952  -6.543  11.824  1.00 20.11 ? 89  GLN A C   1 
ATOM   697  O O   . GLN A 1 89  ? -2.305  -6.222  12.812  1.00 22.59 ? 89  GLN A O   1 
ATOM   698  C CB  . GLN A 1 89  ? -1.480  -5.777  9.993   1.00 18.38 ? 89  GLN A CB  1 
ATOM   699  C CG  . GLN A 1 89  ? -0.939  -7.167  9.822   1.00 18.24 ? 89  GLN A CG  1 
ATOM   700  C CD  . GLN A 1 89  ? 0.369   -7.141  9.086   1.00 24.51 ? 89  GLN A CD  1 
ATOM   701  O OE1 . GLN A 1 89  ? 0.501   -6.501  8.031   1.00 26.71 ? 89  GLN A OE1 1 
ATOM   702  N NE2 . GLN A 1 89  ? 1.372   -7.763  9.666   1.00 25.25 ? 89  GLN A NE2 1 
ATOM   703  N N   . THR A 1 90  ? -3.618  -7.684  11.744  1.00 18.50 ? 90  THR A N   1 
ATOM   704  C CA  . THR A 1 90  ? -3.640  -8.632  12.853  1.00 21.73 ? 90  THR A CA  1 
ATOM   705  C C   . THR A 1 90  ? -3.018  -9.978  12.503  1.00 24.47 ? 90  THR A C   1 
ATOM   706  O O   . THR A 1 90  ? -2.636  -10.738 13.393  1.00 28.80 ? 90  THR A O   1 
ATOM   707  C CB  . THR A 1 90  ? -5.064  -8.878  13.334  1.00 24.69 ? 90  THR A CB  1 
ATOM   708  O OG1 . THR A 1 90  ? -5.842  -9.453  12.269  1.00 30.17 ? 90  THR A OG1 1 
ATOM   709  C CG2 . THR A 1 90  ? -5.694  -7.564  13.774  1.00 28.14 ? 90  THR A CG2 1 
ATOM   710  N N   . ILE A 1 91  ? -2.943  -10.284 11.207  1.00 22.87 ? 91  ILE A N   1 
ATOM   711  C CA  . ILE A 1 91  ? -2.273  -11.488 10.700  1.00 22.19 ? 91  ILE A CA  1 
ATOM   712  C C   . ILE A 1 91  ? -1.235  -11.067 9.658   1.00 23.19 ? 91  ILE A C   1 
ATOM   713  O O   . ILE A 1 91  ? -1.575  -10.425 8.669   1.00 23.87 ? 91  ILE A O   1 
ATOM   714  C CB  . ILE A 1 91  ? -3.263  -12.445 10.005  1.00 22.46 ? 91  ILE A CB  1 
ATOM   715  C CG1 . ILE A 1 91  ? -4.442  -12.759 10.928  1.00 24.03 ? 91  ILE A CG1 1 
ATOM   716  C CG2 . ILE A 1 91  ? -2.568  -13.719 9.612   1.00 18.95 ? 91  ILE A CG2 1 
ATOM   717  C CD1 . ILE A 1 91  ? -5.474  -13.673 10.278  1.00 24.83 ? 91  ILE A CD1 1 
ATOM   718  N N   . SER A 1 92  ? 0.015   -11.470 9.844   1.00 23.54 ? 92  SER A N   1 
ATOM   719  C CA  . SER A 1 92  ? 1.114   -10.939 9.039   1.00 23.64 ? 92  SER A CA  1 
ATOM   720  C C   . SER A 1 92  ? 1.048   -11.407 7.593   1.00 22.11 ? 92  SER A C   1 
ATOM   721  O O   . SER A 1 92  ? 1.322   -10.653 6.671   1.00 22.66 ? 92  SER A O   1 
ATOM   722  C CB  . SER A 1 92  ? 2.451   -11.355 9.644   1.00 25.35 ? 92  SER A CB  1 
ATOM   723  O OG  . SER A 1 92  ? 2.593   -12.766 9.622   1.00 35.43 ? 92  SER A OG  1 
ATOM   724  N N   . ASN A 1 93  ? 0.621   -12.640 7.396   1.00 21.74 ? 93  ASN A N   1 
ATOM   725  C CA  . ASN A 1 93  ? 0.431   -13.155 6.051   1.00 27.91 ? 93  ASN A CA  1 
ATOM   726  C C   . ASN A 1 93  ? -0.650  -12.437 5.252   1.00 25.96 ? 93  ASN A C   1 
ATOM   727  O O   . ASN A 1 93  ? -0.758  -12.654 4.045   1.00 24.44 ? 93  ASN A O   1 
ATOM   728  C CB  . ASN A 1 93  ? 0.111   -14.639 6.101   1.00 35.85 ? 93  ASN A CB  1 
ATOM   729  C CG  . ASN A 1 93  ? 1.241   -15.437 6.690   1.00 47.97 ? 93  ASN A CG  1 
ATOM   730  O OD1 . ASN A 1 93  ? 2.390   -15.340 6.238   1.00 52.33 ? 93  ASN A OD1 1 
ATOM   731  N ND2 . ASN A 1 93  ? 0.963   -16.115 7.793   1.00 54.60 ? 93  ASN A ND2 1 
ATOM   732  N N   . ALA A 1 94  ? -1.453  -11.611 5.929   1.00 24.06 ? 94  ALA A N   1 
ATOM   733  C CA  . ALA A 1 94  ? -2.490  -10.807 5.280   1.00 21.31 ? 94  ALA A CA  1 
ATOM   734  C C   . ALA A 1 94  ? -1.945  -9.497  4.728   1.00 19.83 ? 94  ALA A C   1 
ATOM   735  O O   . ALA A 1 94  ? -2.666  -8.762  4.069   1.00 18.59 ? 94  ALA A O   1 
ATOM   736  C CB  . ALA A 1 94  ? -3.632  -10.517 6.258   1.00 16.74 ? 94  ALA A CB  1 
ATOM   737  N N   . CYS A 1 95  ? -0.675  -9.196  4.988   1.00 17.72 ? 95  CYS A N   1 
ATOM   738  C CA  . CYS A 1 95  ? -0.132  -7.880  4.631   1.00 17.66 ? 95  CYS A CA  1 
ATOM   739  C C   . CYS A 1 95  ? -0.207  -7.516  3.123   1.00 14.55 ? 95  CYS A C   1 
ATOM   740  O O   . CYS A 1 95  ? -0.414  -6.355  2.778   1.00 12.57 ? 95  CYS A O   1 
ATOM   741  C CB  . CYS A 1 95  ? 1.313   -7.740  5.138   1.00 17.95 ? 95  CYS A CB  1 
ATOM   742  S SG  . CYS A 1 95  ? 2.502   -8.799  4.297   1.00 18.91 ? 95  CYS A SG  1 
ATOM   743  N N   . GLY A 1 96  ? -0.072  -8.501  2.237   1.00 16.10 ? 96  GLY A N   1 
ATOM   744  C CA  . GLY A 1 96  ? -0.202  -8.229  0.812   1.00 14.24 ? 96  GLY A CA  1 
ATOM   745  C C   . GLY A 1 96  ? -1.632  -7.843  0.453   1.00 13.81 ? 96  GLY A C   1 
ATOM   746  O O   . GLY A 1 96  ? -1.867  -6.825  -0.198  1.00 12.17 ? 96  GLY A O   1 
ATOM   747  N N   . THR A 1 97  ? -2.600  -8.617  0.951   1.00 13.86 ? 97  THR A N   1 
ATOM   748  C CA  . THR A 1 97  ? -4.013  -8.267  0.785   1.00 14.26 ? 97  THR A CA  1 
ATOM   749  C C   . THR A 1 97  ? -4.361  -6.916  1.405   1.00 14.53 ? 97  THR A C   1 
ATOM   750  O O   . THR A 1 97  ? -5.041  -6.097  0.785   1.00 13.21 ? 97  THR A O   1 
ATOM   751  C CB  . THR A 1 97  ? -4.911  -9.322  1.397   1.00 14.44 ? 97  THR A CB  1 
ATOM   752  O OG1 . THR A 1 97  ? -4.780  -10.535 0.643   1.00 17.53 ? 97  THR A OG1 1 
ATOM   753  C CG2 . THR A 1 97  ? -6.382  -8.850  1.409   1.00 16.30 ? 97  THR A CG2 1 
ATOM   754  N N   . ILE A 1 98  ? -3.803  -6.631  2.577   1.00 14.07 ? 98  ILE A N   1 
ATOM   755  C CA  . ILE A 1 98  ? -4.003  -5.327  3.201   1.00 13.22 ? 98  ILE A CA  1 
ATOM   756  C C   . ILE A 1 98  ? -3.390  -4.207  2.379   1.00 11.49 ? 98  ILE A C   1 
ATOM   757  O O   . ILE A 1 98  ? -4.004  -3.150  2.215   1.00 12.87 ? 98  ILE A O   1 
ATOM   758  C CB  . ILE A 1 98  ? -3.437  -5.295  4.638   1.00 12.18 ? 98  ILE A CB  1 
ATOM   759  C CG1 . ILE A 1 98  ? -4.221  -6.249  5.526   1.00 12.23 ? 98  ILE A CG1 1 
ATOM   760  C CG2 . ILE A 1 98  ? -3.546  -3.907  5.195   1.00 11.29 ? 98  ILE A CG2 1 
ATOM   761  C CD1 . ILE A 1 98  ? -3.458  -6.710  6.758   1.00 15.43 ? 98  ILE A CD1 1 
ATOM   762  N N   . GLY A 1 99  ? -2.229  -4.457  1.782   1.00 11.22 ? 99  GLY A N   1 
ATOM   763  C CA  . GLY A 1 99  ? -1.639  -3.454  0.912   1.00 9.85  ? 99  GLY A CA  1 
ATOM   764  C C   . GLY A 1 99  ? -2.498  -3.135  -0.311  1.00 9.08  ? 99  GLY A C   1 
ATOM   765  O O   . GLY A 1 99  ? -2.692  -1.988  -0.682  1.00 9.42  ? 99  GLY A O   1 
ATOM   766  N N   . LEU A 1 100 ? -3.096  -4.173  -0.868  1.00 12.12 ? 100 LEU A N   1 
ATOM   767  C CA  . LEU A 1 100 ? -3.970  -4.030  -2.021  1.00 15.16 ? 100 LEU A CA  1 
ATOM   768  C C   . LEU A 1 100 ? -5.216  -3.223  -1.632  1.00 13.53 ? 100 LEU A C   1 
ATOM   769  O O   . LEU A 1 100 ? -5.547  -2.233  -2.274  1.00 14.20 ? 100 LEU A O   1 
ATOM   770  C CB  . LEU A 1 100 ? -4.343  -5.435  -2.527  1.00 18.24 ? 100 LEU A CB  1 
ATOM   771  C CG  . LEU A 1 100 ? -4.895  -5.621  -3.939  1.00 24.26 ? 100 LEU A CG  1 
ATOM   772  C CD1 . LEU A 1 100 ? -4.090  -4.762  -4.903  1.00 26.09 ? 100 LEU A CD1 1 
ATOM   773  C CD2 . LEU A 1 100 ? -4.827  -7.103  -4.335  1.00 21.41 ? 100 LEU A CD2 1 
ATOM   774  N N   . ILE A 1 101 ? -5.803  -3.562  -0.488  1.00 13.77 ? 101 ILE A N   1 
ATOM   775  C CA  . ILE A 1 101 ? -6.949  -2.833  0.052   1.00 12.23 ? 101 ILE A CA  1 
ATOM   776  C C   . ILE A 1 101 ? -6.637  -1.367  0.307   1.00 14.03 ? 101 ILE A C   1 
ATOM   777  O O   . ILE A 1 101 ? -7.374  -0.491  -0.137  1.00 12.42 ? 101 ILE A O   1 
ATOM   778  C CB  . ILE A 1 101 ? -7.449  -3.491  1.349   1.00 13.26 ? 101 ILE A CB  1 
ATOM   779  C CG1 . ILE A 1 101 ? -8.045  -4.868  1.014   1.00 11.45 ? 101 ILE A CG1 1 
ATOM   780  C CG2 . ILE A 1 101 ? -8.467  -2.595  2.048   1.00 15.98 ? 101 ILE A CG2 1 
ATOM   781  C CD1 . ILE A 1 101 ? -8.565  -5.640  2.200   1.00 16.30 ? 101 ILE A CD1 1 
ATOM   782  N N   . HIS A 1 102 ? -5.472  -1.080  0.890   1.00 13.04 ? 102 HIS A N   1 
ATOM   783  C CA  . HIS A 1 102 ? -5.048  0.315   1.071   1.00 10.47 ? 102 HIS A CA  1 
ATOM   784  C C   . HIS A 1 102 ? -4.912  1.067   -0.258  1.00 11.19 ? 102 HIS A C   1 
ATOM   785  O O   . HIS A 1 102 ? -5.277  2.246   -0.359  1.00 12.51 ? 102 HIS A O   1 
ATOM   786  C CB  . HIS A 1 102 ? -3.702  0.372   1.818   1.00 13.05 ? 102 HIS A CB  1 
ATOM   787  C CG  . HIS A 1 102 ? -3.821  0.197   3.296   1.00 10.70 ? 102 HIS A CG  1 
ATOM   788  N ND1 . HIS A 1 102 ? -2.974  -0.609  4.026   1.00 11.81 ? 102 HIS A ND1 1 
ATOM   789  C CD2 . HIS A 1 102 ? -4.659  0.767   4.196   1.00 13.91 ? 102 HIS A CD2 1 
ATOM   790  C CE1 . HIS A 1 102 ? -3.275  -0.528  5.311   1.00 11.88 ? 102 HIS A CE1 1 
ATOM   791  N NE2 . HIS A 1 102 ? -4.292  0.309   5.440   1.00 15.13 ? 102 HIS A NE2 1 
ATOM   792  N N   . ALA A 1 103 ? -4.292  0.417   -1.251  1.00 13.10 ? 103 ALA A N   1 
ATOM   793  C CA  . ALA A 1 103 ? -4.073  1.053   -2.551  1.00 10.96 ? 103 ALA A CA  1 
ATOM   794  C C   . ALA A 1 103 ? -5.428  1.386   -3.204  1.00 15.64 ? 103 ALA A C   1 
ATOM   795  O O   . ALA A 1 103 ? -5.625  2.481   -3.736  1.00 18.87 ? 103 ALA A O   1 
ATOM   796  C CB  . ALA A 1 103 ? -3.255  0.123   -3.463  1.00 9.09  ? 103 ALA A CB  1 
ATOM   797  N N   . ILE A 1 104 ? -6.361  0.437   -3.151  1.00 15.87 ? 104 ILE A N   1 
ATOM   798  C CA  . ILE A 1 104 ? -7.664  0.611   -3.809  1.00 15.42 ? 104 ILE A CA  1 
ATOM   799  C C   . ILE A 1 104 ? -8.599  1.541   -2.990  1.00 15.78 ? 104 ILE A C   1 
ATOM   800  O O   . ILE A 1 104 ? -9.161  2.498   -3.537  1.00 16.92 ? 104 ILE A O   1 
ATOM   801  C CB  . ILE A 1 104 ? -8.360  -0.772  -4.050  1.00 13.84 ? 104 ILE A CB  1 
ATOM   802  C CG1 . ILE A 1 104 ? -7.455  -1.704  -4.856  1.00 13.16 ? 104 ILE A CG1 1 
ATOM   803  C CG2 . ILE A 1 104 ? -9.697  -0.576  -4.792  1.00 18.30 ? 104 ILE A CG2 1 
ATOM   804  C CD1 . ILE A 1 104 ? -6.897  -1.071  -6.131  1.00 14.57 ? 104 ILE A CD1 1 
ATOM   805  N N   . ALA A 1 105 ? -8.704  1.300   -1.679  1.00 16.50 ? 105 ALA A N   1 
ATOM   806  C CA  . ALA A 1 105 ? -9.496  2.154   -0.788  1.00 17.00 ? 105 ALA A CA  1 
ATOM   807  C C   . ALA A 1 105 ? -9.138  3.624   -0.880  1.00 20.96 ? 105 ALA A C   1 
ATOM   808  O O   . ALA A 1 105 ? -10.022 4.487   -0.856  1.00 23.63 ? 105 ALA A O   1 
ATOM   809  C CB  . ALA A 1 105 ? -9.367  1.699   0.658   1.00 16.84 ? 105 ALA A CB  1 
ATOM   810  N N   . ASN A 1 106 ? -7.853  3.928   -1.034  1.00 16.81 ? 106 ASN A N   1 
ATOM   811  C CA  . ASN A 1 106 ? -7.439  5.324   -1.105  1.00 17.98 ? 106 ASN A CA  1 
ATOM   812  C C   . ASN A 1 106 ? -7.432  5.907   -2.525  1.00 19.28 ? 106 ASN A C   1 
ATOM   813  O O   . ASN A 1 106 ? -6.968  7.014   -2.743  1.00 17.22 ? 106 ASN A O   1 
ATOM   814  C CB  . ASN A 1 106 ? -6.076  5.489   -0.432  1.00 17.74 ? 106 ASN A CB  1 
ATOM   815  C CG  . ASN A 1 106 ? -6.173  5.371   1.069   1.00 14.08 ? 106 ASN A CG  1 
ATOM   816  O OD1 . ASN A 1 106 ? -6.582  6.304   1.735   1.00 17.07 ? 106 ASN A OD1 1 
ATOM   817  N ND2 . ASN A 1 106 ? -5.932  4.184   1.591   1.00 14.28 ? 106 ASN A ND2 1 
ATOM   818  N N   . ASN A 1 107 ? -7.961  5.145   -3.484  1.00 21.43 ? 107 ASN A N   1 
ATOM   819  C CA  . ASN A 1 107 ? -8.113  5.588   -4.871  1.00 21.54 ? 107 ASN A CA  1 
ATOM   820  C C   . ASN A 1 107 ? -9.474  5.154   -5.422  1.00 25.95 ? 107 ASN A C   1 
ATOM   821  O O   . ASN A 1 107 ? -9.655  5.052   -6.630  1.00 26.08 ? 107 ASN A O   1 
ATOM   822  C CB  . ASN A 1 107 ? -7.023  4.978   -5.726  1.00 18.81 ? 107 ASN A CB  1 
ATOM   823  C CG  . ASN A 1 107 ? -5.680  5.564   -5.427  1.00 21.63 ? 107 ASN A CG  1 
ATOM   824  O OD1 . ASN A 1 107 ? -5.418  6.728   -5.724  1.00 22.45 ? 107 ASN A OD1 1 
ATOM   825  N ND2 . ASN A 1 107 ? -4.838  4.793   -4.768  1.00 17.35 ? 107 ASN A ND2 1 
ATOM   826  N N   . LYS A 1 108 ? -10.418 4.919   -4.511  1.00 27.04 ? 108 LYS A N   1 
ATOM   827  C CA  . LYS A 1 108 ? -11.705 4.292   -4.801  1.00 30.55 ? 108 LYS A CA  1 
ATOM   828  C C   . LYS A 1 108 ? -12.454 4.969   -5.969  1.00 30.21 ? 108 LYS A C   1 
ATOM   829  O O   . LYS A 1 108 ? -12.964 4.306   -6.875  1.00 28.80 ? 108 LYS A O   1 
ATOM   830  C CB  . LYS A 1 108 ? -12.543 4.340   -3.523  1.00 31.98 ? 108 LYS A CB  1 
ATOM   831  C CG  . LYS A 1 108 ? -13.666 3.335   -3.443  1.00 39.13 ? 108 LYS A CG  1 
ATOM   832  C CD  . LYS A 1 108 ? -14.160 3.176   -2.003  1.00 44.06 ? 108 LYS A CD  1 
ATOM   833  C CE  . LYS A 1 108 ? -14.593 4.504   -1.375  1.00 45.91 ? 108 LYS A CE  1 
ATOM   834  N NZ  . LYS A 1 108 ? -15.430 4.280   -0.165  1.00 46.37 ? 108 LYS A NZ  1 
ATOM   835  N N   . ASP A 1 109 ? -12.328 6.285   -6.046  1.00 31.65 ? 109 ASP A N   1 
ATOM   836  C CA  . ASP A 1 109 ? -12.977 7.052   -7.095  1.00 34.09 ? 109 ASP A CA  1 
ATOM   837  C C   . ASP A 1 109 ? -12.269 7.034   -8.453  1.00 33.23 ? 109 ASP A C   1 
ATOM   838  O O   . ASP A 1 109 ? -12.762 7.615   -9.408  1.00 37.51 ? 109 ASP A O   1 
ATOM   839  C CB  . ASP A 1 109 ? -13.177 8.496   -6.620  1.00 38.39 ? 109 ASP A CB  1 
ATOM   840  C CG  . ASP A 1 109 ? -14.131 8.597   -5.422  1.00 43.78 ? 109 ASP A CG  1 
ATOM   841  O OD1 . ASP A 1 109 ? -15.077 7.782   -5.315  1.00 47.42 ? 109 ASP A OD1 1 
ATOM   842  O OD2 . ASP A 1 109 ? -13.944 9.516   -4.594  1.00 45.93 ? 109 ASP A OD2 1 
ATOM   843  N N   . LYS A 1 110 ? -11.103 6.397   -8.535  1.00 30.81 ? 110 LYS A N   1 
ATOM   844  C CA  . LYS A 1 110 ? -10.412 6.202   -9.820  1.00 26.81 ? 110 LYS A CA  1 
ATOM   845  C C   . LYS A 1 110 ? -10.753 4.846   -10.412 1.00 23.39 ? 110 LYS A C   1 
ATOM   846  O O   . LYS A 1 110 ? -10.320 4.507   -11.515 1.00 23.47 ? 110 LYS A O   1 
ATOM   847  C CB  . LYS A 1 110 ? -8.892  6.272   -9.646  1.00 26.19 ? 110 LYS A CB  1 
ATOM   848  C CG  . LYS A 1 110 ? -8.407  7.508   -8.922  1.00 31.88 ? 110 LYS A CG  1 
ATOM   849  C CD  . LYS A 1 110 ? -6.885  7.600   -8.943  1.00 35.86 ? 110 LYS A CD  1 
ATOM   850  C CE  . LYS A 1 110 ? -6.390  8.899   -8.317  1.00 35.07 ? 110 LYS A CE  1 
ATOM   851  N NZ  . LYS A 1 110 ? -6.698  8.968   -6.859  1.00 40.57 ? 110 LYS A NZ  1 
ATOM   852  N N   . MET A 1 111 ? -11.355 4.002   -9.588  1.00 24.31 ? 111 MET A N   1 
ATOM   853  C CA  . MET A 1 111 ? -11.563 2.602   -9.932  1.00 24.62 ? 111 MET A CA  1 
ATOM   854  C C   . MET A 1 111 ? -12.929 2.394   -10.546 1.00 25.26 ? 111 MET A C   1 
ATOM   855  O O   . MET A 1 111 ? -13.894 3.061   -10.180 1.00 24.63 ? 111 MET A O   1 
ATOM   856  C CB  . MET A 1 111 ? -11.466 1.726   -8.689  1.00 25.74 ? 111 MET A CB  1 
ATOM   857  C CG  . MET A 1 111 ? -10.170 1.878   -7.934  1.00 27.29 ? 111 MET A CG  1 
ATOM   858  S SD  . MET A 1 111 ? -8.798  1.316   -8.896  1.00 28.33 ? 111 MET A SD  1 
ATOM   859  C CE  . MET A 1 111 ? -7.670  2.745   -8.724  1.00 22.52 ? 111 MET A CE  1 
ATOM   860  N N   . HIS A 1 112 ? -13.029 1.326   -11.315 1.00 25.79 ? 112 HIS A N   1 
ATOM   861  C CA  . HIS A 1 112 ? -14.275 0.941   -11.947 1.00 27.47 ? 112 HIS A CA  1 
ATOM   862  C C   . HIS A 1 112 ? -14.682 -0.403  -11.401 1.00 24.85 ? 112 HIS A C   1 
ATOM   863  O O   . HIS A 1 112 ? -14.177 -1.450  -11.836 1.00 23.17 ? 112 HIS A O   1 
ATOM   864  C CB  . HIS A 1 112 ? -14.097 0.871   -13.471 1.00 35.41 ? 112 HIS A CB  1 
ATOM   865  C CG  . HIS A 1 112 ? -15.348 0.509   -14.219 1.00 42.70 ? 112 HIS A CG  1 
ATOM   866  N ND1 . HIS A 1 112 ? -15.339 0.101   -15.536 1.00 44.16 ? 112 HIS A ND1 1 
ATOM   867  C CD2 . HIS A 1 112 ? -16.645 0.472   -13.820 1.00 43.97 ? 112 HIS A CD2 1 
ATOM   868  C CE1 . HIS A 1 112 ? -16.574 -0.166  -15.918 1.00 46.54 ? 112 HIS A CE1 1 
ATOM   869  N NE2 . HIS A 1 112 ? -17.383 0.039   -14.897 1.00 46.27 ? 112 HIS A NE2 1 
ATOM   870  N N   . PHE A 1 113 ? -15.582 -0.357  -10.428 1.00 24.82 ? 113 PHE A N   1 
ATOM   871  C CA  . PHE A 1 113 ? -16.132 -1.562  -9.821  1.00 29.11 ? 113 PHE A CA  1 
ATOM   872  C C   . PHE A 1 113 ? -17.283 -2.176  -10.640 1.00 31.00 ? 113 PHE A C   1 
ATOM   873  O O   . PHE A 1 113 ? -18.110 -1.456  -11.218 1.00 33.09 ? 113 PHE A O   1 
ATOM   874  C CB  . PHE A 1 113 ? -16.626 -1.266  -8.390  1.00 27.84 ? 113 PHE A CB  1 
ATOM   875  C CG  . PHE A 1 113 ? -15.544 -0.801  -7.448  1.00 24.66 ? 113 PHE A CG  1 
ATOM   876  C CD1 . PHE A 1 113 ? -14.706 -1.725  -6.813  1.00 25.31 ? 113 PHE A CD1 1 
ATOM   877  C CD2 . PHE A 1 113 ? -15.354 0.559   -7.210  1.00 23.03 ? 113 PHE A CD2 1 
ATOM   878  C CE1 . PHE A 1 113 ? -13.687 -1.288  -5.962  1.00 24.97 ? 113 PHE A CE1 1 
ATOM   879  C CE2 . PHE A 1 113 ? -14.334 1.003   -6.360  1.00 27.19 ? 113 PHE A CE2 1 
ATOM   880  C CZ  . PHE A 1 113 ? -13.503 0.082   -5.737  1.00 24.09 ? 113 PHE A CZ  1 
ATOM   881  N N   . GLU A 1 114 ? -17.196 -3.486  -10.843 1.00 29.35 ? 114 GLU A N   1 
ATOM   882  C CA  . GLU A 1 114 ? -18.334 -4.293  -11.237 1.00 29.30 ? 114 GLU A CA  1 
ATOM   883  C C   . GLU A 1 114 ? -19.418 -4.234  -10.167 1.00 32.03 ? 114 GLU A C   1 
ATOM   884  O O   . GLU A 1 114 ? -19.107 -4.167  -8.977  1.00 30.35 ? 114 GLU A O   1 
ATOM   885  C CB  . GLU A 1 114 ? -17.891 -5.732  -11.414 1.00 30.12 ? 114 GLU A CB  1 
ATOM   886  C CG  . GLU A 1 114 ? -16.837 -5.916  -12.490 1.00 32.89 ? 114 GLU A CG  1 
ATOM   887  C CD  . GLU A 1 114 ? -16.330 -7.330  -12.566 1.00 34.82 ? 114 GLU A CD  1 
ATOM   888  O OE1 . GLU A 1 114 ? -16.972 -8.230  -11.987 1.00 37.36 ? 114 GLU A OE1 1 
ATOM   889  O OE2 . GLU A 1 114 ? -15.260 -7.536  -13.173 1.00 43.01 ? 114 GLU A OE2 1 
ATOM   890  N N   . SER A 1 115 ? -20.668 -4.442  -10.578 1.00 32.06 ? 115 SER A N   1 
ATOM   891  C CA  . SER A 1 115 ? -21.809 -4.292  -9.670  1.00 34.83 ? 115 SER A CA  1 
ATOM   892  C C   . SER A 1 115 ? -21.697 -5.205  -8.457  1.00 32.68 ? 115 SER A C   1 
ATOM   893  O O   . SER A 1 115 ? -21.907 -4.776  -7.329  1.00 34.71 ? 115 SER A O   1 
ATOM   894  C CB  . SER A 1 115 ? -23.130 -4.588  -10.390 1.00 37.46 ? 115 SER A CB  1 
ATOM   895  O OG  . SER A 1 115 ? -23.185 -3.952  -11.653 1.00 40.20 ? 115 SER A OG  1 
ATOM   896  N N   . GLY A 1 116 ? -21.357 -6.462  -8.695  1.00 28.08 ? 116 GLY A N   1 
ATOM   897  C CA  . GLY A 1 116 ? -21.244 -7.390  -7.586  1.00 30.75 ? 116 GLY A CA  1 
ATOM   898  C C   . GLY A 1 116 ? -19.874 -7.466  -6.921  1.00 29.04 ? 116 GLY A C   1 
ATOM   899  O O   . GLY A 1 116 ? -19.582 -8.466  -6.263  1.00 27.89 ? 116 GLY A O   1 
ATOM   900  N N   . SER A 1 117 ? -19.058 -6.414  -7.061  1.00 28.86 ? 117 SER A N   1 
ATOM   901  C CA  . SER A 1 117 ? -17.657 -6.414  -6.584  1.00 25.44 ? 117 SER A CA  1 
ATOM   902  C C   . SER A 1 117 ? -17.585 -6.682  -5.080  1.00 24.07 ? 117 SER A C   1 
ATOM   903  O O   . SER A 1 117 ? -18.175 -5.935  -4.295  1.00 23.98 ? 117 SER A O   1 
ATOM   904  C CB  . SER A 1 117 ? -16.999 -5.061  -6.890  1.00 23.69 ? 117 SER A CB  1 
ATOM   905  O OG  . SER A 1 117 ? -15.773 -4.897  -6.190  1.00 21.52 ? 117 SER A OG  1 
ATOM   906  N N   . THR A 1 118 ? -16.899 -7.752  -4.679  1.00 22.14 ? 118 THR A N   1 
ATOM   907  C CA  . THR A 1 118 ? -16.745 -8.061  -3.253  1.00 23.25 ? 118 THR A CA  1 
ATOM   908  C C   . THR A 1 118 ? -15.895 -7.020  -2.520  1.00 25.21 ? 118 THR A C   1 
ATOM   909  O O   . THR A 1 118 ? -16.198 -6.650  -1.389  1.00 23.40 ? 118 THR A O   1 
ATOM   910  C CB  . THR A 1 118 ? -16.088 -9.425  -3.008  1.00 26.09 ? 118 THR A CB  1 
ATOM   911  O OG1 . THR A 1 118 ? -14.851 -9.503  -3.722  1.00 26.52 ? 118 THR A OG1 1 
ATOM   912  C CG2 . THR A 1 118 ? -16.991 -10.528 -3.455  1.00 28.30 ? 118 THR A CG2 1 
ATOM   913  N N   . LEU A 1 119 ? -14.842 -6.522  -3.168  1.00 24.77 ? 119 LEU A N   1 
ATOM   914  C CA  . LEU A 1 119 ? -14.070 -5.448  -2.567  1.00 21.55 ? 119 LEU A CA  1 
ATOM   915  C C   . LEU A 1 119 ? -14.902 -4.171  -2.446  1.00 22.56 ? 119 LEU A C   1 
ATOM   916  O O   . LEU A 1 119 ? -14.862 -3.508  -1.412  1.00 21.20 ? 119 LEU A O   1 
ATOM   917  C CB  . LEU A 1 119 ? -12.786 -5.174  -3.362  1.00 21.35 ? 119 LEU A CB  1 
ATOM   918  C CG  . LEU A 1 119 ? -11.850 -4.106  -2.766  1.00 22.12 ? 119 LEU A CG  1 
ATOM   919  C CD1 . LEU A 1 119 ? -11.476 -4.477  -1.336  1.00 21.90 ? 119 LEU A CD1 1 
ATOM   920  C CD2 . LEU A 1 119 ? -10.589 -3.996  -3.610  1.00 25.56 ? 119 LEU A CD2 1 
ATOM   921  N N   . LYS A 1 120 ? -15.702 -3.852  -3.464  1.00 19.77 ? 120 LYS A N   1 
ATOM   922  C CA  . LYS A 1 120 ? -16.531 -2.648  -3.403  1.00 20.58 ? 120 LYS A CA  1 
ATOM   923  C C   . LYS A 1 120 ? -17.424 -2.680  -2.164  1.00 21.21 ? 120 LYS A C   1 
ATOM   924  O O   . LYS A 1 120 ? -17.503 -1.699  -1.417  1.00 21.15 ? 120 LYS A O   1 
ATOM   925  C CB  . LYS A 1 120 ? -17.397 -2.533  -4.654  1.00 27.26 ? 120 LYS A CB  1 
ATOM   926  C CG  . LYS A 1 120 ? -18.250 -1.271  -4.730  1.00 31.17 ? 120 LYS A CG  1 
ATOM   927  C CD  . LYS A 1 120 ? -19.348 -1.441  -5.769  1.00 37.84 ? 120 LYS A CD  1 
ATOM   928  C CE  . LYS A 1 120 ? -20.204 -0.203  -5.893  1.00 41.70 ? 120 LYS A CE  1 
ATOM   929  N NZ  . LYS A 1 120 ? -20.998 0.018   -4.652  1.00 46.53 ? 120 LYS A NZ  1 
ATOM   930  N N   . LYS A 1 121 ? -18.028 -3.839  -1.916  1.00 21.91 ? 121 LYS A N   1 
ATOM   931  C CA  . LYS A 1 121 ? -18.910 -4.011  -0.775  1.00 22.16 ? 121 LYS A CA  1 
ATOM   932  C C   . LYS A 1 121 ? -18.163 -3.923  0.552   1.00 23.88 ? 121 LYS A C   1 
ATOM   933  O O   . LYS A 1 121 ? -18.689 -3.370  1.521   1.00 24.24 ? 121 LYS A O   1 
ATOM   934  C CB  . LYS A 1 121 ? -19.655 -5.347  -0.834  1.00 22.21 ? 121 LYS A CB  1 
ATOM   935  C CG  . LYS A 1 121 ? -20.734 -5.427  0.244   1.00 26.49 ? 121 LYS A CG  1 
ATOM   936  C CD  . LYS A 1 121 ? -21.231 -6.831  0.497   1.00 30.08 ? 121 LYS A CD  1 
ATOM   937  C CE  . LYS A 1 121 ? -22.326 -6.818  1.567   1.00 32.98 ? 121 LYS A CE  1 
ATOM   938  N NZ  . LYS A 1 121 ? -22.682 -8.181  2.050   1.00 34.13 ? 121 LYS A NZ  1 
ATOM   939  N N   . PHE A 1 122 ? -16.967 -4.504  0.610   1.00 21.06 ? 122 PHE A N   1 
ATOM   940  C CA  . PHE A 1 122 ? -16.125 -4.372  1.806   1.00 20.87 ? 122 PHE A CA  1 
ATOM   941  C C   . PHE A 1 122 ? -15.795 -2.911  2.122   1.00 20.43 ? 122 PHE A C   1 
ATOM   942  O O   . PHE A 1 122 ? -15.901 -2.469  3.270   1.00 22.71 ? 122 PHE A O   1 
ATOM   943  C CB  . PHE A 1 122 ? -14.825 -5.156  1.642   1.00 18.89 ? 122 PHE A CB  1 
ATOM   944  C CG  . PHE A 1 122 ? -13.905 -5.034  2.819   1.00 21.64 ? 122 PHE A CG  1 
ATOM   945  C CD1 . PHE A 1 122 ? -14.013 -5.913  3.896   1.00 21.50 ? 122 PHE A CD1 1 
ATOM   946  C CD2 . PHE A 1 122 ? -12.976 -3.989  2.891   1.00 21.09 ? 122 PHE A CD2 1 
ATOM   947  C CE1 . PHE A 1 122 ? -13.207 -5.761  5.037   1.00 18.48 ? 122 PHE A CE1 1 
ATOM   948  C CE2 . PHE A 1 122 ? -12.177 -3.825  4.027   1.00 19.92 ? 122 PHE A CE2 1 
ATOM   949  C CZ  . PHE A 1 122 ? -12.296 -4.718  5.095   1.00 18.04 ? 122 PHE A CZ  1 
ATOM   950  N N   . LEU A 1 123 ? -15.444 -2.153  1.093   1.00 16.51 ? 123 LEU A N   1 
ATOM   951  C CA  . LEU A 1 123 ? -15.101 -0.757  1.258   1.00 19.43 ? 123 LEU A CA  1 
ATOM   952  C C   . LEU A 1 123 ? -16.266 0.124   1.700   1.00 23.21 ? 123 LEU A C   1 
ATOM   953  O O   . LEU A 1 123 ? -16.102 1.004   2.543   1.00 22.18 ? 123 LEU A O   1 
ATOM   954  C CB  . LEU A 1 123 ? -14.506 -0.216  -0.036  1.00 16.02 ? 123 LEU A CB  1 
ATOM   955  C CG  . LEU A 1 123 ? -13.176 -0.867  -0.416  1.00 15.88 ? 123 LEU A CG  1 
ATOM   956  C CD1 . LEU A 1 123 ? -12.703 -0.304  -1.743  1.00 16.91 ? 123 LEU A CD1 1 
ATOM   957  C CD2 . LEU A 1 123 ? -12.147 -0.618  0.714   1.00 17.98 ? 123 LEU A CD2 1 
ATOM   958  N N   . GLU A 1 124 ? -17.445 -0.097  1.127   1.00 24.39 ? 124 GLU A N   1 
ATOM   959  C CA  . GLU A 1 124 ? -18.591 0.724   1.497   1.00 25.74 ? 124 GLU A CA  1 
ATOM   960  C C   . GLU A 1 124 ? -19.119 0.343   2.869   1.00 21.63 ? 124 GLU A C   1 
ATOM   961  O O   . GLU A 1 124 ? -19.439 1.215   3.664   1.00 25.47 ? 124 GLU A O   1 
ATOM   962  C CB  . GLU A 1 124 ? -19.707 0.653   0.439   1.00 29.50 ? 124 GLU A CB  1 
ATOM   963  C CG  . GLU A 1 124 ? -20.080 -0.732  -0.031  1.00 36.33 ? 124 GLU A CG  1 
ATOM   964  C CD  . GLU A 1 124 ? -20.817 -0.715  -1.372  1.00 42.27 ? 124 GLU A CD  1 
ATOM   965  O OE1 . GLU A 1 124 ? -20.964 0.384   -1.960  1.00 43.67 ? 124 GLU A OE1 1 
ATOM   966  O OE2 . GLU A 1 124 ? -21.247 -1.799  -1.835  1.00 42.51 ? 124 GLU A OE2 1 
ATOM   967  N N   . GLU A 1 125 ? -19.035 -0.931  3.217   1.00 20.31 ? 125 GLU A N   1 
ATOM   968  C CA  . GLU A 1 125 ? -19.396 -1.341  4.565   1.00 24.49 ? 125 GLU A CA  1 
ATOM   969  C C   . GLU A 1 125 ? -18.423 -0.826  5.616   1.00 25.02 ? 125 GLU A C   1 
ATOM   970  O O   . GLU A 1 125 ? -18.822 -0.582  6.757   1.00 27.15 ? 125 GLU A O   1 
ATOM   971  C CB  . GLU A 1 125 ? -19.496 -2.862  4.679   1.00 29.56 ? 125 GLU A CB  1 
ATOM   972  C CG  . GLU A 1 125 ? -20.647 -3.505  3.867   1.00 35.07 ? 125 GLU A CG  1 
ATOM   973  C CD  . GLU A 1 125 ? -22.028 -2.891  4.148   1.00 40.25 ? 125 GLU A CD  1 
ATOM   974  O OE1 . GLU A 1 125 ? -22.241 -2.311  5.244   1.00 38.36 ? 125 GLU A OE1 1 
ATOM   975  O OE2 . GLU A 1 125 ? -22.906 -3.001  3.262   1.00 40.90 ? 125 GLU A OE2 1 
ATOM   976  N N   . SER A 1 126 ? -17.150 -0.682  5.247   1.00 24.83 ? 126 SER A N   1 
ATOM   977  C CA  . SER A 1 126 ? -16.097 -0.348  6.221   1.00 22.04 ? 126 SER A CA  1 
ATOM   978  C C   . SER A 1 126 ? -15.681 1.119   6.219   1.00 23.67 ? 126 SER A C   1 
ATOM   979  O O   . SER A 1 126 ? -14.699 1.489   6.872   1.00 25.05 ? 126 SER A O   1 
ATOM   980  C CB  . SER A 1 126 ? -14.853 -1.215  5.994   1.00 19.89 ? 126 SER A CB  1 
ATOM   981  O OG  . SER A 1 126 ? -14.239 -0.850  4.767   1.00 18.20 ? 126 SER A OG  1 
ATOM   982  N N   . VAL A 1 127 ? -16.515 1.972   5.631   1.00 22.04 ? 127 VAL A N   1 
ATOM   983  C CA  . VAL A 1 127 ? -16.167 3.372   5.414   1.00 24.22 ? 127 VAL A CA  1 
ATOM   984  C C   . VAL A 1 127 ? -16.046 4.169   6.722   1.00 25.27 ? 127 VAL A C   1 
ATOM   985  O O   . VAL A 1 127 ? -15.280 5.126   6.814   1.00 26.45 ? 127 VAL A O   1 
ATOM   986  C CB  . VAL A 1 127 ? -17.208 4.051   4.478   1.00 25.46 ? 127 VAL A CB  1 
ATOM   987  C CG1 . VAL A 1 127 ? -18.447 4.445   5.254   1.00 27.14 ? 127 VAL A CG1 1 
ATOM   988  C CG2 . VAL A 1 127 ? -16.606 5.254   3.789   1.00 29.08 ? 127 VAL A CG2 1 
ATOM   989  N N   . SER A 1 128 ? -16.772 3.741   7.745   1.00 25.75 ? 128 SER A N   1 
ATOM   990  C CA  . SER A 1 128 ? -16.804 4.466   9.012   1.00 26.71 ? 128 SER A CA  1 
ATOM   991  C C   . SER A 1 128 ? -16.313 3.633   10.196  1.00 27.80 ? 128 SER A C   1 
ATOM   992  O O   . SER A 1 128 ? -16.369 4.077   11.350  1.00 29.12 ? 128 SER A O   1 
ATOM   993  C CB  . SER A 1 128 ? -18.222 4.969   9.294   1.00 26.97 ? 128 SER A CB  1 
ATOM   994  O OG  . SER A 1 128 ? -18.558 6.050   8.439   1.00 32.77 ? 128 SER A OG  1 
ATOM   995  N N   . MET A 1 129 ? -15.796 2.442   9.917   1.00 22.86 ? 129 MET A N   1 
ATOM   996  C CA  . MET A 1 129 ? -15.191 1.631   10.961  1.00 20.85 ? 129 MET A CA  1 
ATOM   997  C C   . MET A 1 129 ? -13.826 2.216   11.342  1.00 21.66 ? 129 MET A C   1 
ATOM   998  O O   . MET A 1 129 ? -13.175 2.898   10.542  1.00 19.22 ? 129 MET A O   1 
ATOM   999  C CB  . MET A 1 129 ? -14.989 0.203   10.475  1.00 21.01 ? 129 MET A CB  1 
ATOM   1000 C CG  . MET A 1 129 ? -16.233 -0.507  10.044  1.00 21.58 ? 129 MET A CG  1 
ATOM   1001 S SD  . MET A 1 129 ? -15.849 -2.170  9.474   1.00 24.74 ? 129 MET A SD  1 
ATOM   1002 C CE  . MET A 1 129 ? -17.500 -2.764  9.037   1.00 20.30 ? 129 MET A CE  1 
ATOM   1003 N N   . SER A 1 130 ? -13.345 1.849   12.522  1.00 20.89 ? 130 SER A N   1 
ATOM   1004 C CA  . SER A 1 130 ? -11.978 2.193   12.928  1.00 21.92 ? 130 SER A CA  1 
ATOM   1005 C C   . SER A 1 130 ? -10.960 1.274   12.218  1.00 20.98 ? 130 SER A C   1 
ATOM   1006 O O   . SER A 1 130 ? -11.247 0.106   11.965  1.00 22.57 ? 130 SER A O   1 
ATOM   1007 C CB  . SER A 1 130 ? -11.831 2.034   14.441  1.00 13.02 ? 130 SER A CB  1 
ATOM   1008 O OG  . SER A 1 130 ? -11.825 0.667   14.769  1.00 14.33 ? 130 SER A OG  1 
ATOM   1009 N N   . PRO A 1 131 ? -9.691  1.708   12.135  1.00 21.58 ? 131 PRO A N   1 
ATOM   1010 C CA  . PRO A 1 131 ? -8.609  0.825   11.671  1.00 19.82 ? 131 PRO A CA  1 
ATOM   1011 C C   . PRO A 1 131 ? -8.608  -0.564  12.308  1.00 18.54 ? 131 PRO A C   1 
ATOM   1012 O O   . PRO A 1 131 ? -8.460  -1.575  11.632  1.00 19.61 ? 131 PRO A O   1 
ATOM   1013 C CB  . PRO A 1 131 ? -7.357  1.615   12.023  1.00 18.16 ? 131 PRO A CB  1 
ATOM   1014 C CG  . PRO A 1 131 ? -7.792  3.031   11.864  1.00 18.91 ? 131 PRO A CG  1 
ATOM   1015 C CD  . PRO A 1 131 ? -9.179  3.052   12.459  1.00 18.87 ? 131 PRO A CD  1 
ATOM   1016 N N   . GLU A 1 132 ? -8.898  -0.615  13.596  1.00 17.68 ? 132 GLU A N   1 
ATOM   1017 C CA  . GLU A 1 132 ? -8.998  -1.882  14.314  1.00 20.89 ? 132 GLU A CA  1 
ATOM   1018 C C   . GLU A 1 132 ? -10.257 -2.684  13.895  1.00 17.56 ? 132 GLU A C   1 
ATOM   1019 O O   . GLU A 1 132 ? -10.209 -3.898  13.688  1.00 18.36 ? 132 GLU A O   1 
ATOM   1020 C CB  . GLU A 1 132 ? -9.029  -1.621  15.829  1.00 21.09 ? 132 GLU A CB  1 
ATOM   1021 C CG  . GLU A 1 132 ? -7.863  -0.768  16.372  1.00 32.04 ? 132 GLU A CG  1 
ATOM   1022 C CD  . GLU A 1 132 ? -7.871  0.700   15.909  1.00 36.37 ? 132 GLU A CD  1 
ATOM   1023 O OE1 . GLU A 1 132 ? -8.965  1.276   15.729  1.00 37.91 ? 132 GLU A OE1 1 
ATOM   1024 O OE2 . GLU A 1 132 ? -6.773  1.294   15.761  1.00 42.82 ? 132 GLU A OE2 1 
ATOM   1025 N N   . GLU A 1 133 ? -11.380 -1.995  13.769  1.00 20.52 ? 133 GLU A N   1 
ATOM   1026 C CA  . GLU A 1 133 ? -12.611 -2.658  13.355  1.00 20.73 ? 133 GLU A CA  1 
ATOM   1027 C C   . GLU A 1 133 ? -12.476 -3.242  11.958  1.00 18.69 ? 133 GLU A C   1 
ATOM   1028 O O   . GLU A 1 133 ? -12.882 -4.380  11.712  1.00 19.64 ? 133 GLU A O   1 
ATOM   1029 C CB  . GLU A 1 133 ? -13.776 -1.670  13.410  1.00 23.60 ? 133 GLU A CB  1 
ATOM   1030 C CG  . GLU A 1 133 ? -14.330 -1.497  14.834  1.00 24.26 ? 133 GLU A CG  1 
ATOM   1031 C CD  . GLU A 1 133 ? -15.296 -0.340  14.973  1.00 25.00 ? 133 GLU A CD  1 
ATOM   1032 O OE1 . GLU A 1 133 ? -15.132 0.685   14.281  1.00 25.09 ? 133 GLU A OE1 1 
ATOM   1033 O OE2 . GLU A 1 133 ? -16.189 -0.432  15.839  1.00 28.62 ? 133 GLU A OE2 1 
ATOM   1034 N N   . ARG A 1 134 ? -11.781 -2.513  11.091  1.00 20.05 ? 134 ARG A N   1 
ATOM   1035 C CA  . ARG A 1 134 ? -11.574 -2.943  9.698   1.00 18.25 ? 134 ARG A CA  1 
ATOM   1036 C C   . ARG A 1 134 ? -10.765 -4.232  9.575   1.00 17.76 ? 134 ARG A C   1 
ATOM   1037 O O   . ARG A 1 134 ? -11.105 -5.118  8.781   1.00 17.79 ? 134 ARG A O   1 
ATOM   1038 C CB  . ARG A 1 134 ? -10.916 -1.827  8.905   1.00 13.07 ? 134 ARG A CB  1 
ATOM   1039 C CG  . ARG A 1 134 ? -11.788 -0.614  8.758   1.00 12.02 ? 134 ARG A CG  1 
ATOM   1040 C CD  . ARG A 1 134 ? -11.039 0.525   8.156   1.00 14.57 ? 134 ARG A CD  1 
ATOM   1041 N NE  . ARG A 1 134 ? -11.950 1.577   7.731   1.00 14.70 ? 134 ARG A NE  1 
ATOM   1042 C CZ  . ARG A 1 134 ? -11.619 2.859   7.647   1.00 17.08 ? 134 ARG A CZ  1 
ATOM   1043 N NH1 . ARG A 1 134 ? -10.386 3.249   7.955   1.00 17.97 ? 134 ARG A NH1 1 
ATOM   1044 N NH2 . ARG A 1 134 ? -12.506 3.743   7.199   1.00 19.69 ? 134 ARG A NH2 1 
ATOM   1045 N N   . ALA A 1 135 ? -9.810  -4.413  10.485  1.00 16.35 ? 135 ALA A N   1 
ATOM   1046 C CA  . ALA A 1 135 ? -9.035  -5.642  10.539  1.00 16.21 ? 135 ALA A CA  1 
ATOM   1047 C C   . ALA A 1 135 ? -9.912  -6.808  10.982  1.00 19.65 ? 135 ALA A C   1 
ATOM   1048 O O   . ALA A 1 135 ? -9.805  -7.915  10.454  1.00 20.84 ? 135 ALA A O   1 
ATOM   1049 C CB  . ALA A 1 135 ? -7.845  -5.483  11.491  1.00 15.84 ? 135 ALA A CB  1 
ATOM   1050 N N   . ARG A 1 136 ? -10.786 -6.555  11.950  1.00 21.92 ? 136 ARG A N   1 
ATOM   1051 C CA  . ARG A 1 136 ? -11.721 -7.573  12.435  1.00 22.78 ? 136 ARG A CA  1 
ATOM   1052 C C   . ARG A 1 136 ? -12.747 -7.963  11.339  1.00 20.95 ? 136 ARG A C   1 
ATOM   1053 O O   . ARG A 1 136 ? -13.058 -9.142  11.134  1.00 20.97 ? 136 ARG A O   1 
ATOM   1054 C CB  . ARG A 1 136 ? -12.455 -7.034  13.666  1.00 22.88 ? 136 ARG A CB  1 
ATOM   1055 C CG  . ARG A 1 136 ? -12.616 -8.029  14.784  1.00 30.16 ? 136 ARG A CG  1 
ATOM   1056 C CD  . ARG A 1 136 ? -13.233 -7.359  16.005  0.00 26.92 ? 136 ARG A CD  1 
ATOM   1057 N NE  . ARG A 1 136 ? -13.165 -8.198  17.199  0.00 27.01 ? 136 ARG A NE  1 
ATOM   1058 C CZ  . ARG A 1 136 ? -14.114 -9.050  17.574  0.00 26.44 ? 136 ARG A CZ  1 
ATOM   1059 N NH1 . ARG A 1 136 ? -15.176 -9.253  16.805  0.00 26.23 ? 136 ARG A NH1 1 
ATOM   1060 N NH2 . ARG A 1 136 ? -13.986 -9.729  18.705  0.00 26.25 ? 136 ARG A NH2 1 
ATOM   1061 N N   . TYR A 1 137 ? -13.275 -6.958  10.654  1.00 17.84 ? 137 TYR A N   1 
ATOM   1062 C CA  . TYR A 1 137 ? -14.179 -7.198  9.548   1.00 17.54 ? 137 TYR A CA  1 
ATOM   1063 C C   . TYR A 1 137 ? -13.468 -8.010  8.448   1.00 19.09 ? 137 TYR A C   1 
ATOM   1064 O O   . TYR A 1 137 ? -13.904 -9.120  8.136   1.00 19.43 ? 137 TYR A O   1 
ATOM   1065 C CB  . TYR A 1 137 ? -14.696 -5.859  9.027   1.00 18.25 ? 137 TYR A CB  1 
ATOM   1066 C CG  . TYR A 1 137 ? -15.765 -5.946  7.947   1.00 21.44 ? 137 TYR A CG  1 
ATOM   1067 C CD1 . TYR A 1 137 ? -16.684 -6.997  7.906   1.00 22.83 ? 137 TYR A CD1 1 
ATOM   1068 C CD2 . TYR A 1 137 ? -15.850 -4.962  6.961   1.00 24.44 ? 137 TYR A CD2 1 
ATOM   1069 C CE1 . TYR A 1 137 ? -17.663 -7.060  6.890   1.00 24.57 ? 137 TYR A CE1 1 
ATOM   1070 C CE2 . TYR A 1 137 ? -16.816 -5.014  5.963   1.00 23.60 ? 137 TYR A CE2 1 
ATOM   1071 C CZ  . TYR A 1 137 ? -17.717 -6.059  5.929   1.00 23.28 ? 137 TYR A CZ  1 
ATOM   1072 O OH  . TYR A 1 137 ? -18.669 -6.064  4.932   1.00 26.64 ? 137 TYR A OH  1 
ATOM   1073 N N   . LEU A 1 138 ? -12.267 -7.585  8.045   1.00 18.53 ? 138 LEU A N   1 
ATOM   1074 C CA  . LEU A 1 138 ? -11.479 -8.357  7.066   1.00 20.95 ? 138 LEU A CA  1 
ATOM   1075 C C   . LEU A 1 138 ? -11.269 -9.832  7.425   1.00 23.49 ? 138 LEU A C   1 
ATOM   1076 O O   . LEU A 1 138 ? -11.408 -10.700 6.563   1.00 23.89 ? 138 LEU A O   1 
ATOM   1077 C CB  . LEU A 1 138 ? -10.113 -7.715  6.814   1.00 17.16 ? 138 LEU A CB  1 
ATOM   1078 C CG  . LEU A 1 138 ? -9.297  -8.441  5.735   1.00 17.24 ? 138 LEU A CG  1 
ATOM   1079 C CD1 . LEU A 1 138 ? -9.991  -8.327  4.371   1.00 18.51 ? 138 LEU A CD1 1 
ATOM   1080 C CD2 . LEU A 1 138 ? -7.907  -7.855  5.672   1.00 18.65 ? 138 LEU A CD2 1 
ATOM   1081 N N   . GLU A 1 139 ? -10.910 -10.109 8.679   1.00 23.27 ? 139 GLU A N   1 
ATOM   1082 C CA  . GLU A 1 139 ? -10.838 -11.478 9.180   1.00 26.59 ? 139 GLU A CA  1 
ATOM   1083 C C   . GLU A 1 139 ? -12.168 -12.219 8.966   1.00 27.54 ? 139 GLU A C   1 
ATOM   1084 O O   . GLU A 1 139 ? -12.172 -13.345 8.479   1.00 30.37 ? 139 GLU A O   1 
ATOM   1085 C CB  . GLU A 1 139 ? -10.487 -11.485 10.672  1.00 31.75 ? 139 GLU A CB  1 
ATOM   1086 C CG  . GLU A 1 139 ? -9.165  -10.808 11.022  1.00 42.46 ? 139 GLU A CG  1 
ATOM   1087 C CD  . GLU A 1 139 ? -8.890  -10.751 12.536  1.00 47.40 ? 139 GLU A CD  1 
ATOM   1088 O OE1 . GLU A 1 139 ? -8.430  -11.769 13.101  1.00 50.41 ? 139 GLU A OE1 1 
ATOM   1089 O OE2 . GLU A 1 139 ? -9.104  -9.680  13.150  1.00 50.25 ? 139 GLU A OE2 1 
ATOM   1090 N N   . ASN A 1 140 ? -13.293 -11.569 9.260   1.00 26.57 ? 140 ASN A N   1 
ATOM   1091 C CA  . ASN A 1 140 ? -14.611 -12.206 9.068   1.00 30.15 ? 140 ASN A CA  1 
ATOM   1092 C C   . ASN A 1 140 ? -15.022 -12.349 7.594   1.00 30.97 ? 140 ASN A C   1 
ATOM   1093 O O   . ASN A 1 140 ? -15.783 -13.251 7.224   1.00 33.89 ? 140 ASN A O   1 
ATOM   1094 C CB  . ASN A 1 140 ? -15.714 -11.412 9.783   1.00 32.80 ? 140 ASN A CB  1 
ATOM   1095 C CG  . ASN A 1 140 ? -15.449 -11.227 11.262  1.00 35.71 ? 140 ASN A CG  1 
ATOM   1096 O OD1 . ASN A 1 140 ? -14.613 -11.896 11.861  1.00 37.11 ? 140 ASN A OD1 1 
ATOM   1097 N ND2 . ASN A 1 140 ? -16.163 -10.292 11.857  1.00 38.04 ? 140 ASN A ND2 1 
ATOM   1098 N N   . TYR A 1 141 ? -14.644 -11.355 6.803   1.00 29.95 ? 141 TYR A N   1 
ATOM   1099 C CA  . TYR A 1 141 ? -15.158 -11.153 5.456   1.00 28.02 ? 141 TYR A CA  1 
ATOM   1100 C C   . TYR A 1 141 ? -14.550 -12.158 4.484   1.00 29.46 ? 141 TYR A C   1 
ATOM   1101 O O   . TYR A 1 141 ? -13.626 -11.835 3.732   1.00 28.34 ? 141 TYR A O   1 
ATOM   1102 C CB  . TYR A 1 141 ? -14.834 -9.728  5.002   1.00 25.30 ? 141 TYR A CB  1 
ATOM   1103 C CG  . TYR A 1 141 ? -15.547 -9.299  3.753   1.00 23.02 ? 141 TYR A CG  1 
ATOM   1104 C CD1 . TYR A 1 141 ? -16.860 -8.863  3.814   1.00 24.68 ? 141 TYR A CD1 1 
ATOM   1105 C CD2 . TYR A 1 141 ? -14.901 -9.290  2.524   1.00 17.67 ? 141 TYR A CD2 1 
ATOM   1106 C CE1 . TYR A 1 141 ? -17.528 -8.424  2.683   1.00 23.87 ? 141 TYR A CE1 1 
ATOM   1107 C CE2 . TYR A 1 141 ? -15.556 -8.846  1.388   1.00 26.80 ? 141 TYR A CE2 1 
ATOM   1108 C CZ  . TYR A 1 141 ? -16.875 -8.411  1.478   1.00 25.22 ? 141 TYR A CZ  1 
ATOM   1109 O OH  . TYR A 1 141 ? -17.530 -7.920  0.378   1.00 27.16 ? 141 TYR A OH  1 
ATOM   1110 N N   . ASP A 1 142 ? -15.219 -13.296 4.366   1.00 30.05 ? 142 ASP A N   1 
ATOM   1111 C CA  . ASP A 1 142 ? -14.691 -14.460 3.669   1.00 33.85 ? 142 ASP A CA  1 
ATOM   1112 C C   . ASP A 1 142 ? -14.359 -14.205 2.189   1.00 32.97 ? 142 ASP A C   1 
ATOM   1113 O O   . ASP A 1 142 ? -13.397 -14.757 1.645   1.00 31.12 ? 142 ASP A O   1 
ATOM   1114 C CB  . ASP A 1 142 ? -15.693 -15.617 3.775   1.00 42.00 ? 142 ASP A CB  1 
ATOM   1115 C CG  . ASP A 1 142 ? -16.468 -15.620 5.097   1.00 49.95 ? 142 ASP A CG  1 
ATOM   1116 O OD1 . ASP A 1 142 ? -15.985 -16.259 6.063   1.00 53.91 ? 142 ASP A OD1 1 
ATOM   1117 O OD2 . ASP A 1 142 ? -17.580 -15.031 5.151   1.00 48.78 ? 142 ASP A OD2 1 
ATOM   1118 N N   . ALA A 1 143 ? -15.149 -13.342 1.558   1.00 30.82 ? 143 ALA A N   1 
ATOM   1119 C CA  . ALA A 1 143 ? -15.059 -13.089 0.126   1.00 31.33 ? 143 ALA A CA  1 
ATOM   1120 C C   . ALA A 1 143 ? -13.691 -12.582 -0.358  1.00 32.79 ? 143 ALA A C   1 
ATOM   1121 O O   . ALA A 1 143 ? -13.324 -12.808 -1.509  1.00 37.58 ? 143 ALA A O   1 
ATOM   1122 C CB  . ALA A 1 143 ? -16.153 -12.113 -0.292  1.00 30.92 ? 143 ALA A CB  1 
ATOM   1123 N N   . ILE A 1 144 ? -12.938 -11.887 0.494   1.00 29.28 ? 144 ILE A N   1 
ATOM   1124 C CA  . ILE A 1 144 ? -11.620 -11.417 0.080   1.00 27.01 ? 144 ILE A CA  1 
ATOM   1125 C C   . ILE A 1 144 ? -10.579 -12.505 0.315   1.00 29.24 ? 144 ILE A C   1 
ATOM   1126 O O   . ILE A 1 144 ? -9.962  -12.605 1.382   1.00 30.95 ? 144 ILE A O   1 
ATOM   1127 C CB  . ILE A 1 144 ? -11.250 -10.086 0.771   1.00 27.54 ? 144 ILE A CB  1 
ATOM   1128 C CG1 . ILE A 1 144 ? -12.212 -8.994  0.292   1.00 25.26 ? 144 ILE A CG1 1 
ATOM   1129 C CG2 . ILE A 1 144 ? -9.829  -9.649  0.399   1.00 27.82 ? 144 ILE A CG2 1 
ATOM   1130 C CD1 . ILE A 1 144 ? -11.948 -7.635  0.852   1.00 24.22 ? 144 ILE A CD1 1 
ATOM   1131 N N   . ARG A 1 145 ? -10.512 -13.405 -0.664  1.00 28.91 ? 145 ARG A N   1 
ATOM   1132 C CA  . ARG A 1 145 ? -9.707  -14.629 -0.620  1.00 29.33 ? 145 ARG A CA  1 
ATOM   1133 C C   . ARG A 1 145 ? -9.166  -14.833 -2.027  1.00 29.88 ? 145 ARG A C   1 
ATOM   1134 O O   . ARG A 1 145 ? -9.874  -14.550 -2.976  1.00 31.53 ? 145 ARG A O   1 
ATOM   1135 C CB  . ARG A 1 145 ? -10.594 -15.820 -0.216  1.00 30.28 ? 145 ARG A CB  1 
ATOM   1136 C CG  . ARG A 1 145 ? -10.224 -17.169 -0.820  0.00 29.38 ? 145 ARG A CG  1 
ATOM   1137 C CD  . ARG A 1 145 ? -9.425  -18.028 0.147   0.00 29.04 ? 145 ARG A CD  1 
ATOM   1138 N NE  . ARG A 1 145 ? -10.089 -18.169 1.441   0.00 28.60 ? 145 ARG A NE  1 
ATOM   1139 C CZ  . ARG A 1 145 ? -9.974  -19.232 2.232   0.00 28.42 ? 145 ARG A CZ  1 
ATOM   1140 N NH1 . ARG A 1 145 ? -9.245  -20.276 1.858   0.00 28.30 ? 145 ARG A NH1 1 
ATOM   1141 N NH2 . ARG A 1 145 ? -10.598 -19.254 3.402   0.00 28.25 ? 145 ARG A NH2 1 
ATOM   1142 N N   . VAL A 1 146 ? -7.876  -15.111 -2.162  1.00 31.91 ? 146 VAL A N   1 
ATOM   1143 C CA  . VAL A 1 146 ? -7.327  -15.377 -3.486  1.00 37.37 ? 146 VAL A CA  1 
ATOM   1144 C C   . VAL A 1 146 ? -7.754  -16.783 -3.893  1.00 44.69 ? 146 VAL A C   1 
ATOM   1145 O O   . VAL A 1 146 ? -7.826  -17.645 -2.986  1.00 50.73 ? 146 VAL A O   1 
ATOM   1146 C CB  . VAL A 1 146 ? -5.765  -15.267 -3.542  1.00 36.83 ? 146 VAL A CB  1 
ATOM   1147 C CG1 . VAL A 1 146 ? -5.308  -13.889 -3.097  1.00 33.88 ? 146 VAL A CG1 1 
ATOM   1148 C CG2 . VAL A 1 146 ? -5.108  -16.347 -2.694  1.00 36.91 ? 146 VAL A CG2 1 
ATOM   1149 N N   . ASP A 1 167 ? 8.695   -12.464 7.758   1.00 44.61 ? 167 ASP A N   1 
ATOM   1150 C CA  . ASP A 1 167 ? 9.947   -11.676 7.498   1.00 43.35 ? 167 ASP A CA  1 
ATOM   1151 C C   . ASP A 1 167 ? 9.692   -10.628 6.422   1.00 38.29 ? 167 ASP A C   1 
ATOM   1152 O O   . ASP A 1 167 ? 9.999   -9.465  6.614   1.00 37.35 ? 167 ASP A O   1 
ATOM   1153 C CB  . ASP A 1 167 ? 11.110  -12.597 7.063   1.00 49.54 ? 167 ASP A CB  1 
ATOM   1154 C CG  . ASP A 1 167 ? 12.482  -12.128 7.582   1.00 55.49 ? 167 ASP A CG  1 
ATOM   1155 O OD1 . ASP A 1 167 ? 12.779  -10.907 7.586   1.00 57.98 ? 167 ASP A OD1 1 
ATOM   1156 O OD2 . ASP A 1 167 ? 13.289  -13.008 7.949   1.00 58.95 ? 167 ASP A OD2 1 
ATOM   1157 N N   . LEU A 1 168 ? 9.134   -11.058 5.290   1.00 32.28 ? 168 LEU A N   1 
ATOM   1158 C CA  . LEU A 1 168 ? 8.764   -10.152 4.193   1.00 30.48 ? 168 LEU A CA  1 
ATOM   1159 C C   . LEU A 1 168 ? 7.434   -9.421  4.475   1.00 27.15 ? 168 LEU A C   1 
ATOM   1160 O O   . LEU A 1 168 ? 6.510   -10.005 5.028   1.00 28.57 ? 168 LEU A O   1 
ATOM   1161 C CB  . LEU A 1 168 ? 8.669   -10.933 2.868   1.00 29.61 ? 168 LEU A CB  1 
ATOM   1162 C CG  . LEU A 1 168 ? 9.710   -10.700 1.746   1.00 34.32 ? 168 LEU A CG  1 
ATOM   1163 C CD1 . LEU A 1 168 ? 11.096  -10.353 2.286   1.00 27.65 ? 168 LEU A CD1 1 
ATOM   1164 C CD2 . LEU A 1 168 ? 9.764   -11.955 0.871   1.00 27.35 ? 168 LEU A CD2 1 
ATOM   1165 N N   . HIS A 1 169 ? 7.367   -8.137  4.133   1.00 22.41 ? 169 HIS A N   1 
ATOM   1166 C CA  . HIS A 1 169 ? 6.232   -7.291  4.484   1.00 16.79 ? 169 HIS A CA  1 
ATOM   1167 C C   . HIS A 1 169 ? 5.903   -6.333  3.330   1.00 15.63 ? 169 HIS A C   1 
ATOM   1168 O O   . HIS A 1 169 ? 6.792   -5.872  2.624   1.00 15.56 ? 169 HIS A O   1 
ATOM   1169 C CB  . HIS A 1 169 ? 6.575   -6.496  5.755   1.00 15.93 ? 169 HIS A CB  1 
ATOM   1170 C CG  . HIS A 1 169 ? 5.404   -5.810  6.388   1.00 13.63 ? 169 HIS A CG  1 
ATOM   1171 N ND1 . HIS A 1 169 ? 4.223   -6.461  6.680   1.00 19.04 ? 169 HIS A ND1 1 
ATOM   1172 C CD2 . HIS A 1 169 ? 5.191   -4.506  6.685   1.00 13.31 ? 169 HIS A CD2 1 
ATOM   1173 C CE1 . HIS A 1 169 ? 3.332   -5.590  7.112   1.00 15.56 ? 169 HIS A CE1 1 
ATOM   1174 N NE2 . HIS A 1 169 ? 3.896   -4.395  7.130   1.00 14.61 ? 169 HIS A NE2 1 
ATOM   1175 N N   . PHE A 1 170 ? 4.616   -6.055  3.137   1.00 11.37 ? 170 PHE A N   1 
ATOM   1176 C CA  . PHE A 1 170 ? 4.168   -5.063  2.172   1.00 13.04 ? 170 PHE A CA  1 
ATOM   1177 C C   . PHE A 1 170 ? 3.756   -3.789  2.869   1.00 12.35 ? 170 PHE A C   1 
ATOM   1178 O O   . PHE A 1 170 ? 3.061   -3.820  3.892   1.00 13.04 ? 170 PHE A O   1 
ATOM   1179 C CB  . PHE A 1 170 ? 2.942   -5.559  1.394   1.00 15.00 ? 170 PHE A CB  1 
ATOM   1180 C CG  . PHE A 1 170 ? 3.274   -6.364  0.168   1.00 13.40 ? 170 PHE A CG  1 
ATOM   1181 C CD1 . PHE A 1 170 ? 3.643   -5.732  -1.007  1.00 17.90 ? 170 PHE A CD1 1 
ATOM   1182 C CD2 . PHE A 1 170 ? 3.091   -7.742  0.158   1.00 16.80 ? 170 PHE A CD2 1 
ATOM   1183 C CE1 . PHE A 1 170 ? 3.806   -6.471  -2.191  1.00 19.11 ? 170 PHE A CE1 1 
ATOM   1184 C CE2 . PHE A 1 170 ? 3.245   -8.482  -1.009  1.00 15.73 ? 170 PHE A CE2 1 
ATOM   1185 C CZ  . PHE A 1 170 ? 3.599   -7.844  -2.182  1.00 14.95 ? 170 PHE A CZ  1 
ATOM   1186 N N   . ILE A 1 171 ? 4.104   -2.669  2.261   1.00 13.08 ? 171 ILE A N   1 
ATOM   1187 C CA  . ILE A 1 171 ? 3.427   -1.420  2.562   1.00 17.13 ? 171 ILE A CA  1 
ATOM   1188 C C   . ILE A 1 171 ? 2.881   -0.794  1.276   1.00 15.82 ? 171 ILE A C   1 
ATOM   1189 O O   . ILE A 1 171 ? 3.246   -1.220  0.169   1.00 15.55 ? 171 ILE A O   1 
ATOM   1190 C CB  . ILE A 1 171 ? 4.348   -0.407  3.305   1.00 17.52 ? 171 ILE A CB  1 
ATOM   1191 C CG1 . ILE A 1 171 ? 5.557   -0.030  2.448   1.00 19.39 ? 171 ILE A CG1 1 
ATOM   1192 C CG2 . ILE A 1 171 ? 4.787   -1.004  4.641   1.00 18.45 ? 171 ILE A CG2 1 
ATOM   1193 C CD1 . ILE A 1 171 ? 6.357   1.134   2.999   1.00 21.31 ? 171 ILE A CD1 1 
ATOM   1194 N N   . ALA A 1 172 ? 1.893   0.082   1.444   1.00 14.30 ? 172 ALA A N   1 
ATOM   1195 C CA  . ALA A 1 172 ? 1.314   0.832   0.348   1.00 11.34 ? 172 ALA A CA  1 
ATOM   1196 C C   . ALA A 1 172 ? 1.685   2.297   0.480   1.00 13.20 ? 172 ALA A C   1 
ATOM   1197 O O   . ALA A 1 172 ? 1.713   2.853   1.586   1.00 13.74 ? 172 ALA A O   1 
ATOM   1198 C CB  . ALA A 1 172 ? -0.206  0.655   0.341   1.00 12.21 ? 172 ALA A CB  1 
ATOM   1199 N N   . LEU A 1 173 ? 2.018   2.910   -0.653  1.00 14.10 ? 173 LEU A N   1 
ATOM   1200 C CA  . LEU A 1 173 ? 2.338   4.334   -0.712  1.00 13.28 ? 173 LEU A CA  1 
ATOM   1201 C C   . LEU A 1 173 ? 1.361   5.015   -1.665  1.00 16.11 ? 173 LEU A C   1 
ATOM   1202 O O   . LEU A 1 173 ? 1.186   4.567   -2.800  1.00 16.45 ? 173 LEU A O   1 
ATOM   1203 C CB  . LEU A 1 173 ? 3.780   4.520   -1.196  1.00 14.89 ? 173 LEU A CB  1 
ATOM   1204 C CG  . LEU A 1 173 ? 4.842   4.159   -0.135  1.00 17.25 ? 173 LEU A CG  1 
ATOM   1205 C CD1 . LEU A 1 173 ? 6.212   3.848   -0.763  1.00 14.54 ? 173 LEU A CD1 1 
ATOM   1206 C CD2 . LEU A 1 173 ? 4.937   5.328   0.849   1.00 15.04 ? 173 LEU A CD2 1 
ATOM   1207 N N   . VAL A 1 174 ? 0.594   5.962   -1.126  1.00 16.31 ? 174 VAL A N   1 
ATOM   1208 C CA  . VAL A 1 174 ? -0.498  6.607   -1.856  1.00 17.92 ? 174 VAL A CA  1 
ATOM   1209 C C   . VAL A 1 174 ? -0.543  8.110   -1.619  1.00 18.53 ? 174 VAL A C   1 
ATOM   1210 O O   . VAL A 1 174 ? -0.039  8.628   -0.622  1.00 17.41 ? 174 VAL A O   1 
ATOM   1211 C CB  . VAL A 1 174 ? -1.902  6.031   -1.469  1.00 17.86 ? 174 VAL A CB  1 
ATOM   1212 C CG1 . VAL A 1 174 ? -1.980  4.530   -1.766  1.00 15.30 ? 174 VAL A CG1 1 
ATOM   1213 C CG2 . VAL A 1 174 ? -2.201  6.317   0.009   1.00 16.97 ? 174 VAL A CG2 1 
ATOM   1214 N N   . HIS A 1 175 ? -1.166  8.801   -2.556  1.00 18.01 ? 175 HIS A N   1 
ATOM   1215 C CA  . HIS A 1 175 ? -1.314  10.236  -2.479  1.00 22.89 ? 175 HIS A CA  1 
ATOM   1216 C C   . HIS A 1 175 ? -2.718  10.561  -2.010  1.00 23.68 ? 175 HIS A C   1 
ATOM   1217 O O   . HIS A 1 175 ? -3.683  10.189  -2.662  1.00 23.93 ? 175 HIS A O   1 
ATOM   1218 C CB  . HIS A 1 175 ? -1.062  10.858  -3.853  1.00 24.46 ? 175 HIS A CB  1 
ATOM   1219 C CG  . HIS A 1 175 ? -1.563  12.263  -3.976  1.00 28.42 ? 175 HIS A CG  1 
ATOM   1220 N ND1 . HIS A 1 175 ? -2.577  12.615  -4.838  1.00 29.90 ? 175 HIS A ND1 1 
ATOM   1221 C CD2 . HIS A 1 175 ? -1.212  13.396  -3.328  1.00 29.90 ? 175 HIS A CD2 1 
ATOM   1222 C CE1 . HIS A 1 175 ? -2.828  13.902  -4.718  1.00 30.93 ? 175 HIS A CE1 1 
ATOM   1223 N NE2 . HIS A 1 175 ? -2.014  14.400  -3.805  1.00 31.81 ? 175 HIS A NE2 1 
ATOM   1224 N N   . VAL A 1 176 ? -2.832  11.211  -0.857  1.00 24.25 ? 176 VAL A N   1 
ATOM   1225 C CA  . VAL A 1 176 ? -4.132  11.689  -0.389  1.00 25.87 ? 176 VAL A CA  1 
ATOM   1226 C C   . VAL A 1 176 ? -4.030  13.146  0.050   1.00 26.17 ? 176 VAL A C   1 
ATOM   1227 O O   . VAL A 1 176 ? -3.111  13.516  0.783   1.00 25.83 ? 176 VAL A O   1 
ATOM   1228 C CB  . VAL A 1 176 ? -4.678  10.837  0.794   1.00 26.10 ? 176 VAL A CB  1 
ATOM   1229 C CG1 . VAL A 1 176 ? -6.080  11.284  1.161   1.00 23.79 ? 176 VAL A CG1 1 
ATOM   1230 C CG2 . VAL A 1 176 ? -4.691  9.366   0.426   1.00 23.00 ? 176 VAL A CG2 1 
ATOM   1231 N N   . ASP A 1 177 ? -4.901  13.985  -0.509  1.00 30.10 ? 177 ASP A N   1 
ATOM   1232 C CA  . ASP A 1 177 ? -4.983  15.406  -0.155  1.00 31.23 ? 177 ASP A CA  1 
ATOM   1233 C C   . ASP A 1 177 ? -3.617  16.069  -0.046  1.00 30.72 ? 177 ASP A C   1 
ATOM   1234 O O   . ASP A 1 177 ? -3.250  16.572  1.016   1.00 31.89 ? 177 ASP A O   1 
ATOM   1235 C CB  . ASP A 1 177 ? -5.747  15.582  1.158   1.00 37.10 ? 177 ASP A CB  1 
ATOM   1236 C CG  . ASP A 1 177 ? -7.210  15.137  1.062   1.00 43.92 ? 177 ASP A CG  1 
ATOM   1237 O OD1 . ASP A 1 177 ? -7.700  14.888  -0.066  1.00 48.64 ? 177 ASP A OD1 1 
ATOM   1238 O OD2 . ASP A 1 177 ? -7.867  15.013  2.120   1.00 45.60 ? 177 ASP A OD2 1 
ATOM   1239 N N   . GLY A 1 178 ? -2.795  15.854  -1.071  1.00 29.77 ? 178 GLY A N   1 
ATOM   1240 C CA  . GLY A 1 178 ? -1.529  16.559  -1.187  1.00 30.17 ? 178 GLY A CA  1 
ATOM   1241 C C   . GLY A 1 178 ? -0.351  15.992  -0.417  1.00 28.13 ? 178 GLY A C   1 
ATOM   1242 O O   . GLY A 1 178 ? 0.745   16.548  -0.450  1.00 28.30 ? 178 GLY A O   1 
ATOM   1243 N N   . HIS A 1 179 ? -0.559  14.874  0.269   1.00 27.85 ? 179 HIS A N   1 
ATOM   1244 C CA  . HIS A 1 179 ? 0.532   14.243  0.999   1.00 27.46 ? 179 HIS A CA  1 
ATOM   1245 C C   . HIS A 1 179 ? 0.666   12.763  0.725   1.00 26.07 ? 179 HIS A C   1 
ATOM   1246 O O   . HIS A 1 179 ? -0.293  12.116  0.282   1.00 24.18 ? 179 HIS A O   1 
ATOM   1247 C CB  . HIS A 1 179 ? 0.373   14.483  2.493   1.00 31.40 ? 179 HIS A CB  1 
ATOM   1248 C CG  . HIS A 1 179 ? 0.278   15.932  2.847   1.00 39.75 ? 179 HIS A CG  1 
ATOM   1249 N ND1 . HIS A 1 179 ? -0.931  16.593  2.912   1.00 39.91 ? 179 HIS A ND1 1 
ATOM   1250 C CD2 . HIS A 1 179 ? 1.234   16.887  2.942   1.00 39.28 ? 179 HIS A CD2 1 
ATOM   1251 C CE1 . HIS A 1 179 ? -0.715  17.892  3.018   1.00 42.46 ? 179 HIS A CE1 1 
ATOM   1252 N NE2 . HIS A 1 179 ? 0.591   18.095  3.038   1.00 43.86 ? 179 HIS A NE2 1 
ATOM   1253 N N   . LEU A 1 180 ? 1.913   12.301  0.813   1.00 23.29 ? 180 LEU A N   1 
ATOM   1254 C CA  . LEU A 1 180 ? 2.281   10.898  0.630   1.00 23.82 ? 180 LEU A CA  1 
ATOM   1255 C C   . LEU A 1 180 ? 2.155   10.103  1.931   1.00 22.99 ? 180 LEU A C   1 
ATOM   1256 O O   . LEU A 1 180 ? 2.834   10.387  2.924   1.00 23.65 ? 180 LEU A O   1 
ATOM   1257 C CB  . LEU A 1 180 ? 3.719   10.810  0.115   1.00 22.59 ? 180 LEU A CB  1 
ATOM   1258 C CG  . LEU A 1 180 ? 4.369   9.446   -0.115  1.00 22.52 ? 180 LEU A CG  1 
ATOM   1259 C CD1 . LEU A 1 180 ? 3.589   8.634   -1.128  1.00 22.19 ? 180 LEU A CD1 1 
ATOM   1260 C CD2 . LEU A 1 180 ? 5.785   9.684   -0.610  1.00 24.25 ? 180 LEU A CD2 1 
ATOM   1261 N N   . TYR A 1 181 ? 1.273   9.115   1.927   1.00 20.53 ? 181 TYR A N   1 
ATOM   1262 C CA  . TYR A 1 181 ? 1.039   8.309   3.117   1.00 18.31 ? 181 TYR A CA  1 
ATOM   1263 C C   . TYR A 1 181 ? 1.556   6.912   2.909   1.00 17.40 ? 181 TYR A C   1 
ATOM   1264 O O   . TYR A 1 181 ? 1.405   6.335   1.829   1.00 16.63 ? 181 TYR A O   1 
ATOM   1265 C CB  . TYR A 1 181 ? -0.455  8.270   3.470   1.00 16.99 ? 181 TYR A CB  1 
ATOM   1266 C CG  . TYR A 1 181 ? -0.980  9.588   4.017   1.00 19.91 ? 181 TYR A CG  1 
ATOM   1267 C CD1 . TYR A 1 181 ? -0.838  9.918   5.367   1.00 19.21 ? 181 TYR A CD1 1 
ATOM   1268 C CD2 . TYR A 1 181 ? -1.560  10.531  3.167   1.00 21.59 ? 181 TYR A CD2 1 
ATOM   1269 C CE1 . TYR A 1 181 ? -1.265  11.157  5.855   1.00 20.75 ? 181 TYR A CE1 1 
ATOM   1270 C CE2 . TYR A 1 181 ? -1.980  11.778  3.647   1.00 22.12 ? 181 TYR A CE2 1 
ATOM   1271 C CZ  . TYR A 1 181 ? -1.837  12.079  4.989   1.00 21.81 ? 181 TYR A CZ  1 
ATOM   1272 O OH  . TYR A 1 181 ? -2.318  13.285  5.454   1.00 21.78 ? 181 TYR A OH  1 
ATOM   1273 N N   . GLU A 1 182 ? 2.370   6.479   3.856   1.00 15.21 ? 182 GLU A N   1 
ATOM   1274 C CA  . GLU A 1 182 ? 2.777   5.093   3.930   1.00 13.51 ? 182 GLU A CA  1 
ATOM   1275 C C   . GLU A 1 182 ? 1.712   4.444   4.773   1.00 14.99 ? 182 GLU A C   1 
ATOM   1276 O O   . GLU A 1 182 ? 1.447   4.886   5.903   1.00 15.11 ? 182 GLU A O   1 
ATOM   1277 C CB  . GLU A 1 182 ? 4.138   4.958   4.629   1.00 11.85 ? 182 GLU A CB  1 
ATOM   1278 C CG  . GLU A 1 182 ? 4.436   3.558   5.140   1.00 11.30 ? 182 GLU A CG  1 
ATOM   1279 C CD  . GLU A 1 182 ? 5.657   3.491   6.046   1.00 14.98 ? 182 GLU A CD  1 
ATOM   1280 O OE1 . GLU A 1 182 ? 6.385   4.495   6.145   1.00 15.00 ? 182 GLU A OE1 1 
ATOM   1281 O OE2 . GLU A 1 182 ? 5.896   2.425   6.638   1.00 14.93 ? 182 GLU A OE2 1 
ATOM   1282 N N   . LEU A 1 183 ? 1.060   3.442   4.201   1.00 12.67 ? 183 LEU A N   1 
ATOM   1283 C CA  . LEU A 1 183 ? 0.071   2.664   4.923   1.00 12.90 ? 183 LEU A CA  1 
ATOM   1284 C C   . LEU A 1 183 ? 0.591   1.269   5.249   1.00 11.08 ? 183 LEU A C   1 
ATOM   1285 O O   . LEU A 1 183 ? 0.843   0.452   4.382   1.00 10.71 ? 183 LEU A O   1 
ATOM   1286 C CB  . LEU A 1 183 ? -1.234  2.609   4.119   1.00 15.03 ? 183 LEU A CB  1 
ATOM   1287 C CG  . LEU A 1 183 ? -1.794  3.976   3.688   1.00 15.56 ? 183 LEU A CG  1 
ATOM   1288 C CD1 . LEU A 1 183 ? -2.976  3.781   2.750   1.00 15.32 ? 183 LEU A CD1 1 
ATOM   1289 C CD2 . LEU A 1 183 ? -2.243  4.786   4.913   1.00 16.89 ? 183 LEU A CD2 1 
ATOM   1290 N N   . ASP A 1 184 ? 0.880   1.059   6.521   1.00 13.16 ? 184 ASP A N   1 
ATOM   1291 C CA  . ASP A 1 184 ? 1.432   -0.200  7.018   1.00 14.34 ? 184 ASP A CA  1 
ATOM   1292 C C   . ASP A 1 184 ? 0.624   -0.594  8.250   1.00 16.33 ? 184 ASP A C   1 
ATOM   1293 O O   . ASP A 1 184 ? 0.718   0.068   9.274   1.00 16.05 ? 184 ASP A O   1 
ATOM   1294 C CB  . ASP A 1 184 ? 2.905   0.015   7.405   1.00 14.33 ? 184 ASP A CB  1 
ATOM   1295 C CG  . ASP A 1 184 ? 3.554   -1.230  7.992   1.00 15.44 ? 184 ASP A CG  1 
ATOM   1296 O OD1 . ASP A 1 184 ? 2.845   -2.184  8.368   1.00 14.97 ? 184 ASP A OD1 1 
ATOM   1297 O OD2 . ASP A 1 184 ? 4.801   -1.253  8.070   1.00 16.13 ? 184 ASP A OD2 1 
ATOM   1298 N N   . GLY A 1 185 ? -0.132  -1.682  8.171   1.00 16.42 ? 185 GLY A N   1 
ATOM   1299 C CA  . GLY A 1 185 ? -1.043  -2.030  9.260   1.00 17.67 ? 185 GLY A CA  1 
ATOM   1300 C C   . GLY A 1 185 ? -0.352  -2.446  10.550  1.00 18.28 ? 185 GLY A C   1 
ATOM   1301 O O   . GLY A 1 185 ? -1.001  -2.657  11.568  1.00 18.70 ? 185 GLY A O   1 
ATOM   1302 N N   . ARG A 1 186 ? 0.953   -2.696  10.465  1.00 19.25 ? 186 ARG A N   1 
ATOM   1303 C CA  . ARG A 1 186 ? 1.762   -2.964  11.651  1.00 19.66 ? 186 ARG A CA  1 
ATOM   1304 C C   . ARG A 1 186 ? 1.926   -1.713  12.508  1.00 18.52 ? 186 ARG A C   1 
ATOM   1305 O O   . ARG A 1 186 ? 2.350   -1.780  13.651  1.00 23.14 ? 186 ARG A O   1 
ATOM   1306 C CB  . ARG A 1 186 ? 3.149   -3.484  11.253  1.00 17.80 ? 186 ARG A CB  1 
ATOM   1307 C CG  . ARG A 1 186 ? 3.150   -4.915  10.736  1.00 21.14 ? 186 ARG A CG  1 
ATOM   1308 C CD  . ARG A 1 186 ? 4.559   -5.425  10.476  1.00 24.27 ? 186 ARG A CD  1 
ATOM   1309 N NE  . ARG A 1 186 ? 5.194   -5.937  11.688  1.00 28.78 ? 186 ARG A NE  1 
ATOM   1310 C CZ  . ARG A 1 186 ? 6.336   -5.473  12.193  1.00 29.73 ? 186 ARG A CZ  1 
ATOM   1311 N NH1 . ARG A 1 186 ? 6.960   -4.441  11.633  1.00 27.79 ? 186 ARG A NH1 1 
ATOM   1312 N NH2 . ARG A 1 186 ? 6.870   -6.065  13.253  1.00 28.20 ? 186 ARG A NH2 1 
ATOM   1313 N N   . LYS A 1 187 ? 1.737   -0.558  11.904  1.00 16.47 ? 187 LYS A N   1 
ATOM   1314 C CA  . LYS A 1 187 ? 1.987   0.682   12.602  1.00 17.08 ? 187 LYS A CA  1 
ATOM   1315 C C   . LYS A 1 187 ? 0.701   1.234   13.218  1.00 20.11 ? 187 LYS A C   1 
ATOM   1316 O O   . LYS A 1 187 ? -0.396  0.782   12.891  1.00 18.37 ? 187 LYS A O   1 
ATOM   1317 C CB  . LYS A 1 187 ? 2.644   1.672   11.644  1.00 13.37 ? 187 LYS A CB  1 
ATOM   1318 C CG  . LYS A 1 187 ? 4.029   1.192   11.210  1.00 11.69 ? 187 LYS A CG  1 
ATOM   1319 C CD  . LYS A 1 187 ? 4.751   2.229   10.359  1.00 12.40 ? 187 LYS A CD  1 
ATOM   1320 C CE  . LYS A 1 187 ? 6.104   1.688   9.923   1.00 12.88 ? 187 LYS A CE  1 
ATOM   1321 N NZ  . LYS A 1 187 ? 6.899   2.725   9.218   1.00 12.97 ? 187 LYS A NZ  1 
ATOM   1322 N N   . PRO A 1 188 ? 0.829   2.131   14.206  1.00 19.32 ? 188 PRO A N   1 
ATOM   1323 C CA  . PRO A 1 188 ? -0.399  2.625   14.855  1.00 20.87 ? 188 PRO A CA  1 
ATOM   1324 C C   . PRO A 1 188 ? -1.255  3.537   13.957  1.00 18.51 ? 188 PRO A C   1 
ATOM   1325 O O   . PRO A 1 188 ? -2.404  3.852   14.273  1.00 18.14 ? 188 PRO A O   1 
ATOM   1326 C CB  . PRO A 1 188 ? 0.117   3.367   16.105  1.00 20.84 ? 188 PRO A CB  1 
ATOM   1327 C CG  . PRO A 1 188 ? 1.625   3.480   15.918  1.00 20.92 ? 188 PRO A CG  1 
ATOM   1328 C CD  . PRO A 1 188 ? 2.040   2.380   15.009  1.00 19.27 ? 188 PRO A CD  1 
ATOM   1329 N N   . PHE A 1 189 ? -0.662  4.020   12.875  1.00 16.00 ? 189 PHE A N   1 
ATOM   1330 C CA  . PHE A 1 189 ? -1.267  5.071   12.061  1.00 14.73 ? 189 PHE A CA  1 
ATOM   1331 C C   . PHE A 1 189 ? -0.567  5.130   10.717  1.00 14.51 ? 189 PHE A C   1 
ATOM   1332 O O   . PHE A 1 189 ? 0.467   4.491   10.530  1.00 14.41 ? 189 PHE A O   1 
ATOM   1333 C CB  . PHE A 1 189 ? -1.181  6.449   12.745  1.00 19.72 ? 189 PHE A CB  1 
ATOM   1334 C CG  . PHE A 1 189 ? 0.059   6.662   13.593  1.00 18.33 ? 189 PHE A CG  1 
ATOM   1335 C CD1 . PHE A 1 189 ? 1.329   6.637   13.032  1.00 19.90 ? 189 PHE A CD1 1 
ATOM   1336 C CD2 . PHE A 1 189 ? -0.056  6.859   14.965  1.00 24.46 ? 189 PHE A CD2 1 
ATOM   1337 C CE1 . PHE A 1 189 ? 2.466   6.791   13.822  1.00 18.74 ? 189 PHE A CE1 1 
ATOM   1338 C CE2 . PHE A 1 189 ? 1.080   7.022   15.763  1.00 23.39 ? 189 PHE A CE2 1 
ATOM   1339 C CZ  . PHE A 1 189 ? 2.336   6.978   15.188  1.00 20.37 ? 189 PHE A CZ  1 
ATOM   1340 N N   . PRO A 1 190 ? -1.197  5.780   9.726   1.00 18.27 ? 190 PRO A N   1 
ATOM   1341 C CA  . PRO A 1 190 ? -0.485  6.157   8.499   1.00 15.88 ? 190 PRO A CA  1 
ATOM   1342 C C   . PRO A 1 190 ? 0.739   6.993   8.852   1.00 18.93 ? 190 PRO A C   1 
ATOM   1343 O O   . PRO A 1 190 ? 0.755   7.655   9.893   1.00 18.46 ? 190 PRO A O   1 
ATOM   1344 C CB  . PRO A 1 190 ? -1.515  6.980   7.729   1.00 14.74 ? 190 PRO A CB  1 
ATOM   1345 C CG  . PRO A 1 190 ? -2.836  6.505   8.246   1.00 13.70 ? 190 PRO A CG  1 
ATOM   1346 C CD  . PRO A 1 190 ? -2.600  6.242   9.704   1.00 16.54 ? 190 PRO A CD  1 
ATOM   1347 N N   . ILE A 1 191 ? 1.778   6.899   8.032   1.00 16.14 ? 191 ILE A N   1 
ATOM   1348 C CA  . ILE A 1 191 ? 2.945   7.779   8.165   1.00 18.56 ? 191 ILE A CA  1 
ATOM   1349 C C   . ILE A 1 191 ? 2.946   8.831   7.056   1.00 19.70 ? 191 ILE A C   1 
ATOM   1350 O O   . ILE A 1 191 ? 2.900   8.496   5.861   1.00 17.72 ? 191 ILE A O   1 
ATOM   1351 C CB  . ILE A 1 191 ? 4.279   6.975   8.100   1.00 15.52 ? 191 ILE A CB  1 
ATOM   1352 C CG1 . ILE A 1 191 ? 4.281   5.855   9.147   1.00 14.75 ? 191 ILE A CG1 1 
ATOM   1353 C CG2 . ILE A 1 191 ? 5.471   7.926   8.242   1.00 15.36 ? 191 ILE A CG2 1 
ATOM   1354 C CD1 . ILE A 1 191 ? 4.077   6.325   10.588  1.00 14.66 ? 191 ILE A CD1 1 
ATOM   1355 N N   . ASN A 1 192 ? 2.913   10.100  7.456   1.00 19.71 ? 192 ASN A N   1 
ATOM   1356 C CA  . ASN A 1 192 ? 2.909   11.204  6.502   1.00 22.28 ? 192 ASN A CA  1 
ATOM   1357 C C   . ASN A 1 192 ? 4.343   11.474  6.058   1.00 23.91 ? 192 ASN A C   1 
ATOM   1358 O O   . ASN A 1 192 ? 5.200   11.762  6.886   1.00 24.94 ? 192 ASN A O   1 
ATOM   1359 C CB  . ASN A 1 192 ? 2.309   12.467  7.131   1.00 22.85 ? 192 ASN A CB  1 
ATOM   1360 C CG  . ASN A 1 192 ? 2.101   13.579  6.119   1.00 20.68 ? 192 ASN A CG  1 
ATOM   1361 O OD1 . ASN A 1 192 ? 2.890   13.754  5.199   1.00 26.53 ? 192 ASN A OD1 1 
ATOM   1362 N ND2 . ASN A 1 192 ? 1.017   14.307  6.265   1.00 19.89 ? 192 ASN A ND2 1 
ATOM   1363 N N   . HIS A 1 193 ? 4.624   11.244  4.778   1.00 20.91 ? 193 HIS A N   1 
ATOM   1364 C CA  . HIS A 1 193 ? 5.977   11.391  4.260   1.00 20.25 ? 193 HIS A CA  1 
ATOM   1365 C C   . HIS A 1 193 ? 6.188   12.688  3.511   1.00 22.80 ? 193 HIS A C   1 
ATOM   1366 O O   . HIS A 1 193 ? 7.174   12.841  2.777   1.00 29.84 ? 193 HIS A O   1 
ATOM   1367 C CB  . HIS A 1 193 ? 6.332   10.226  3.350   1.00 20.01 ? 193 HIS A CB  1 
ATOM   1368 C CG  . HIS A 1 193 ? 6.655   8.974   4.088   1.00 17.79 ? 193 HIS A CG  1 
ATOM   1369 N ND1 . HIS A 1 193 ? 7.880   8.747   4.683   1.00 18.33 ? 193 HIS A ND1 1 
ATOM   1370 C CD2 . HIS A 1 193 ? 5.912   7.870   4.328   1.00 16.56 ? 193 HIS A CD2 1 
ATOM   1371 C CE1 . HIS A 1 193 ? 7.885   7.555   5.240   1.00 20.03 ? 193 HIS A CE1 1 
ATOM   1372 N NE2 . HIS A 1 193 ? 6.699   6.996   5.042   1.00 19.35 ? 193 HIS A NE2 1 
ATOM   1373 N N   . GLY A 1 194 ? 5.241   13.601  3.655   1.00 20.96 ? 194 GLY A N   1 
ATOM   1374 C CA  . GLY A 1 194 ? 5.389   14.897  3.044   1.00 24.33 ? 194 GLY A CA  1 
ATOM   1375 C C   . GLY A 1 194 ? 4.483   15.102  1.854   1.00 26.93 ? 194 GLY A C   1 
ATOM   1376 O O   . GLY A 1 194 ? 3.558   14.339  1.608   1.00 26.69 ? 194 GLY A O   1 
ATOM   1377 N N   . GLU A 1 195 ? 4.705   16.203  1.161   1.00 29.16 ? 195 GLU A N   1 
ATOM   1378 C CA  . GLU A 1 195 ? 3.864   16.571  0.046   1.00 33.78 ? 195 GLU A CA  1 
ATOM   1379 C C   . GLU A 1 195 ? 4.110   15.704  -1.189  1.00 33.75 ? 195 GLU A C   1 
ATOM   1380 O O   . GLU A 1 195 ? 5.202   15.158  -1.386  1.00 32.74 ? 195 GLU A O   1 
ATOM   1381 C CB  . GLU A 1 195 ? 4.070   18.050  -0.282  1.00 39.83 ? 195 GLU A CB  1 
ATOM   1382 C CG  . GLU A 1 195 ? 3.789   18.977  0.905   1.00 50.66 ? 195 GLU A CG  1 
ATOM   1383 C CD  . GLU A 1 195 ? 3.444   20.393  0.476   1.00 57.04 ? 195 GLU A CD  1 
ATOM   1384 O OE1 . GLU A 1 195 ? 4.347   21.104  -0.023  1.00 59.02 ? 195 GLU A OE1 1 
ATOM   1385 O OE2 . GLU A 1 195 ? 2.265   20.789  0.640   1.00 59.34 ? 195 GLU A OE2 1 
ATOM   1386 N N   . THR A 1 196 ? 3.044   15.500  -1.957  1.00 34.10 ? 196 THR A N   1 
ATOM   1387 C CA  . THR A 1 196 ? 3.114   14.800  -3.235  1.00 31.68 ? 196 THR A CA  1 
ATOM   1388 C C   . THR A 1 196 ? 1.852   15.103  -4.044  1.00 35.53 ? 196 THR A C   1 
ATOM   1389 O O   . THR A 1 196 ? 0.891   15.707  -3.536  1.00 37.07 ? 196 THR A O   1 
ATOM   1390 C CB  . THR A 1 196 ? 3.237   13.269  -3.042  1.00 29.60 ? 196 THR A CB  1 
ATOM   1391 O OG1 . THR A 1 196 ? 3.508   12.650  -4.299  1.00 29.82 ? 196 THR A OG1 1 
ATOM   1392 C CG2 . THR A 1 196 ? 1.953   12.692  -2.480  1.00 28.59 ? 196 THR A CG2 1 
ATOM   1393 N N   . SER A 1 197 ? 1.810   14.598  -5.271  1.00 34.92 ? 197 SER A N   1 
ATOM   1394 C CA  . SER A 1 197 ? 0.713   14.904  -6.187  1.00 35.94 ? 197 SER A CA  1 
ATOM   1395 C C   . SER A 1 197 ? 0.381   13.679  -7.009  1.00 34.85 ? 197 SER A C   1 
ATOM   1396 O O   . SER A 1 197 ? 1.181   12.746  -7.084  1.00 35.33 ? 197 SER A O   1 
ATOM   1397 C CB  . SER A 1 197 ? 1.110   16.044  -7.138  1.00 35.57 ? 197 SER A CB  1 
ATOM   1398 O OG  . SER A 1 197 ? 2.120   15.620  -8.035  1.00 38.66 ? 197 SER A OG  1 
ATOM   1399 N N   . ASP A 1 198 ? -0.733  13.744  -7.729  1.00 35.50 ? 198 ASP A N   1 
ATOM   1400 C CA  . ASP A 1 198 ? -1.076  12.709  -8.698  1.00 34.12 ? 198 ASP A CA  1 
ATOM   1401 C C   . ASP A 1 198 ? 0.067   12.492  -9.691  1.00 32.19 ? 198 ASP A C   1 
ATOM   1402 O O   . ASP A 1 198 ? 0.390   11.361  -10.068 1.00 30.03 ? 198 ASP A O   1 
ATOM   1403 C CB  . ASP A 1 198 ? -2.327  13.112  -9.472  1.00 38.91 ? 198 ASP A CB  1 
ATOM   1404 C CG  . ASP A 1 198 ? -3.594  13.005  -8.651  1.00 42.65 ? 198 ASP A CG  1 
ATOM   1405 O OD1 . ASP A 1 198 ? -3.614  12.257  -7.650  1.00 41.80 ? 198 ASP A OD1 1 
ATOM   1406 O OD2 . ASP A 1 198 ? -4.599  13.635  -9.056  1.00 48.05 ? 198 ASP A OD2 1 
ATOM   1407 N N   . GLU A 1 199 ? 0.715   13.586  -10.065 1.00 31.22 ? 199 GLU A N   1 
ATOM   1408 C CA  . GLU A 1 199 ? 1.674   13.562  -11.155 1.00 32.54 ? 199 GLU A CA  1 
ATOM   1409 C C   . GLU A 1 199 ? 3.017   12.994  -10.720 1.00 33.23 ? 199 GLU A C   1 
ATOM   1410 O O   . GLU A 1 199 ? 3.723   12.365  -11.507 1.00 35.95 ? 199 GLU A O   1 
ATOM   1411 C CB  . GLU A 1 199 ? 1.852   14.976  -11.711 1.00 35.99 ? 199 GLU A CB  1 
ATOM   1412 C CG  . GLU A 1 199 ? 2.675   15.047  -12.989 0.00 35.94 ? 199 GLU A CG  1 
ATOM   1413 C CD  . GLU A 1 199 ? 2.914   16.474  -13.449 0.00 36.71 ? 199 GLU A CD  1 
ATOM   1414 O OE1 . GLU A 1 199 ? 3.824   17.132  -12.904 0.00 36.88 ? 199 GLU A OE1 1 
ATOM   1415 O OE2 . GLU A 1 199 ? 2.197   16.931  -14.365 0.00 36.92 ? 199 GLU A OE2 1 
ATOM   1416 N N   . THR A 1 200 ? 3.368   13.193  -9.459  1.00 31.19 ? 200 THR A N   1 
ATOM   1417 C CA  . THR A 1 200 ? 4.706   12.849  -9.009  1.00 29.88 ? 200 THR A CA  1 
ATOM   1418 C C   . THR A 1 200 ? 4.728   11.694  -8.017  1.00 29.23 ? 200 THR A C   1 
ATOM   1419 O O   . THR A 1 200 ? 5.781   11.372  -7.460  1.00 29.48 ? 200 THR A O   1 
ATOM   1420 C CB  . THR A 1 200 ? 5.369   14.046  -8.356  1.00 30.21 ? 200 THR A CB  1 
ATOM   1421 O OG1 . THR A 1 200 ? 4.571   14.479  -7.245  1.00 33.62 ? 200 THR A OG1 1 
ATOM   1422 C CG2 . THR A 1 200 ? 5.479   15.179  -9.341  1.00 32.46 ? 200 THR A CG2 1 
ATOM   1423 N N   . LEU A 1 201 ? 3.579   11.059  -7.804  1.00 26.09 ? 201 LEU A N   1 
ATOM   1424 C CA  . LEU A 1 201 ? 3.490   9.957   -6.849  1.00 24.40 ? 201 LEU A CA  1 
ATOM   1425 C C   . LEU A 1 201 ? 4.559   8.865   -7.033  1.00 24.10 ? 201 LEU A C   1 
ATOM   1426 O O   . LEU A 1 201 ? 5.183   8.443   -6.054  1.00 21.46 ? 201 LEU A O   1 
ATOM   1427 C CB  . LEU A 1 201 ? 2.079   9.330   -6.845  1.00 23.41 ? 201 LEU A CB  1 
ATOM   1428 C CG  . LEU A 1 201 ? 1.931   8.159   -5.858  1.00 22.38 ? 201 LEU A CG  1 
ATOM   1429 C CD1 . LEU A 1 201 ? 2.145   8.659   -4.433  1.00 19.43 ? 201 LEU A CD1 1 
ATOM   1430 C CD2 . LEU A 1 201 ? 0.585   7.514   -5.973  1.00 20.99 ? 201 LEU A CD2 1 
ATOM   1431 N N   . LEU A 1 202 ? 4.796   8.429   -8.273  1.00 23.29 ? 202 LEU A N   1 
ATOM   1432 C CA  . LEU A 1 202 ? 5.802   7.402   -8.534  1.00 23.58 ? 202 LEU A CA  1 
ATOM   1433 C C   . LEU A 1 202 ? 7.195   7.815   -8.025  1.00 24.21 ? 202 LEU A C   1 
ATOM   1434 O O   . LEU A 1 202 ? 7.800   7.089   -7.250  1.00 25.26 ? 202 LEU A O   1 
ATOM   1435 C CB  . LEU A 1 202 ? 5.877   7.064   -10.030 1.00 22.67 ? 202 LEU A CB  1 
ATOM   1436 C CG  . LEU A 1 202 ? 6.878   5.941   -10.370 1.00 23.83 ? 202 LEU A CG  1 
ATOM   1437 C CD1 . LEU A 1 202 ? 6.464   4.655   -9.683  1.00 23.97 ? 202 LEU A CD1 1 
ATOM   1438 C CD2 . LEU A 1 202 ? 6.967   5.710   -11.866 1.00 24.35 ? 202 LEU A CD2 1 
ATOM   1439 N N   . GLU A 1 203 ? 7.625   9.031   -8.347  1.00 24.33 ? 203 GLU A N   1 
ATOM   1440 C CA  . GLU A 1 203 ? 8.930   9.537   -7.916  1.00 26.76 ? 203 GLU A CA  1 
ATOM   1441 C C   . GLU A 1 203 ? 9.005   9.697   -6.410  1.00 25.56 ? 203 GLU A C   1 
ATOM   1442 O O   . GLU A 1 203 ? 9.987   9.313   -5.790  1.00 26.26 ? 203 GLU A O   1 
ATOM   1443 C CB  . GLU A 1 203 ? 9.209   10.900  -8.523  1.00 30.49 ? 203 GLU A CB  1 
ATOM   1444 C CG  . GLU A 1 203 ? 9.568   10.884  -9.966  1.00 44.95 ? 203 GLU A CG  1 
ATOM   1445 C CD  . GLU A 1 203 ? 8.476   10.277  -10.810 1.00 53.45 ? 203 GLU A CD  1 
ATOM   1446 O OE1 . GLU A 1 203 ? 7.325   10.779  -10.752 1.00 53.33 ? 203 GLU A OE1 1 
ATOM   1447 O OE2 . GLU A 1 203 ? 8.762   9.244   -11.463 1.00 59.22 ? 203 GLU A OE2 1 
ATOM   1448 N N   . ASP A 1 204 ? 7.996   10.352  -5.846  1.00 24.51 ? 204 ASP A N   1 
ATOM   1449 C CA  . ASP A 1 204 ? 7.942   10.619  -4.405  1.00 26.31 ? 204 ASP A CA  1 
ATOM   1450 C C   . ASP A 1 204 ? 7.865   9.348   -3.541  1.00 25.41 ? 204 ASP A C   1 
ATOM   1451 O O   . ASP A 1 204 ? 8.531   9.248   -2.502  1.00 25.28 ? 204 ASP A O   1 
ATOM   1452 C CB  . ASP A 1 204 ? 6.769   11.559  -4.100  1.00 24.27 ? 204 ASP A CB  1 
ATOM   1453 C CG  . ASP A 1 204 ? 6.920   12.924  -4.783  1.00 30.80 ? 204 ASP A CG  1 
ATOM   1454 O OD1 . ASP A 1 204 ? 8.005   13.202  -5.345  1.00 31.50 ? 204 ASP A OD1 1 
ATOM   1455 O OD2 . ASP A 1 204 ? 5.958   13.724  -4.770  1.00 30.67 ? 204 ASP A OD2 1 
ATOM   1456 N N   . ALA A 1 205 ? 7.145   8.340   -4.027  1.00 21.59 ? 205 ALA A N   1 
ATOM   1457 C CA  . ALA A 1 205 ? 7.073   7.059   -3.341  1.00 20.94 ? 205 ALA A CA  1 
ATOM   1458 C C   . ALA A 1 205 ? 8.380   6.272   -3.427  1.00 23.38 ? 205 ALA A C   1 
ATOM   1459 O O   . ALA A 1 205 ? 8.764   5.578   -2.486  1.00 23.30 ? 205 ALA A O   1 
ATOM   1460 C CB  . ALA A 1 205 ? 5.910   6.216   -3.898  1.00 19.51 ? 205 ALA A CB  1 
ATOM   1461 N N   . ILE A 1 206 ? 9.050   6.342   -4.571  1.00 24.50 ? 206 ILE A N   1 
ATOM   1462 C CA  . ILE A 1 206 ? 10.335  5.666   -4.725  1.00 23.48 ? 206 ILE A CA  1 
ATOM   1463 C C   . ILE A 1 206 ? 11.445  6.346   -3.884  1.00 21.88 ? 206 ILE A C   1 
ATOM   1464 O O   . ILE A 1 206 ? 12.258  5.658   -3.273  1.00 22.55 ? 206 ILE A O   1 
ATOM   1465 C CB  . ILE A 1 206 ? 10.726  5.566   -6.235  1.00 25.93 ? 206 ILE A CB  1 
ATOM   1466 C CG1 . ILE A 1 206 ? 9.800   4.559   -6.949  1.00 24.14 ? 206 ILE A CG1 1 
ATOM   1467 C CG2 . ILE A 1 206 ? 12.195  5.204   -6.399  1.00 28.83 ? 206 ILE A CG2 1 
ATOM   1468 C CD1 . ILE A 1 206 ? 9.918   3.135   -6.508  1.00 22.80 ? 206 ILE A CD1 1 
ATOM   1469 N N   . GLU A 1 207 ? 11.357  7.658   -3.695  1.00 23.56 ? 207 GLU A N   1 
ATOM   1470 C CA  . GLU A 1 207 ? 12.227  8.345   -2.729  1.00 24.83 ? 207 GLU A CA  1 
ATOM   1471 C C   . GLU A 1 207 ? 12.113  7.730   -1.345  1.00 26.10 ? 207 GLU A C   1 
ATOM   1472 O O   . GLU A 1 207 ? 13.118  7.389   -0.723  1.00 24.31 ? 207 GLU A O   1 
ATOM   1473 C CB  . GLU A 1 207 ? 11.873  9.823   -2.629  1.00 28.57 ? 207 GLU A CB  1 
ATOM   1474 C CG  . GLU A 1 207 ? 12.059  10.626  -3.905  1.00 38.93 ? 207 GLU A CG  1 
ATOM   1475 C CD  . GLU A 1 207 ? 13.221  10.141  -4.737  1.00 46.17 ? 207 GLU A CD  1 
ATOM   1476 O OE1 . GLU A 1 207 ? 14.360  10.147  -4.218  1.00 46.72 ? 207 GLU A OE1 1 
ATOM   1477 O OE2 . GLU A 1 207 ? 12.984  9.724   -5.899  1.00 53.27 ? 207 GLU A OE2 1 
ATOM   1478 N N   . VAL A 1 208 ? 10.878  7.543   -0.879  1.00 26.00 ? 208 VAL A N   1 
ATOM   1479 C CA  . VAL A 1 208 ? 10.634  6.810   0.368   1.00 24.95 ? 208 VAL A CA  1 
ATOM   1480 C C   . VAL A 1 208 ? 11.155  5.362   0.324   1.00 26.78 ? 208 VAL A C   1 
ATOM   1481 O O   . VAL A 1 208 ? 11.751  4.883   1.299   1.00 29.35 ? 208 VAL A O   1 
ATOM   1482 C CB  . VAL A 1 208 ? 9.125   6.806   0.740   1.00 24.26 ? 208 VAL A CB  1 
ATOM   1483 C CG1 . VAL A 1 208 ? 8.870   5.949   1.983   1.00 23.70 ? 208 VAL A CG1 1 
ATOM   1484 C CG2 . VAL A 1 208 ? 8.663   8.213   0.978   1.00 21.67 ? 208 VAL A CG2 1 
ATOM   1485 N N   . CYS A 1 209 ? 10.978  4.673   -0.804  1.00 22.50 ? 209 CYS A N   1 
ATOM   1486 C CA  . CYS A 1 209 ? 11.520  3.321   -0.932  1.00 25.82 ? 209 CYS A CA  1 
ATOM   1487 C C   . CYS A 1 209 ? 13.049  3.296   -0.801  1.00 26.91 ? 209 CYS A C   1 
ATOM   1488 O O   . CYS A 1 209 ? 13.614  2.396   -0.165  1.00 25.85 ? 209 CYS A O   1 
ATOM   1489 C CB  . CYS A 1 209 ? 11.123  2.687   -2.268  1.00 26.60 ? 209 CYS A CB  1 
ATOM   1490 S SG  . CYS A 1 209 ? 9.343   2.454   -2.468  1.00 28.29 ? 209 CYS A SG  1 
ATOM   1491 N N   . LYS A 1 210 ? 13.712  4.275   -1.414  1.00 29.99 ? 210 LYS A N   1 
ATOM   1492 C CA  . LYS A 1 210 ? 15.174  4.385   -1.344  1.00 34.45 ? 210 LYS A CA  1 
ATOM   1493 C C   . LYS A 1 210 ? 15.662  4.711   0.078   1.00 35.34 ? 210 LYS A C   1 
ATOM   1494 O O   . LYS A 1 210 ? 16.688  4.196   0.519   1.00 37.89 ? 210 LYS A O   1 
ATOM   1495 C CB  . LYS A 1 210 ? 15.678  5.446   -2.330  1.00 33.88 ? 210 LYS A CB  1 
ATOM   1496 C CG  . LYS A 1 210 ? 15.651  4.984   -3.780  1.00 39.79 ? 210 LYS A CG  1 
ATOM   1497 C CD  . LYS A 1 210 ? 16.261  6.017   -4.723  1.00 40.27 ? 210 LYS A CD  1 
ATOM   1498 C CE  . LYS A 1 210 ? 15.239  7.023   -5.185  1.00 37.63 ? 210 LYS A CE  1 
ATOM   1499 N NZ  . LYS A 1 210 ? 15.874  8.154   -5.908  1.00 42.21 ? 210 LYS A NZ  1 
ATOM   1500 N N   . LYS A 1 211 ? 14.849  5.443   0.836   1.00 33.64 ? 211 LYS A N   1 
ATOM   1501 C CA  . LYS A 1 211 ? 15.120  5.671   2.245   1.00 33.59 ? 211 LYS A CA  1 
ATOM   1502 C C   . LYS A 1 211 ? 15.070  4.372   3.061   1.00 34.73 ? 211 LYS A C   1 
ATOM   1503 O O   . LYS A 1 211 ? 15.938  4.125   3.909   1.00 35.11 ? 211 LYS A O   1 
ATOM   1504 C CB  . LYS A 1 211 ? 14.120  6.681   2.801   1.00 37.75 ? 211 LYS A CB  1 
ATOM   1505 C CG  . LYS A 1 211 ? 14.601  8.121   2.738   1.00 43.42 ? 211 LYS A CG  1 
ATOM   1506 C CD  . LYS A 1 211 ? 13.453  9.133   2.890   1.00 46.72 ? 211 LYS A CD  1 
ATOM   1507 C CE  . LYS A 1 211 ? 12.414  8.691   3.919   1.00 51.43 ? 211 LYS A CE  1 
ATOM   1508 N NZ  . LYS A 1 211 ? 11.298  9.673   4.030   1.00 56.76 ? 211 LYS A NZ  1 
ATOM   1509 N N   . PHE A 1 212 ? 14.080  3.524   2.782   1.00 29.19 ? 212 PHE A N   1 
ATOM   1510 C CA  . PHE A 1 212 ? 14.035  2.180   3.358   1.00 26.68 ? 212 PHE A CA  1 
ATOM   1511 C C   . PHE A 1 212 ? 15.326  1.394   3.081   1.00 27.94 ? 212 PHE A C   1 
ATOM   1512 O O   . PHE A 1 212 ? 15.932  0.802   3.976   1.00 29.82 ? 212 PHE A O   1 
ATOM   1513 C CB  . PHE A 1 212 ? 12.839  1.403   2.788   1.00 25.71 ? 212 PHE A CB  1 
ATOM   1514 C CG  . PHE A 1 212 ? 11.545  1.659   3.511   1.00 21.00 ? 212 PHE A CG  1 
ATOM   1515 C CD1 . PHE A 1 212 ? 11.005  2.950   3.563   1.00 19.39 ? 212 PHE A CD1 1 
ATOM   1516 C CD2 . PHE A 1 212 ? 10.916  0.625   4.207   1.00 21.10 ? 212 PHE A CD2 1 
ATOM   1517 C CE1 . PHE A 1 212 ? 9.852   3.212   4.316   1.00 20.27 ? 212 PHE A CE1 1 
ATOM   1518 C CE2 . PHE A 1 212 ? 9.766   0.866   4.961   1.00 21.64 ? 212 PHE A CE2 1 
ATOM   1519 C CZ  . PHE A 1 212 ? 9.234   2.172   5.016   1.00 19.69 ? 212 PHE A CZ  1 
ATOM   1520 N N   . MET A 1 213 ? 15.747  1.408   1.827   1.00 28.49 ? 213 MET A N   1 
ATOM   1521 C CA  . MET A 1 213 ? 16.929  0.678   1.406   1.00 31.13 ? 213 MET A CA  1 
ATOM   1522 C C   . MET A 1 213 ? 18.213  1.225   2.034   1.00 32.08 ? 213 MET A C   1 
ATOM   1523 O O   . MET A 1 213 ? 18.984  0.476   2.623   1.00 30.06 ? 213 MET A O   1 
ATOM   1524 C CB  . MET A 1 213 ? 17.022  0.725   -0.108  1.00 31.76 ? 213 MET A CB  1 
ATOM   1525 C CG  . MET A 1 213 ? 15.880  0.007   -0.776  1.00 32.92 ? 213 MET A CG  1 
ATOM   1526 S SD  . MET A 1 213 ? 16.075  0.008   -2.537  1.00 39.38 ? 213 MET A SD  1 
ATOM   1527 C CE  . MET A 1 213 ? 17.049  -1.530  -2.788  1.00 35.56 ? 213 MET A CE  1 
ATOM   1528 N N   . GLU A 1 214 ? 18.361  2.546   2.020   1.00 36.22 ? 214 GLU A N   1 
ATOM   1529 C CA  . GLU A 1 214 ? 19.490  3.217   2.668   1.00 42.62 ? 214 GLU A CA  1 
ATOM   1530 C C   . GLU A 1 214 ? 19.671  2.789   4.126   1.00 44.13 ? 214 GLU A C   1 
ATOM   1531 O O   . GLU A 1 214 ? 20.785  2.535   4.573   1.00 46.23 ? 214 GLU A O   1 
ATOM   1532 C CB  . GLU A 1 214 ? 19.307  4.737   2.602   1.00 45.96 ? 214 GLU A CB  1 
ATOM   1533 C CG  . GLU A 1 214 ? 20.212  5.432   1.588   1.00 54.19 ? 214 GLU A CG  1 
ATOM   1534 C CD  . GLU A 1 214 ? 19.466  6.414   0.692   1.00 59.49 ? 214 GLU A CD  1 
ATOM   1535 O OE1 . GLU A 1 214 ? 18.664  7.227   1.214   1.00 62.81 ? 214 GLU A OE1 1 
ATOM   1536 O OE2 . GLU A 1 214 ? 19.694  6.371   -0.539  1.00 61.93 ? 214 GLU A OE2 1 
ATOM   1537 N N   . ARG A 1 215 ? 18.562  2.648   4.844   1.00 44.81 ? 215 ARG A N   1 
ATOM   1538 C CA  . ARG A 1 215 ? 18.591  2.238   6.242   1.00 47.12 ? 215 ARG A CA  1 
ATOM   1539 C C   . ARG A 1 215 ? 19.083  0.807   6.431   1.00 48.10 ? 215 ARG A C   1 
ATOM   1540 O O   . ARG A 1 215 ? 19.446  0.399   7.537   1.00 49.48 ? 215 ARG A O   1 
ATOM   1541 C CB  . ARG A 1 215 ? 17.196  2.361   6.843   1.00 49.23 ? 215 ARG A CB  1 
ATOM   1542 C CG  . ARG A 1 215 ? 16.745  3.773   7.062   1.00 54.62 ? 215 ARG A CG  1 
ATOM   1543 C CD  . ARG A 1 215 ? 15.340  3.788   7.607   1.00 59.28 ? 215 ARG A CD  1 
ATOM   1544 N NE  . ARG A 1 215 ? 14.588  4.927   7.095   1.00 63.64 ? 215 ARG A NE  1 
ATOM   1545 C CZ  . ARG A 1 215 ? 13.297  4.881   6.794   1.00 66.38 ? 215 ARG A CZ  1 
ATOM   1546 N NH1 . ARG A 1 215 ? 12.614  3.752   6.971   1.00 66.82 ? 215 ARG A NH1 1 
ATOM   1547 N NH2 . ARG A 1 215 ? 12.680  5.966   6.342   1.00 69.59 ? 215 ARG A NH2 1 
ATOM   1548 N N   . ASP A 1 216 ? 18.951  0.005   5.387   1.00 47.98 ? 216 ASP A N   1 
ATOM   1549 C CA  . ASP A 1 216 ? 19.316  -1.398  5.467   1.00 47.13 ? 216 ASP A CA  1 
ATOM   1550 C C   . ASP A 1 216 ? 20.195  -1.772  4.274   1.00 47.63 ? 216 ASP A C   1 
ATOM   1551 O O   . ASP A 1 216 ? 19.796  -2.565  3.420   1.00 48.75 ? 216 ASP A O   1 
ATOM   1552 C CB  . ASP A 1 216 ? 18.047  -2.256  5.501   1.00 47.78 ? 216 ASP A CB  1 
ATOM   1553 C CG  . ASP A 1 216 ? 18.178  -3.481  6.398   1.00 50.19 ? 216 ASP A CG  1 
ATOM   1554 O OD1 . ASP A 1 216 ? 19.307  -3.995  6.578   1.00 51.39 ? 216 ASP A OD1 1 
ATOM   1555 O OD2 . ASP A 1 216 ? 17.137  -3.968  6.891   1.00 48.92 ? 216 ASP A OD2 1 
ATOM   1556 N N   . PRO A 1 217 ? 21.435  -1.254  4.238   1.00 47.00 ? 217 PRO A N   1 
ATOM   1557 C CA  . PRO A 1 217 ? 22.176  -1.100  2.984   1.00 46.24 ? 217 PRO A CA  1 
ATOM   1558 C C   . PRO A 1 217 ? 22.691  -2.413  2.407   1.00 47.66 ? 217 PRO A C   1 
ATOM   1559 O O   . PRO A 1 217 ? 23.049  -2.483  1.235   1.00 50.76 ? 217 PRO A O   1 
ATOM   1560 C CB  . PRO A 1 217 ? 23.322  -0.165  3.360   1.00 45.55 ? 217 PRO A CB  1 
ATOM   1561 C CG  . PRO A 1 217 ? 22.891  0.484   4.625   1.00 45.13 ? 217 PRO A CG  1 
ATOM   1562 C CD  . PRO A 1 217 ? 22.109  -0.556  5.344   1.00 46.27 ? 217 PRO A CD  1 
ATOM   1563 N N   . ASP A 1 218 ? 22.747  -3.452  3.231   1.00 48.45 ? 218 ASP A N   1 
ATOM   1564 C CA  . ASP A 1 218 ? 23.173  -4.764  2.756   1.00 53.00 ? 218 ASP A CA  1 
ATOM   1565 C C   . ASP A 1 218 ? 22.023  -5.648  2.306   1.00 54.01 ? 218 ASP A C   1 
ATOM   1566 O O   . ASP A 1 218 ? 22.246  -6.711  1.720   1.00 55.95 ? 218 ASP A O   1 
ATOM   1567 C CB  . ASP A 1 218 ? 23.960  -5.497  3.846   1.00 59.27 ? 218 ASP A CB  1 
ATOM   1568 C CG  . ASP A 1 218 ? 25.457  -5.260  3.744   1.00 62.24 ? 218 ASP A CG  1 
ATOM   1569 O OD1 . ASP A 1 218 ? 25.929  -4.234  4.289   1.00 61.84 ? 218 ASP A OD1 1 
ATOM   1570 O OD2 . ASP A 1 218 ? 26.152  -6.099  3.117   1.00 64.66 ? 218 ASP A OD2 1 
ATOM   1571 N N   . GLU A 1 219 ? 20.802  -5.242  2.649   1.00 54.49 ? 219 GLU A N   1 
ATOM   1572 C CA  . GLU A 1 219 ? 19.593  -6.003  2.322   1.00 53.25 ? 219 GLU A CA  1 
ATOM   1573 C C   . GLU A 1 219 ? 19.198  -5.880  0.857   1.00 51.04 ? 219 GLU A C   1 
ATOM   1574 O O   . GLU A 1 219 ? 18.929  -4.784  0.365   1.00 49.15 ? 219 GLU A O   1 
ATOM   1575 C CB  . GLU A 1 219 ? 18.410  -5.569  3.201   1.00 52.75 ? 219 GLU A CB  1 
ATOM   1576 C CG  . GLU A 1 219 ? 18.042  -6.557  4.289   1.00 53.61 ? 219 GLU A CG  1 
ATOM   1577 C CD  . GLU A 1 219 ? 17.690  -7.950  3.762   1.00 58.48 ? 219 GLU A CD  1 
ATOM   1578 O OE1 . GLU A 1 219 ? 17.550  -8.135  2.526   1.00 58.85 ? 219 GLU A OE1 1 
ATOM   1579 O OE2 . GLU A 1 219 ? 17.533  -8.870  4.599   1.00 59.45 ? 219 GLU A OE2 1 
ATOM   1580 N N   . LEU A 1 220 ? 19.084  -7.025  0.198   1.00 50.75 ? 220 LEU A N   1 
ATOM   1581 C CA  . LEU A 1 220 ? 18.775  -7.071  -1.228  1.00 51.68 ? 220 LEU A CA  1 
ATOM   1582 C C   . LEU A 1 220 ? 17.274  -7.117  -1.520  1.00 49.77 ? 220 LEU A C   1 
ATOM   1583 O O   . LEU A 1 220 ? 16.833  -6.708  -2.593  1.00 48.89 ? 220 LEU A O   1 
ATOM   1584 C CB  . LEU A 1 220 ? 19.445  -8.291  -1.861  1.00 54.60 ? 220 LEU A CB  1 
ATOM   1585 C CG  . LEU A 1 220 ? 20.733  -8.063  -2.651  1.00 58.03 ? 220 LEU A CG  1 
ATOM   1586 C CD1 . LEU A 1 220 ? 20.462  -8.341  -4.125  1.00 59.62 ? 220 LEU A CD1 1 
ATOM   1587 C CD2 . LEU A 1 220 ? 21.248  -6.634  -2.448  1.00 60.10 ? 220 LEU A CD2 1 
ATOM   1588 N N   . ARG A 1 221 ? 16.499  -7.532  -0.521  1.00 47.79 ? 221 ARG A N   1 
ATOM   1589 C CA  . ARG A 1 221 ? 15.139  -8.045  -0.727  1.00 45.16 ? 221 ARG A CA  1 
ATOM   1590 C C   . ARG A 1 221 ? 14.051  -6.946  -0.758  1.00 38.76 ? 221 ARG A C   1 
ATOM   1591 O O   . ARG A 1 221 ? 13.068  -6.995  -0.021  1.00 33.96 ? 221 ARG A O   1 
ATOM   1592 C CB  . ARG A 1 221 ? 14.829  -9.106  0.350   1.00 48.94 ? 221 ARG A CB  1 
ATOM   1593 C CG  . ARG A 1 221 ? 15.937  -10.165 0.531   1.00 51.97 ? 221 ARG A CG  1 
ATOM   1594 C CD  . ARG A 1 221 ? 15.935  -10.803 1.921   1.00 59.14 ? 221 ARG A CD  1 
ATOM   1595 N NE  . ARG A 1 221 ? 14.899  -11.831 2.063   1.00 71.38 ? 221 ARG A NE  1 
ATOM   1596 C CZ  . ARG A 1 221 ? 15.110  -13.149 1.992   1.00 75.94 ? 221 ARG A CZ  1 
ATOM   1597 N NH1 . ARG A 1 221 ? 16.347  -13.629 1.859   1.00 77.87 ? 221 ARG A NH1 1 
ATOM   1598 N NH2 . ARG A 1 221 ? 14.083  -13.996 2.073   1.00 75.00 ? 221 ARG A NH2 1 
ATOM   1599 N N   . PHE A 1 222 ? 14.260  -5.954  -1.617  1.00 32.85 ? 222 PHE A N   1 
ATOM   1600 C CA  . PHE A 1 222 ? 13.333  -4.842  -1.798  1.00 31.95 ? 222 PHE A CA  1 
ATOM   1601 C C   . PHE A 1 222 ? 12.781  -4.909  -3.222  1.00 31.88 ? 222 PHE A C   1 
ATOM   1602 O O   . PHE A 1 222 ? 13.547  -4.919  -4.174  1.00 30.41 ? 222 PHE A O   1 
ATOM   1603 C CB  . PHE A 1 222 ? 14.058  -3.501  -1.612  1.00 35.29 ? 222 PHE A CB  1 
ATOM   1604 C CG  . PHE A 1 222 ? 14.428  -3.194  -0.176  1.00 40.24 ? 222 PHE A CG  1 
ATOM   1605 C CD1 . PHE A 1 222 ? 15.585  -3.739  0.395   1.00 39.81 ? 222 PHE A CD1 1 
ATOM   1606 C CD2 . PHE A 1 222 ? 13.582  -2.417  0.624   1.00 38.34 ? 222 PHE A CD2 1 
ATOM   1607 C CE1 . PHE A 1 222 ? 15.888  -3.532  1.747   1.00 42.53 ? 222 PHE A CE1 1 
ATOM   1608 C CE2 . PHE A 1 222 ? 13.872  -2.200  1.981   1.00 40.72 ? 222 PHE A CE2 1 
ATOM   1609 C CZ  . PHE A 1 222 ? 15.028  -2.762  2.547   1.00 41.46 ? 222 PHE A CZ  1 
ATOM   1610 N N   . ASN A 1 223 ? 11.465  -5.029  -3.363  1.00 25.46 ? 223 ASN A N   1 
ATOM   1611 C CA  . ASN A 1 223 ? 10.840  -5.118  -4.685  1.00 22.95 ? 223 ASN A CA  1 
ATOM   1612 C C   . ASN A 1 223 ? 9.548   -4.323  -4.691  1.00 20.90 ? 223 ASN A C   1 
ATOM   1613 O O   . ASN A 1 223 ? 8.724   -4.485  -3.798  1.00 24.24 ? 223 ASN A O   1 
ATOM   1614 C CB  . ASN A 1 223 ? 10.530  -6.571  -5.014  1.00 22.96 ? 223 ASN A CB  1 
ATOM   1615 C CG  . ASN A 1 223 ? 11.764  -7.444  -4.990  1.00 30.10 ? 223 ASN A CG  1 
ATOM   1616 O OD1 . ASN A 1 223 ? 12.339  -7.760  -6.031  1.00 39.00 ? 223 ASN A OD1 1 
ATOM   1617 N ND2 . ASN A 1 223 ? 12.197  -7.821  -3.799  1.00 34.21 ? 223 ASN A ND2 1 
ATOM   1618 N N   . ALA A 1 224 ? 9.381   -3.436  -5.657  1.00 19.58 ? 224 ALA A N   1 
ATOM   1619 C CA  . ALA A 1 224 ? 8.176   -2.610  -5.720  1.00 20.81 ? 224 ALA A CA  1 
ATOM   1620 C C   . ALA A 1 224 ? 7.313   -2.861  -6.972  1.00 22.36 ? 224 ALA A C   1 
ATOM   1621 O O   . ALA A 1 224 ? 7.810   -3.304  -8.017  1.00 23.63 ? 224 ALA A O   1 
ATOM   1622 C CB  . ALA A 1 224 ? 8.539   -1.122  -5.622  1.00 17.03 ? 224 ALA A CB  1 
ATOM   1623 N N   . ILE A 1 225 ? 6.002   -2.708  -6.809  1.00 19.57 ? 225 ILE A N   1 
ATOM   1624 C CA  . ILE A 1 225 ? 5.078   -2.702  -7.940  1.00 18.02 ? 225 ILE A CA  1 
ATOM   1625 C C   . ILE A 1 225 ? 4.241   -1.429  -7.922  1.00 19.24 ? 225 ILE A C   1 
ATOM   1626 O O   . ILE A 1 225 ? 4.044   -0.824  -6.860  1.00 20.04 ? 225 ILE A O   1 
ATOM   1627 C CB  . ILE A 1 225 ? 4.154   -3.957  -7.940  1.00 17.65 ? 225 ILE A CB  1 
ATOM   1628 C CG1 . ILE A 1 225 ? 3.347   -4.054  -6.629  1.00 16.24 ? 225 ILE A CG1 1 
ATOM   1629 C CG2 . ILE A 1 225 ? 4.992   -5.208  -8.174  1.00 18.13 ? 225 ILE A CG2 1 
ATOM   1630 C CD1 . ILE A 1 225 ? 2.480   -5.298  -6.495  1.00 14.44 ? 225 ILE A CD1 1 
ATOM   1631 N N   . ALA A 1 226 ? 3.910   -0.931  -9.110  1.00 16.66 ? 226 ALA A N   1 
ATOM   1632 C CA  . ALA A 1 226 ? 3.189   0.332   -9.262  1.00 15.95 ? 226 ALA A CA  1 
ATOM   1633 C C   . ALA A 1 226 ? 1.797   0.071   -9.833  1.00 18.07 ? 226 ALA A C   1 
ATOM   1634 O O   . ALA A 1 226 ? 1.646   -0.809  -10.691 1.00 18.08 ? 226 ALA A O   1 
ATOM   1635 C CB  . ALA A 1 226 ? 3.968   1.254   -10.188 1.00 12.73 ? 226 ALA A CB  1 
ATOM   1636 N N   . LEU A 1 227 ? 0.770   0.680   -9.232  1.00 18.46 ? 227 LEU A N   1 
ATOM   1637 C CA  . LEU A 1 227 ? -0.590  0.594   -9.786  1.00 18.63 ? 227 LEU A CA  1 
ATOM   1638 C C   . LEU A 1 227 ? -0.791  1.656   -10.864 1.00 18.62 ? 227 LEU A C   1 
ATOM   1639 O O   . LEU A 1 227 ? -0.995  2.843   -10.566 1.00 22.19 ? 227 LEU A O   1 
ATOM   1640 C CB  . LEU A 1 227 ? -1.660  0.748   -8.700  1.00 17.78 ? 227 LEU A CB  1 
ATOM   1641 C CG  . LEU A 1 227 ? -3.102  0.430   -9.131  1.00 15.56 ? 227 LEU A CG  1 
ATOM   1642 C CD1 . LEU A 1 227 ? -3.166  -0.956  -9.802  1.00 11.24 ? 227 LEU A CD1 1 
ATOM   1643 C CD2 . LEU A 1 227 ? -4.037  0.479   -7.914  1.00 16.41 ? 227 LEU A CD2 1 
ATOM   1644 N N   . SER A 1 228 ? -0.691  1.221   -12.117 1.00 21.18 ? 228 SER A N   1 
ATOM   1645 C CA  . SER A 1 228 ? -0.586  2.138   -13.251 1.00 23.05 ? 228 SER A CA  1 
ATOM   1646 C C   . SER A 1 228 ? -1.859  2.132   -14.085 1.00 22.96 ? 228 SER A C   1 
ATOM   1647 O O   . SER A 1 228 ? -2.536  1.110   -14.191 1.00 22.70 ? 228 SER A O   1 
ATOM   1648 C CB  . SER A 1 228 ? 0.593   1.742   -14.146 1.00 21.38 ? 228 SER A CB  1 
ATOM   1649 O OG  . SER A 1 228 ? 1.838   1.921   -13.497 1.00 27.97 ? 228 SER A OG  1 
ATOM   1650 N N   . ALA A 1 229 ? -2.149  3.278   -14.696 1.00 25.88 ? 229 ALA A N   1 
ATOM   1651 C CA  . ALA A 1 229 ? -3.235  3.400   -15.667 1.00 27.79 ? 229 ALA A CA  1 
ATOM   1652 C C   . ALA A 1 229 ? -3.148  2.358   -16.766 1.00 30.41 ? 229 ALA A C   1 
ATOM   1653 O O   . ALA A 1 229 ? -2.077  2.109   -17.329 1.00 28.94 ? 229 ALA A O   1 
ATOM   1654 C CB  . ALA A 1 229 ? -3.233  4.779   -16.273 1.00 26.67 ? 229 ALA A CB  1 
ATOM   1655 N N   . ALA A 1 230 ? -4.255  1.665   -16.981 1.00 34.26 ? 230 ALA A N   1 
ATOM   1656 C CA  . ALA A 1 230 ? -4.365  0.724   -18.086 1.00 39.79 ? 230 ALA A CA  1 
ATOM   1657 C C   . ALA A 1 230 ? -5.761  0.832   -18.692 1.00 43.03 ? 230 ALA A C   1 
ATOM   1658 O O   . ALA A 1 230 ? -6.408  1.897   -18.505 1.00 45.31 ? 230 ALA A O   1 
ATOM   1659 C CB  . ALA A 1 230 ? -4.094  -0.697  -17.604 1.00 36.23 ? 230 ALA A CB  1 
ATOM   1660 O OXT . ALA A 1 230 ? -6.181  -0.126  -19.377 1.00 51.60 ? 230 ALA A OXT 1 
HETATM 1661 O O   . HOH B 2 .   ? 6.327   -2.675  9.850   1.00 18.55 ? 231 HOH A O   1 
HETATM 1662 O O   . HOH B 2 .   ? -1.256  -11.054 1.880   1.00 15.77 ? 232 HOH A O   1 
HETATM 1663 O O   . HOH B 2 .   ? -6.159  10.503  -4.125  1.00 48.43 ? 233 HOH A O   1 
HETATM 1664 O O   . HOH B 2 .   ? -12.247 5.379   10.880  1.00 39.36 ? 234 HOH A O   1 
HETATM 1665 O O   . HOH B 2 .   ? 8.643   4.994   7.360   1.00 19.08 ? 235 HOH A O   1 
HETATM 1666 O O   . HOH B 2 .   ? -8.583  5.526   8.328   1.00 24.09 ? 236 HOH A O   1 
HETATM 1667 O O   . HOH B 2 .   ? -0.239  -4.033  6.851   1.00 19.80 ? 237 HOH A O   1 
HETATM 1668 O O   . HOH B 2 .   ? -0.538  -1.655  3.498   1.00 11.84 ? 238 HOH A O   1 
HETATM 1669 O O   . HOH B 2 .   ? 8.734   -5.678  -8.804  1.00 28.73 ? 239 HOH A O   1 
HETATM 1670 O O   . HOH B 2 .   ? -10.742 -0.013  -11.874 1.00 30.46 ? 240 HOH A O   1 
HETATM 1671 O O   . HOH B 2 .   ? 0.349   -4.007  4.287   1.00 16.77 ? 241 HOH A O   1 
HETATM 1672 O O   . HOH B 2 .   ? -7.117  -6.871  -13.201 1.00 25.93 ? 242 HOH A O   1 
HETATM 1673 O O   . HOH B 2 .   ? 3.912   -8.825  7.558   1.00 32.05 ? 243 HOH A O   1 
HETATM 1674 O O   . HOH B 2 .   ? -18.823 1.955   8.128   1.00 30.92 ? 244 HOH A O   1 
HETATM 1675 O O   . HOH B 2 .   ? -17.521 -12.224 2.473   1.00 35.31 ? 245 HOH A O   1 
HETATM 1676 O O   . HOH B 2 .   ? 7.954   -0.982  -15.264 1.00 26.31 ? 246 HOH A O   1 
HETATM 1677 O O   . HOH B 2 .   ? 19.134  -2.177  0.412   1.00 40.98 ? 247 HOH A O   1 
HETATM 1678 O O   . HOH B 2 .   ? 9.195   -10.008 -4.722  1.00 40.59 ? 248 HOH A O   1 
HETATM 1679 O O   . HOH B 2 .   ? 6.554   3.649   13.376  1.00 19.53 ? 249 HOH A O   1 
HETATM 1680 O O   . HOH B 2 .   ? 0.493   -14.852 2.108   1.00 33.94 ? 250 HOH A O   1 
HETATM 1681 O O   . HOH B 2 .   ? 6.994   0.168   7.073   1.00 18.87 ? 251 HOH A O   1 
HETATM 1682 O O   . HOH B 2 .   ? 1.475   3.291   8.379   1.00 12.70 ? 252 HOH A O   1 
HETATM 1683 O O   . HOH B 2 .   ? -7.527  9.153   8.453   1.00 30.20 ? 253 HOH A O   1 
HETATM 1684 O O   . HOH B 2 .   ? -7.183  -12.052 0.291   1.00 29.13 ? 254 HOH A O   1 
HETATM 1685 O O   . HOH B 2 .   ? -2.792  7.988   -4.861  1.00 21.42 ? 255 HOH A O   1 
HETATM 1686 O O   . HOH B 2 .   ? -6.484  -3.764  -19.277 1.00 36.61 ? 256 HOH A O   1 
HETATM 1687 O O   . HOH B 2 .   ? 9.509   8.833   9.144   1.00 42.20 ? 257 HOH A O   1 
HETATM 1688 O O   . HOH B 2 .   ? -1.351  -8.786  -15.607 1.00 30.51 ? 258 HOH A O   1 
HETATM 1689 O O   . HOH B 2 .   ? 3.022   -16.203 0.465   1.00 34.70 ? 259 HOH A O   1 
HETATM 1690 O O   . HOH B 2 .   ? 10.262  -0.188  -14.021 1.00 21.05 ? 260 HOH A O   1 
HETATM 1691 O O   . HOH B 2 .   ? -3.682  9.005   -9.902  1.00 37.54 ? 261 HOH A O   1 
HETATM 1692 O O   . HOH B 2 .   ? 5.217   -11.029 7.092   1.00 37.78 ? 262 HOH A O   1 
HETATM 1693 O O   . HOH B 2 .   ? -2.841  9.926   -6.641  1.00 26.42 ? 263 HOH A O   1 
HETATM 1694 O O   . HOH B 2 .   ? -8.741  15.830  8.327   1.00 30.52 ? 264 HOH A O   1 
HETATM 1695 O O   . HOH B 2 .   ? 3.803   -13.364 7.041   1.00 35.74 ? 265 HOH A O   1 
HETATM 1696 O O   . HOH B 2 .   ? 1.597   -0.509  16.133  1.00 31.73 ? 266 HOH A O   1 
HETATM 1697 O O   . HOH B 2 .   ? 9.571   2.431   8.676   1.00 34.97 ? 267 HOH A O   1 
HETATM 1698 O O   . HOH B 2 .   ? 5.227   1.448   14.404  1.00 24.90 ? 268 HOH A O   1 
HETATM 1699 O O   . HOH B 2 .   ? 5.193   11.846  9.918   1.00 31.49 ? 269 HOH A O   1 
HETATM 1700 O O   . HOH B 2 .   ? -16.222 -9.459  -6.992  1.00 26.37 ? 270 HOH A O   1 
HETATM 1701 O O   . HOH B 2 .   ? 1.424   -5.837  -15.686 1.00 31.81 ? 271 HOH A O   1 
HETATM 1702 O O   . HOH B 2 .   ? -7.866  -2.609  -11.521 1.00 29.12 ? 272 HOH A O   1 
HETATM 1703 O O   . HOH B 2 .   ? -14.392 2.845   1.926   1.00 34.61 ? 273 HOH A O   1 
HETATM 1704 O O   . HOH B 2 .   ? -21.325 -1.006  7.719   1.00 31.51 ? 274 HOH A O   1 
HETATM 1705 O O   . HOH B 2 .   ? -18.605 3.871   13.187  1.00 35.20 ? 275 HOH A O   1 
HETATM 1706 O O   . HOH B 2 .   ? -16.414 -2.991  17.262  1.00 43.10 ? 276 HOH A O   1 
HETATM 1707 O O   . HOH B 2 .   ? 14.257  -3.512  5.847   1.00 31.80 ? 277 HOH A O   1 
HETATM 1708 O O   . HOH B 2 .   ? -12.098 0.578   17.455  1.00 30.66 ? 278 HOH A O   1 
HETATM 1709 O O   . HOH B 2 .   ? -17.001 1.865   -10.041 1.00 47.38 ? 279 HOH A O   1 
HETATM 1710 O O   . HOH B 2 .   ? -20.595 -4.730  -4.490  1.00 31.36 ? 280 HOH A O   1 
HETATM 1711 O O   . HOH B 2 .   ? -15.455 4.205   -8.269  1.00 33.19 ? 281 HOH A O   1 
HETATM 1712 O O   . HOH B 2 .   ? 1.694   -12.040 -4.832  1.00 31.91 ? 282 HOH A O   1 
HETATM 1713 O O   . HOH B 2 .   ? -4.785  7.983   -3.261  1.00 35.66 ? 283 HOH A O   1 
HETATM 1714 O O   . HOH B 2 .   ? 3.666   9.278   -10.616 1.00 36.97 ? 284 HOH A O   1 
HETATM 1715 O O   . HOH B 2 .   ? 1.370   9.444   -11.967 1.00 32.62 ? 285 HOH A O   1 
HETATM 1716 O O   . HOH B 2 .   ? -2.624  15.899  -7.321  1.00 38.31 ? 286 HOH A O   1 
HETATM 1717 O O   . HOH B 2 .   ? 0.954   -8.960  12.040  1.00 36.53 ? 287 HOH A O   1 
HETATM 1718 O O   . HOH B 2 .   ? -0.949  10.146  13.773  1.00 25.23 ? 288 HOH A O   1 
HETATM 1719 O O   . HOH B 2 .   ? -1.353  -16.971 0.189   1.00 40.28 ? 289 HOH A O   1 
HETATM 1720 O O   . HOH B 2 .   ? -3.101  14.779  3.134   1.00 42.06 ? 290 HOH A O   1 
HETATM 1721 O O   . HOH B 2 .   ? 0.732   -14.379 9.820   1.00 31.57 ? 291 HOH A O   1 
HETATM 1722 O O   . HOH B 2 .   ? -17.028 -15.324 8.430   1.00 45.70 ? 292 HOH A O   1 
HETATM 1723 O O   . HOH B 2 .   ? -8.664  -4.837  -12.431 1.00 31.29 ? 293 HOH A O   1 
HETATM 1724 O O   . HOH B 2 .   ? 6.222   -5.138  -15.299 1.00 30.50 ? 294 HOH A O   1 
HETATM 1725 O O   . HOH B 2 .   ? -1.398  9.711   -8.667  1.00 39.10 ? 295 HOH A O   1 
HETATM 1726 O O   . HOH B 2 .   ? 11.364  -5.715  -10.784 1.00 55.14 ? 296 HOH A O   1 
HETATM 1727 O O   . HOH B 2 .   ? 7.009   13.039  -0.591  1.00 33.82 ? 297 HOH A O   1 
HETATM 1728 O O   . HOH B 2 .   ? 7.301   -15.197 1.112   1.00 53.27 ? 298 HOH A O   1 
HETATM 1729 O O   . HOH B 2 .   ? -3.037  -10.780 -14.723 1.00 38.34 ? 299 HOH A O   1 
HETATM 1730 O O   . HOH B 2 .   ? -20.548 -8.009  4.965   1.00 30.31 ? 300 HOH A O   1 
HETATM 1731 O O   . HOH B 2 .   ? 9.073   11.648  -1.170  1.00 27.72 ? 301 HOH A O   1 
HETATM 1732 O O   . HOH B 2 .   ? 2.085   -14.476 -5.656  1.00 44.87 ? 302 HOH A O   1 
HETATM 1733 O O   . HOH B 2 .   ? -12.157 4.162   0.866   1.00 49.32 ? 303 HOH A O   1 
HETATM 1734 O O   . HOH B 2 .   ? 1.315   11.193  -14.123 1.00 37.93 ? 304 HOH A O   1 
HETATM 1735 O O   . HOH B 2 .   ? -5.143  -8.567  9.619   1.00 23.90 ? 305 HOH A O   1 
HETATM 1736 O O   . HOH B 2 .   ? -6.337  -6.511  8.555   1.00 26.60 ? 306 HOH A O   1 
HETATM 1737 O O   . HOH B 2 .   ? 7.485   6.616   -15.144 1.00 27.49 ? 307 HOH A O   1 
HETATM 1738 O O   . HOH B 2 .   ? -11.498 6.598   6.577   1.00 33.68 ? 308 HOH A O   1 
HETATM 1739 O O   . HOH B 2 .   ? -9.938  8.651   -5.894  1.00 37.91 ? 309 HOH A O   1 
HETATM 1740 O O   . HOH B 2 .   ? -15.141 -2.344  19.228  1.00 44.98 ? 310 HOH A O   1 
HETATM 1741 O O   . HOH B 2 .   ? -18.462 -14.300 10.400  1.00 40.28 ? 311 HOH A O   1 
HETATM 1742 O O   . HOH B 2 .   ? 2.350   -8.566  -5.895  1.00 41.83 ? 312 HOH A O   1 
HETATM 1743 O O   . HOH B 2 .   ? -13.483 12.781  5.168   1.00 47.55 ? 313 HOH A O   1 
HETATM 1744 O O   . HOH B 2 .   ? 14.107  -0.633  5.958   1.00 33.99 ? 314 HOH A O   1 
HETATM 1745 O O   . HOH B 2 .   ? -20.844 -10.518 -5.905  1.00 45.91 ? 315 HOH A O   1 
HETATM 1746 O O   . HOH B 2 .   ? -22.962 -6.823  4.503   1.00 50.15 ? 316 HOH A O   1 
HETATM 1747 O O   . HOH B 2 .   ? -13.979 -15.643 8.042   1.00 52.39 ? 317 HOH A O   1 
HETATM 1748 O O   . HOH B 2 .   ? 2.305   16.559  9.284   1.00 45.28 ? 318 HOH A O   1 
HETATM 1749 O O   . HOH B 2 .   ? -0.484  4.020   -18.604 1.00 37.09 ? 319 HOH A O   1 
HETATM 1750 O O   . HOH B 2 .   ? 11.334  -8.220  -1.466  1.00 36.90 ? 320 HOH A O   1 
HETATM 1751 O O   . HOH B 2 .   ? 11.768  -3.309  -7.316  1.00 57.11 ? 321 HOH A O   1 
HETATM 1752 O O   . HOH B 2 .   ? 7.086   17.744  1.603   1.00 42.65 ? 322 HOH A O   1 
HETATM 1753 O O   . HOH B 2 .   ? -16.731 7.986   7.686   1.00 48.33 ? 323 HOH A O   1 
HETATM 1754 O O   . HOH B 2 .   ? -8.733  20.527  8.533   1.00 39.91 ? 324 HOH A O   1 
HETATM 1755 O O   . HOH B 2 .   ? 7.951   -13.510 5.083   1.00 51.10 ? 325 HOH A O   1 
HETATM 1756 O O   . HOH B 2 .   ? 3.449   -0.561  17.918  1.00 43.49 ? 326 HOH A O   1 
HETATM 1757 O O   . HOH B 2 .   ? 0.422   -2.222  -18.081 1.00 39.58 ? 327 HOH A O   1 
HETATM 1758 O O   . HOH B 2 .   ? -0.847  -0.245  -16.905 1.00 41.00 ? 328 HOH A O   1 
HETATM 1759 O O   . HOH B 2 .   ? 11.114  10.703  1.524   1.00 41.76 ? 329 HOH A O   1 
HETATM 1760 O O   . HOH B 2 .   ? -19.666 0.905   -8.670  1.00 43.37 ? 330 HOH A O   1 
HETATM 1761 O O   . HOH B 2 .   ? -17.443 -8.951  -9.201  1.00 39.03 ? 331 HOH A O   1 
HETATM 1762 O O   . HOH B 2 .   ? 19.638  -6.348  7.991   1.00 39.53 ? 332 HOH A O   1 
HETATM 1763 O O   . HOH B 2 .   ? 22.026  -3.526  5.994   1.00 46.40 ? 333 HOH A O   1 
HETATM 1764 O O   . HOH B 2 .   ? -21.342 -5.550  -13.065 1.00 40.24 ? 334 HOH A O   1 
# 
